data_2JKE
#
_entry.id   2JKE
#
_cell.length_a   75.722
_cell.length_b   112.244
_cell.length_c   102.494
_cell.angle_alpha   90.00
_cell.angle_beta   100.86
_cell.angle_gamma   90.00
#
_symmetry.space_group_name_H-M   'P 1 21 1'
#
loop_
_entity.id
_entity.type
_entity.pdbx_description
1 polymer 'ALPHA-GLUCOSIDASE (ALPHA-GLUCOSIDASE SUSB)'
2 non-polymer 1-DEOXYNOJIRIMYCIN
3 non-polymer 'CALCIUM ION'
4 non-polymer 1,2-ETHANEDIOL
5 water water
#
_entity_poly.entity_id   1
_entity_poly.type   'polypeptide(L)'
_entity_poly.pdbx_seq_one_letter_code
;MGSSHHHHHHQQKLTSPDNNLVMTFQVDSKGAPTYELTYKNKVVIKPSTLGLELKKEDNTRTDFDWVDRRDLTKLDSKTN
LYDGFEVKDTQTATFDETWQPVWGEEKEIRNHYNELAVTLYQPMNDRSIVIRFRLFNDGLGFRYEFPQQKSLNYFVIKEE
HSQFGMNGDHIAFWIPGDYDTQEYDYTISRLSEIRGLMKEAITPNSSQTPFSQTGVQTALMMKTDDGLYINLHEAALVDY
SCMHLNLDDKNMVFESWLTPDAKGDKGYMQTPCNTPWRTIIVSDDARNILASRITLNLNEPCKIADAASWVKPVKYIGVW
WDMITGKGSWAYTDELTSVKLGETDYSKTKPNGKHSANTANVKRYIDFAAAHGFDAVLVEGWNEGWEDWFGNSKDYVFDF
VTPYPDFDVKEIHRYAARKGIKMMMHHETSASVRNYERHMDKAYQFMADNGYNSVKSGYVGNIIPRGEHHYGQWMNNHYL
YAVKKAADYKIMVNAHEATRPTGICRTYPNLIGNESARGTEYESFGGNKVYHTTILPFTRLVGGPMDYTPGIFETHCNKM
NPANNSQVRSTIARQLALYVTMYSPLQMAADIPENYERFMDAFQFIKDVALDWDETNYLEAEPGEYITIARKAKDTDDWY
VGCTAGENGHTSKLVFDFLTPGKQYIATVYADAKDADWKENPQAYTIKKGILTNKSKLNLHAANGGGYAISIKEVKDKSE
AKGLKRL
;
_entity_poly.pdbx_strand_id   A,B
#
# COMPACT_ATOMS: atom_id res chain seq x y z
N GLN A 11 -39.37 -9.28 -24.30
CA GLN A 11 -39.57 -8.24 -23.24
C GLN A 11 -40.06 -8.86 -21.92
N GLN A 12 -39.40 -8.53 -20.82
CA GLN A 12 -39.80 -9.02 -19.50
CA GLN A 12 -39.83 -9.02 -19.52
C GLN A 12 -40.37 -7.87 -18.68
N LYS A 13 -41.38 -8.13 -17.87
CA LYS A 13 -41.97 -7.12 -16.99
C LYS A 13 -41.82 -7.59 -15.56
N LEU A 14 -41.42 -6.68 -14.67
CA LEU A 14 -41.37 -6.97 -13.24
C LEU A 14 -42.18 -5.88 -12.54
N THR A 15 -43.01 -6.25 -11.56
CA THR A 15 -43.82 -5.23 -10.91
CA THR A 15 -43.90 -5.31 -10.91
C THR A 15 -43.65 -5.29 -9.41
N SER A 16 -43.82 -4.15 -8.76
CA SER A 16 -43.66 -4.15 -7.31
C SER A 16 -44.81 -4.94 -6.66
N PRO A 17 -44.65 -5.30 -5.38
CA PRO A 17 -45.72 -6.03 -4.69
C PRO A 17 -47.04 -5.27 -4.71
N ASP A 18 -47.01 -3.95 -4.63
CA ASP A 18 -48.24 -3.16 -4.57
C ASP A 18 -48.73 -2.71 -5.96
N ASN A 19 -48.09 -3.24 -7.00
CA ASN A 19 -48.45 -2.95 -8.39
C ASN A 19 -48.22 -1.52 -8.88
N ASN A 20 -47.67 -0.65 -8.03
CA ASN A 20 -47.43 0.71 -8.48
C ASN A 20 -46.23 0.93 -9.39
N LEU A 21 -45.23 0.07 -9.30
CA LEU A 21 -44.04 0.27 -10.10
C LEU A 21 -43.91 -0.85 -11.09
N VAL A 22 -43.47 -0.52 -12.29
CA VAL A 22 -43.21 -1.55 -13.29
C VAL A 22 -41.88 -1.31 -13.96
N MET A 23 -41.04 -2.34 -13.97
CA MET A 23 -39.75 -2.31 -14.66
CA MET A 23 -39.78 -2.27 -14.67
C MET A 23 -39.85 -3.20 -15.88
N THR A 24 -39.56 -2.65 -17.04
CA THR A 24 -39.54 -3.45 -18.27
CA THR A 24 -39.53 -3.49 -18.23
C THR A 24 -38.11 -3.65 -18.73
N PHE A 25 -37.75 -4.89 -19.04
CA PHE A 25 -36.42 -5.20 -19.52
C PHE A 25 -36.49 -5.81 -20.91
N GLN A 26 -35.54 -5.45 -21.77
CA GLN A 26 -35.40 -6.18 -23.03
C GLN A 26 -33.99 -6.06 -23.54
N VAL A 27 -33.60 -6.93 -24.46
CA VAL A 27 -32.36 -6.72 -25.18
C VAL A 27 -32.75 -6.06 -26.50
N ASP A 28 -32.05 -4.99 -26.89
CA ASP A 28 -32.41 -4.29 -28.12
C ASP A 28 -31.83 -4.96 -29.35
N SER A 29 -31.96 -4.31 -30.50
CA SER A 29 -31.59 -4.95 -31.76
CA SER A 29 -31.58 -4.99 -31.74
C SER A 29 -30.09 -5.26 -31.86
N LYS A 30 -29.27 -4.45 -31.17
CA LYS A 30 -27.84 -4.68 -31.20
C LYS A 30 -27.39 -5.49 -29.97
N GLY A 31 -28.37 -6.03 -29.24
CA GLY A 31 -28.10 -6.96 -28.14
C GLY A 31 -27.65 -6.24 -26.88
N ALA A 32 -28.03 -4.97 -26.75
CA ALA A 32 -27.76 -4.22 -25.52
C ALA A 32 -28.92 -4.40 -24.55
N PRO A 33 -28.62 -4.81 -23.33
CA PRO A 33 -29.65 -4.90 -22.29
C PRO A 33 -30.13 -3.49 -21.95
N THR A 34 -31.45 -3.33 -21.90
CA THR A 34 -31.99 -2.03 -21.55
CA THR A 34 -32.10 -2.04 -21.69
C THR A 34 -33.19 -2.21 -20.64
N TYR A 35 -33.37 -1.24 -19.73
CA TYR A 35 -34.46 -1.31 -18.79
C TYR A 35 -35.14 0.05 -18.72
N GLU A 36 -36.35 0.06 -18.19
CA GLU A 36 -37.07 1.30 -17.96
C GLU A 36 -37.95 1.09 -16.75
N LEU A 37 -38.40 2.18 -16.14
CA LEU A 37 -39.15 2.05 -14.89
C LEU A 37 -40.25 3.11 -14.84
N THR A 38 -41.46 2.68 -14.45
CA THR A 38 -42.56 3.60 -14.22
C THR A 38 -43.07 3.48 -12.79
N TYR A 39 -43.65 4.56 -12.31
CA TYR A 39 -44.24 4.66 -10.96
C TYR A 39 -45.61 5.32 -11.13
N LYS A 40 -46.65 4.60 -10.74
CA LYS A 40 -48.03 5.10 -10.90
CA LYS A 40 -48.03 5.06 -10.91
C LYS A 40 -48.25 5.65 -12.31
N ASN A 41 -47.84 4.87 -13.32
CA ASN A 41 -47.99 5.24 -14.74
C ASN A 41 -47.21 6.49 -15.17
N LYS A 42 -46.26 6.92 -14.35
CA LYS A 42 -45.40 8.02 -14.74
C LYS A 42 -44.00 7.43 -15.01
N VAL A 43 -43.38 7.89 -16.09
CA VAL A 43 -42.02 7.44 -16.41
C VAL A 43 -41.03 7.98 -15.36
N VAL A 44 -40.23 7.09 -14.78
CA VAL A 44 -39.16 7.47 -13.83
C VAL A 44 -37.79 7.34 -14.50
N ILE A 45 -37.57 6.18 -15.12
CA ILE A 45 -36.36 5.93 -15.93
C ILE A 45 -36.81 5.61 -17.37
N LYS A 46 -36.44 6.47 -18.32
CA LYS A 46 -36.64 6.17 -19.76
C LYS A 46 -35.73 5.01 -20.17
N PRO A 47 -35.99 4.40 -21.33
CA PRO A 47 -35.12 3.28 -21.74
C PRO A 47 -33.64 3.62 -21.62
N SER A 48 -32.93 2.77 -20.89
CA SER A 48 -31.56 3.04 -20.46
C SER A 48 -30.74 1.77 -20.57
N THR A 49 -29.51 1.89 -21.07
CA THR A 49 -28.76 0.65 -21.29
C THR A 49 -27.93 0.26 -20.07
N LEU A 50 -27.56 -1.01 -20.03
CA LEU A 50 -26.74 -1.60 -18.98
C LEU A 50 -25.58 -2.37 -19.61
N GLY A 51 -24.41 -2.35 -18.98
CA GLY A 51 -23.29 -3.12 -19.52
C GLY A 51 -22.00 -2.49 -19.06
N LEU A 52 -20.88 -3.14 -19.39
CA LEU A 52 -19.54 -2.65 -19.02
CA LEU A 52 -19.57 -2.60 -19.05
C LEU A 52 -18.59 -2.77 -20.21
N GLU A 53 -17.57 -1.92 -20.22
CA GLU A 53 -16.44 -2.05 -21.15
C GLU A 53 -15.23 -2.50 -20.35
N LEU A 54 -14.53 -3.53 -20.84
CA LEU A 54 -13.38 -4.10 -20.11
C LEU A 54 -12.07 -3.59 -20.72
N LYS A 55 -11.03 -3.56 -19.90
CA LYS A 55 -9.69 -3.24 -20.39
C LYS A 55 -9.20 -4.33 -21.34
N LYS A 56 -8.53 -3.90 -22.41
CA LYS A 56 -7.92 -4.86 -23.32
C LYS A 56 -6.82 -5.69 -22.65
N GLU A 57 -6.75 -7.00 -22.95
CA GLU A 57 -5.75 -7.87 -22.31
C GLU A 57 -4.33 -7.49 -22.75
N ASP A 76 -9.76 -7.77 -29.00
CA ASP A 76 -10.72 -6.70 -29.22
C ASP A 76 -12.14 -7.01 -28.78
N SER A 77 -12.74 -8.09 -29.28
CA SER A 77 -14.15 -8.34 -28.90
C SER A 77 -14.35 -8.63 -27.41
N LYS A 78 -13.29 -9.09 -26.74
CA LYS A 78 -13.40 -9.35 -25.31
C LYS A 78 -13.57 -8.08 -24.48
N THR A 79 -13.27 -6.92 -25.05
CA THR A 79 -13.46 -5.70 -24.26
C THR A 79 -14.94 -5.33 -24.11
N ASN A 80 -15.76 -5.90 -24.99
CA ASN A 80 -17.19 -5.60 -25.05
C ASN A 80 -17.99 -6.49 -24.08
N LEU A 81 -18.44 -5.93 -22.95
CA LEU A 81 -19.41 -6.60 -22.09
C LEU A 81 -20.68 -5.74 -22.03
N TYR A 82 -21.06 -5.11 -23.17
CA TYR A 82 -22.22 -4.21 -23.17
C TYR A 82 -23.23 -4.53 -24.27
N ASP A 83 -22.82 -5.24 -25.32
CA ASP A 83 -23.89 -5.65 -26.27
C ASP A 83 -23.59 -7.00 -26.93
N GLY A 84 -24.39 -7.41 -27.91
CA GLY A 84 -24.22 -8.76 -28.43
C GLY A 84 -24.73 -9.86 -27.52
N PHE A 85 -25.62 -9.50 -26.60
CA PHE A 85 -26.17 -10.47 -25.68
C PHE A 85 -27.49 -10.99 -26.22
N GLU A 86 -27.84 -12.19 -25.78
CA GLU A 86 -29.19 -12.72 -25.96
C GLU A 86 -29.63 -13.29 -24.62
N VAL A 87 -30.94 -13.26 -24.38
CA VAL A 87 -31.49 -13.82 -23.15
C VAL A 87 -31.47 -15.34 -23.15
N LYS A 88 -30.67 -15.92 -22.26
CA LYS A 88 -30.57 -17.37 -22.22
C LYS A 88 -31.57 -17.98 -21.23
N ASP A 89 -31.83 -17.28 -20.12
CA ASP A 89 -32.73 -17.79 -19.09
CA ASP A 89 -32.88 -17.72 -19.22
C ASP A 89 -33.26 -16.65 -18.21
N THR A 90 -34.36 -16.88 -17.53
CA THR A 90 -34.87 -15.90 -16.56
C THR A 90 -35.37 -16.66 -15.35
N GLN A 91 -35.24 -16.09 -14.15
CA GLN A 91 -35.80 -16.69 -12.95
C GLN A 91 -36.46 -15.56 -12.19
N THR A 92 -37.64 -15.82 -11.64
CA THR A 92 -38.34 -14.84 -10.81
C THR A 92 -38.45 -15.41 -9.39
N ALA A 93 -38.64 -14.53 -8.42
CA ALA A 93 -38.78 -14.96 -7.05
C ALA A 93 -39.36 -13.80 -6.27
N THR A 94 -39.98 -14.11 -5.13
CA THR A 94 -40.48 -13.09 -4.21
C THR A 94 -39.81 -13.34 -2.88
N PHE A 95 -39.42 -12.26 -2.20
CA PHE A 95 -38.81 -12.36 -0.89
C PHE A 95 -39.58 -11.44 0.05
N ASP A 96 -39.87 -11.91 1.26
CA ASP A 96 -40.61 -11.12 2.24
C ASP A 96 -40.24 -11.58 3.63
N GLU A 97 -39.24 -10.95 4.24
CA GLU A 97 -38.76 -11.34 5.57
C GLU A 97 -38.37 -10.09 6.32
N THR A 98 -38.55 -10.12 7.62
CA THR A 98 -38.22 -8.96 8.43
CA THR A 98 -38.24 -8.99 8.53
C THR A 98 -36.93 -9.28 9.21
N TRP A 99 -36.13 -8.25 9.50
CA TRP A 99 -34.88 -8.46 10.22
C TRP A 99 -34.71 -7.29 11.18
N GLN A 100 -33.79 -7.42 12.12
CA GLN A 100 -33.61 -6.37 13.12
C GLN A 100 -32.17 -5.86 13.06
N PRO A 101 -32.01 -4.56 12.79
CA PRO A 101 -30.64 -4.04 12.88
C PRO A 101 -30.17 -3.98 14.34
N VAL A 102 -28.86 -3.92 14.55
CA VAL A 102 -28.34 -3.81 15.90
C VAL A 102 -28.70 -2.44 16.46
N TRP A 103 -28.65 -1.43 15.60
CA TRP A 103 -29.04 -0.06 15.95
C TRP A 103 -29.67 0.53 14.70
N GLY A 104 -30.59 1.44 14.88
CA GLY A 104 -31.29 1.99 13.71
C GLY A 104 -32.39 2.97 14.01
N GLU A 105 -33.10 3.37 12.96
CA GLU A 105 -34.23 4.26 13.09
C GLU A 105 -35.51 3.54 13.51
N GLU A 106 -35.50 2.22 13.50
CA GLU A 106 -36.65 1.46 13.98
C GLU A 106 -36.17 0.11 14.42
N LYS A 107 -37.03 -0.63 15.13
CA LYS A 107 -36.64 -1.92 15.65
C LYS A 107 -36.54 -3.00 14.56
N GLU A 108 -37.48 -2.97 13.63
CA GLU A 108 -37.54 -4.00 12.61
C GLU A 108 -37.68 -3.40 11.21
N ILE A 109 -37.00 -4.02 10.25
CA ILE A 109 -37.09 -3.62 8.85
C ILE A 109 -37.65 -4.77 8.03
N ARG A 110 -38.61 -4.48 7.16
CA ARG A 110 -39.16 -5.49 6.25
C ARG A 110 -38.43 -5.40 4.90
N ASN A 111 -38.00 -6.55 4.40
CA ASN A 111 -37.29 -6.68 3.12
C ASN A 111 -38.24 -7.44 2.21
N HIS A 112 -38.90 -6.73 1.31
CA HIS A 112 -40.04 -7.30 0.56
C HIS A 112 -39.94 -6.83 -0.88
N TYR A 113 -39.61 -7.76 -1.76
CA TYR A 113 -39.45 -7.41 -3.15
C TYR A 113 -39.85 -8.56 -4.07
N ASN A 114 -40.16 -8.19 -5.30
CA ASN A 114 -40.22 -9.17 -6.38
C ASN A 114 -38.91 -9.09 -7.17
N GLU A 115 -38.37 -10.24 -7.55
CA GLU A 115 -37.10 -10.31 -8.28
C GLU A 115 -37.22 -10.87 -9.69
N LEU A 116 -36.38 -10.35 -10.58
CA LEU A 116 -36.17 -10.94 -11.90
C LEU A 116 -34.66 -11.05 -12.10
N ALA A 117 -34.18 -12.26 -12.42
CA ALA A 117 -32.76 -12.45 -12.78
C ALA A 117 -32.71 -12.88 -14.23
N VAL A 118 -31.92 -12.17 -15.04
CA VAL A 118 -31.81 -12.49 -16.46
CA VAL A 118 -31.81 -12.45 -16.47
C VAL A 118 -30.40 -12.96 -16.77
N THR A 119 -30.29 -14.16 -17.37
CA THR A 119 -28.98 -14.66 -17.75
C THR A 119 -28.76 -14.26 -19.19
N LEU A 120 -27.66 -13.55 -19.43
CA LEU A 120 -27.35 -12.94 -20.72
C LEU A 120 -26.10 -13.58 -21.31
N TYR A 121 -26.27 -14.23 -22.46
CA TYR A 121 -25.16 -14.94 -23.07
C TYR A 121 -24.64 -14.14 -24.28
N GLN A 122 -23.33 -14.10 -24.42
CA GLN A 122 -22.69 -13.32 -25.49
C GLN A 122 -22.01 -14.30 -26.45
N PRO A 123 -22.68 -14.62 -27.57
CA PRO A 123 -22.09 -15.61 -28.45
C PRO A 123 -20.65 -15.29 -28.90
N MET A 124 -20.36 -14.05 -29.24
CA MET A 124 -19.07 -13.74 -29.84
C MET A 124 -17.92 -13.94 -28.89
N ASN A 125 -18.20 -13.92 -27.58
CA ASN A 125 -17.16 -14.13 -26.57
C ASN A 125 -17.37 -15.40 -25.76
N ASP A 126 -18.41 -16.16 -26.09
CA ASP A 126 -18.75 -17.40 -25.38
C ASP A 126 -18.75 -17.25 -23.86
N ARG A 127 -19.50 -16.28 -23.37
CA ARG A 127 -19.57 -16.03 -21.93
C ARG A 127 -20.90 -15.40 -21.54
N SER A 128 -21.22 -15.48 -20.25
CA SER A 128 -22.52 -15.06 -19.78
C SER A 128 -22.37 -14.19 -18.55
N ILE A 129 -23.31 -13.26 -18.40
CA ILE A 129 -23.49 -12.56 -17.14
C ILE A 129 -24.94 -12.66 -16.73
N VAL A 130 -25.22 -12.23 -15.49
CA VAL A 130 -26.56 -12.18 -15.00
C VAL A 130 -26.82 -10.75 -14.53
N ILE A 131 -27.98 -10.20 -14.88
CA ILE A 131 -28.42 -8.94 -14.27
C ILE A 131 -29.60 -9.29 -13.40
N ARG A 132 -29.47 -8.97 -12.10
CA ARG A 132 -30.54 -9.24 -11.15
C ARG A 132 -31.25 -7.94 -10.77
N PHE A 133 -32.59 -7.94 -10.85
CA PHE A 133 -33.44 -6.79 -10.54
C PHE A 133 -34.31 -7.14 -9.33
N ARG A 134 -34.35 -6.22 -8.36
CA ARG A 134 -35.22 -6.37 -7.19
C ARG A 134 -36.09 -5.13 -7.14
N LEU A 135 -37.40 -5.32 -7.19
CA LEU A 135 -38.33 -4.22 -7.25
C LEU A 135 -39.20 -4.21 -5.99
N PHE A 136 -39.10 -3.11 -5.26
CA PHE A 136 -39.80 -2.88 -4.01
C PHE A 136 -40.93 -1.88 -4.26
N ASN A 137 -41.81 -1.67 -3.27
CA ASN A 137 -42.82 -0.65 -3.41
C ASN A 137 -42.26 0.77 -3.49
N ASP A 138 -41.01 0.95 -3.05
CA ASP A 138 -40.44 2.27 -3.11
C ASP A 138 -39.22 2.38 -4.03
N GLY A 139 -39.00 1.39 -4.87
CA GLY A 139 -37.97 1.57 -5.92
C GLY A 139 -37.33 0.31 -6.42
N LEU A 140 -36.29 0.50 -7.23
CA LEU A 140 -35.64 -0.58 -7.95
C LEU A 140 -34.16 -0.68 -7.60
N GLY A 141 -33.69 -1.90 -7.41
CA GLY A 141 -32.24 -2.15 -7.31
C GLY A 141 -31.83 -3.11 -8.43
N PHE A 142 -30.64 -2.89 -8.99
CA PHE A 142 -30.11 -3.88 -9.91
C PHE A 142 -28.62 -4.02 -9.75
N ARG A 143 -28.11 -5.19 -10.12
CA ARG A 143 -26.65 -5.40 -10.13
C ARG A 143 -26.28 -6.37 -11.25
N TYR A 144 -25.00 -6.38 -11.59
CA TYR A 144 -24.48 -7.37 -12.54
C TYR A 144 -23.77 -8.44 -11.77
N GLU A 145 -23.91 -9.68 -12.23
CA GLU A 145 -23.24 -10.81 -11.62
C GLU A 145 -22.42 -11.54 -12.68
N PHE A 146 -21.21 -11.97 -12.28
CA PHE A 146 -20.27 -12.57 -13.21
C PHE A 146 -19.92 -13.97 -12.73
N PRO A 147 -20.63 -14.99 -13.22
CA PRO A 147 -20.34 -16.34 -12.76
C PRO A 147 -18.96 -16.84 -13.20
N GLN A 148 -18.38 -17.72 -12.40
CA GLN A 148 -17.16 -18.41 -12.81
C GLN A 148 -17.48 -19.31 -14.00
N GLN A 149 -16.60 -19.30 -14.98
CA GLN A 149 -16.87 -19.98 -16.23
C GLN A 149 -15.57 -20.01 -17.03
N LYS A 150 -15.53 -20.89 -18.02
CA LYS A 150 -14.33 -21.09 -18.81
C LYS A 150 -13.72 -19.80 -19.35
N SER A 151 -14.55 -18.88 -19.85
CA SER A 151 -14.06 -17.67 -20.56
C SER A 151 -14.29 -16.35 -19.82
N LEU A 152 -14.50 -16.39 -18.52
CA LEU A 152 -14.54 -15.12 -17.78
C LEU A 152 -14.04 -15.42 -16.38
N ASN A 153 -12.78 -15.06 -16.13
CA ASN A 153 -12.16 -15.31 -14.85
C ASN A 153 -11.59 -14.03 -14.27
N TYR A 154 -10.38 -13.64 -14.66
CA TYR A 154 -9.85 -12.35 -14.23
C TYR A 154 -10.16 -11.33 -15.31
N PHE A 155 -10.60 -10.13 -14.92
CA PHE A 155 -10.84 -9.09 -15.89
C PHE A 155 -10.78 -7.74 -15.20
N VAL A 156 -10.53 -6.71 -15.98
CA VAL A 156 -10.40 -5.37 -15.43
C VAL A 156 -11.44 -4.47 -16.10
N ILE A 157 -12.15 -3.69 -15.29
CA ILE A 157 -13.19 -2.82 -15.82
C ILE A 157 -12.58 -1.53 -16.32
N LYS A 158 -12.87 -1.17 -17.58
CA LYS A 158 -12.47 0.12 -18.12
CA LYS A 158 -12.47 0.12 -18.12
C LYS A 158 -13.50 1.21 -17.74
N GLU A 159 -14.77 0.92 -17.98
CA GLU A 159 -15.88 1.77 -17.53
C GLU A 159 -17.10 0.90 -17.34
N GLU A 160 -17.93 1.28 -16.38
CA GLU A 160 -19.27 0.73 -16.28
C GLU A 160 -20.20 1.66 -17.04
N HIS A 161 -21.14 1.08 -17.78
CA HIS A 161 -22.08 1.88 -18.54
C HIS A 161 -23.52 1.65 -18.07
N SER A 162 -23.78 1.90 -16.78
CA SER A 162 -25.15 1.83 -16.28
C SER A 162 -25.80 3.19 -16.48
N GLN A 163 -26.89 3.23 -17.24
CA GLN A 163 -27.59 4.49 -17.46
C GLN A 163 -28.85 4.67 -16.59
N PHE A 164 -29.16 5.95 -16.35
CA PHE A 164 -30.39 6.36 -15.68
C PHE A 164 -30.95 7.54 -16.51
N GLY A 165 -31.81 7.23 -17.49
CA GLY A 165 -32.35 8.31 -18.31
C GLY A 165 -33.54 8.99 -17.65
N MET A 166 -33.44 10.30 -17.47
CA MET A 166 -34.45 11.08 -16.82
C MET A 166 -35.55 11.51 -17.81
N ASN A 167 -36.75 11.67 -17.30
CA ASN A 167 -37.89 12.06 -18.15
C ASN A 167 -38.09 13.56 -18.24
N GLY A 168 -37.17 14.33 -17.68
CA GLY A 168 -37.33 15.78 -17.67
C GLY A 168 -36.11 16.47 -17.09
N ASP A 169 -36.09 17.79 -17.20
CA ASP A 169 -35.02 18.63 -16.66
C ASP A 169 -35.36 18.88 -15.19
N HIS A 170 -35.11 17.87 -14.36
CA HIS A 170 -35.51 17.92 -12.94
C HIS A 170 -34.70 18.94 -12.15
N ILE A 171 -35.23 19.25 -10.97
CA ILE A 171 -34.44 19.95 -9.95
C ILE A 171 -33.60 18.91 -9.21
N ALA A 172 -32.29 19.18 -9.06
CA ALA A 172 -31.42 18.25 -8.34
C ALA A 172 -30.76 18.95 -7.18
N PHE A 173 -30.41 18.14 -6.17
CA PHE A 173 -29.70 18.58 -4.97
C PHE A 173 -28.39 17.81 -5.04
N TRP A 174 -27.32 18.51 -5.37
CA TRP A 174 -26.10 17.81 -5.79
C TRP A 174 -24.82 18.43 -5.28
N ILE A 175 -23.80 17.58 -5.16
CA ILE A 175 -22.42 18.08 -4.98
C ILE A 175 -21.54 17.58 -6.12
N PRO A 176 -20.44 18.30 -6.40
CA PRO A 176 -19.56 17.97 -7.52
C PRO A 176 -19.02 16.54 -7.45
N GLY A 177 -19.08 15.82 -8.58
CA GLY A 177 -18.42 14.51 -8.69
C GLY A 177 -16.95 14.65 -8.37
N ASP A 178 -16.42 13.78 -7.52
CA ASP A 178 -15.04 14.01 -7.07
C ASP A 178 -14.51 12.69 -6.54
N TYR A 179 -13.27 12.34 -6.88
CA TYR A 179 -12.69 11.07 -6.44
C TYR A 179 -12.09 11.14 -5.04
N ASP A 180 -12.05 12.34 -4.47
CA ASP A 180 -11.28 12.52 -3.23
C ASP A 180 -11.97 13.18 -2.07
N THR A 181 -12.97 14.03 -2.30
CA THR A 181 -13.70 14.66 -1.19
C THR A 181 -15.20 14.71 -1.44
N GLN A 182 -15.99 14.69 -0.36
CA GLN A 182 -17.42 15.03 -0.48
C GLN A 182 -17.75 16.28 0.34
N GLU A 183 -16.72 16.99 0.77
CA GLU A 183 -16.88 18.10 1.74
C GLU A 183 -17.37 19.39 1.09
N TYR A 184 -18.34 19.26 0.20
CA TYR A 184 -18.90 20.42 -0.51
C TYR A 184 -20.31 20.78 0.01
N ASP A 185 -20.63 22.07 -0.03
CA ASP A 185 -22.02 22.50 0.11
C ASP A 185 -22.80 22.01 -1.11
N TYR A 186 -24.07 21.71 -0.86
CA TYR A 186 -25.02 21.34 -1.93
C TYR A 186 -25.40 22.54 -2.77
N THR A 187 -25.77 22.23 -4.00
CA THR A 187 -26.37 23.22 -4.90
C THR A 187 -27.74 22.66 -5.28
N ILE A 188 -28.72 23.56 -5.38
CA ILE A 188 -30.06 23.17 -5.84
C ILE A 188 -30.26 23.84 -7.19
N SER A 189 -30.43 23.04 -8.24
CA SER A 189 -30.55 23.63 -9.58
C SER A 189 -31.22 22.67 -10.51
N ARG A 190 -31.59 23.14 -11.69
CA ARG A 190 -32.08 22.21 -12.69
C ARG A 190 -30.91 21.39 -13.22
N LEU A 191 -31.19 20.23 -13.78
CA LEU A 191 -30.14 19.44 -14.42
C LEU A 191 -29.41 20.25 -15.49
N SER A 192 -30.16 21.05 -16.23
CA SER A 192 -29.57 21.86 -17.31
C SER A 192 -28.66 22.97 -16.77
N GLU A 193 -28.76 23.28 -15.47
CA GLU A 193 -27.97 24.36 -14.88
C GLU A 193 -26.69 23.89 -14.21
N ILE A 194 -26.51 22.57 -14.09
CA ILE A 194 -25.33 22.04 -13.40
C ILE A 194 -24.01 22.48 -14.03
N ARG A 195 -23.91 22.37 -15.36
CA ARG A 195 -22.70 22.75 -16.07
C ARG A 195 -22.24 24.18 -15.71
N GLY A 196 -23.16 25.13 -15.75
CA GLY A 196 -22.79 26.53 -15.53
C GLY A 196 -22.49 26.84 -14.07
N LEU A 197 -22.91 25.95 -13.16
CA LEU A 197 -22.69 26.17 -11.72
C LEU A 197 -21.50 25.37 -11.16
N MET A 198 -20.99 24.41 -11.94
CA MET A 198 -19.96 23.50 -11.42
C MET A 198 -18.71 24.23 -10.91
N LYS A 199 -18.21 25.20 -11.68
CA LYS A 199 -16.99 25.89 -11.26
C LYS A 199 -17.13 26.51 -9.88
N GLU A 200 -18.21 27.22 -9.63
CA GLU A 200 -18.43 27.86 -8.34
CA GLU A 200 -18.38 27.84 -8.34
C GLU A 200 -18.75 26.84 -7.25
N ALA A 201 -19.31 25.69 -7.65
CA ALA A 201 -19.68 24.64 -6.66
C ALA A 201 -18.43 23.91 -6.11
N ILE A 202 -17.34 23.91 -6.89
CA ILE A 202 -16.08 23.27 -6.45
C ILE A 202 -15.22 24.28 -5.67
N THR A 203 -15.37 24.23 -4.36
CA THR A 203 -14.63 25.08 -3.46
C THR A 203 -13.34 24.37 -3.01
N PRO A 204 -12.38 25.09 -2.44
CA PRO A 204 -11.06 24.49 -2.17
C PRO A 204 -11.04 23.38 -1.13
N ASN A 205 -10.24 22.34 -1.37
CA ASN A 205 -10.06 21.27 -0.39
C ASN A 205 -8.64 20.71 -0.51
N SER A 206 -8.05 20.22 0.60
CA SER A 206 -6.67 19.74 0.54
CA SER A 206 -6.69 19.65 0.63
CA SER A 206 -6.68 19.70 0.57
C SER A 206 -6.52 18.51 -0.35
N SER A 207 -7.60 17.77 -0.59
CA SER A 207 -7.50 16.65 -1.54
C SER A 207 -8.82 16.58 -2.31
N GLN A 208 -8.78 16.86 -3.61
CA GLN A 208 -10.00 16.85 -4.43
C GLN A 208 -9.61 16.59 -5.86
N THR A 209 -10.42 15.76 -6.51
CA THR A 209 -10.25 15.50 -7.95
C THR A 209 -11.61 15.41 -8.63
N PRO A 210 -12.13 16.55 -9.06
CA PRO A 210 -13.35 16.61 -9.83
C PRO A 210 -13.08 15.95 -11.18
N PHE A 211 -14.11 15.41 -11.83
CA PHE A 211 -13.82 14.70 -13.06
C PHE A 211 -14.61 15.17 -14.28
N SER A 212 -15.64 15.95 -14.05
CA SER A 212 -16.52 16.39 -15.18
C SER A 212 -17.24 17.68 -14.88
N GLN A 213 -17.45 18.51 -15.91
CA GLN A 213 -18.26 19.70 -15.72
C GLN A 213 -19.72 19.39 -15.40
N THR A 214 -20.15 18.14 -15.63
CA THR A 214 -21.50 17.70 -15.29
C THR A 214 -21.48 16.43 -14.44
N GLY A 215 -20.40 16.25 -13.66
CA GLY A 215 -20.26 15.06 -12.77
C GLY A 215 -20.81 15.38 -11.40
N VAL A 216 -21.59 14.46 -10.82
CA VAL A 216 -22.15 14.66 -9.47
C VAL A 216 -21.94 13.40 -8.61
N GLN A 217 -21.98 13.53 -7.28
CA GLN A 217 -21.89 12.32 -6.47
C GLN A 217 -23.24 11.71 -6.18
N THR A 218 -23.21 10.48 -5.68
CA THR A 218 -24.45 9.86 -5.16
C THR A 218 -24.30 9.77 -3.62
N ALA A 219 -25.41 9.66 -2.91
CA ALA A 219 -26.78 9.64 -3.43
C ALA A 219 -27.17 11.01 -3.97
N LEU A 220 -27.80 11.00 -5.15
CA LEU A 220 -28.28 12.20 -5.80
C LEU A 220 -29.79 12.26 -5.59
N MET A 221 -30.26 13.44 -5.17
CA MET A 221 -31.71 13.63 -4.90
C MET A 221 -32.28 14.55 -5.98
N MET A 222 -33.45 14.19 -6.49
CA MET A 222 -34.15 15.04 -7.47
C MET A 222 -35.64 15.19 -7.15
N LYS A 223 -36.19 16.30 -7.63
CA LYS A 223 -37.62 16.56 -7.55
C LYS A 223 -38.11 16.89 -8.97
N THR A 224 -39.14 16.19 -9.41
CA THR A 224 -39.64 16.38 -10.78
C THR A 224 -40.84 17.30 -10.86
N ASP A 225 -41.06 17.85 -12.05
CA ASP A 225 -42.17 18.75 -12.29
C ASP A 225 -43.52 18.05 -12.13
N ASP A 226 -43.55 16.72 -12.34
CA ASP A 226 -44.81 16.01 -12.18
C ASP A 226 -44.99 15.35 -10.83
N GLY A 227 -44.27 15.87 -9.83
CA GLY A 227 -44.56 15.54 -8.44
C GLY A 227 -43.86 14.33 -7.87
N LEU A 228 -42.80 13.86 -8.52
CA LEU A 228 -42.07 12.75 -7.97
C LEU A 228 -40.77 13.22 -7.31
N TYR A 229 -40.31 12.36 -6.40
CA TYR A 229 -38.98 12.49 -5.79
C TYR A 229 -38.19 11.24 -6.17
N ILE A 230 -36.98 11.44 -6.68
CA ILE A 230 -36.13 10.35 -7.20
C ILE A 230 -34.77 10.48 -6.59
N ASN A 231 -34.30 9.36 -6.03
CA ASN A 231 -32.95 9.26 -5.47
C ASN A 231 -32.16 8.17 -6.19
N LEU A 232 -30.98 8.52 -6.68
CA LEU A 232 -30.08 7.57 -7.41
C LEU A 232 -28.85 7.32 -6.52
N HIS A 233 -28.54 6.04 -6.28
CA HIS A 233 -27.45 5.70 -5.34
C HIS A 233 -26.95 4.30 -5.62
N GLU A 234 -26.13 3.75 -4.71
CA GLU A 234 -25.67 2.38 -4.85
C GLU A 234 -25.65 1.78 -3.48
N ALA A 235 -25.58 0.45 -3.42
CA ALA A 235 -25.63 -0.28 -2.14
C ALA A 235 -24.63 -1.41 -2.15
N ALA A 236 -23.97 -1.66 -1.00
CA ALA A 236 -23.01 -2.73 -0.89
C ALA A 236 -21.78 -2.52 -1.75
N LEU A 237 -21.14 -1.37 -1.60
CA LEU A 237 -19.92 -1.03 -2.31
C LEU A 237 -18.74 -1.81 -1.73
N VAL A 238 -18.54 -3.04 -2.24
CA VAL A 238 -17.54 -3.96 -1.72
C VAL A 238 -16.74 -4.54 -2.88
N ASP A 239 -15.41 -4.53 -2.72
CA ASP A 239 -14.47 -5.08 -3.72
C ASP A 239 -14.75 -4.47 -5.08
N TYR A 240 -14.88 -3.15 -5.12
CA TYR A 240 -15.30 -2.46 -6.34
C TYR A 240 -15.02 -0.99 -6.12
N SER A 241 -14.94 -0.25 -7.22
CA SER A 241 -14.69 1.19 -7.15
C SER A 241 -15.97 2.02 -6.97
N CYS A 242 -15.90 3.12 -6.22
CA CYS A 242 -17.08 3.97 -5.94
C CYS A 242 -17.68 4.55 -7.25
N MET A 243 -19.00 4.50 -7.33
CA MET A 243 -19.75 5.07 -8.48
C MET A 243 -20.13 6.52 -8.24
N HIS A 244 -19.83 7.37 -9.21
CA HIS A 244 -20.36 8.73 -9.29
C HIS A 244 -21.27 8.73 -10.52
N LEU A 245 -21.88 9.86 -10.82
CA LEU A 245 -22.78 9.95 -11.98
C LEU A 245 -22.31 11.07 -12.88
N ASN A 246 -22.26 10.80 -14.17
CA ASN A 246 -21.95 11.83 -15.12
C ASN A 246 -23.18 12.10 -15.96
N LEU A 247 -23.58 13.37 -16.01
CA LEU A 247 -24.80 13.78 -16.71
C LEU A 247 -24.50 14.18 -18.14
N ASP A 248 -25.22 13.53 -19.07
CA ASP A 248 -25.32 13.98 -20.46
C ASP A 248 -26.45 15.02 -20.42
N ASP A 249 -26.08 16.30 -20.46
CA ASP A 249 -27.09 17.32 -20.24
C ASP A 249 -27.79 17.77 -21.52
N LYS A 250 -27.56 17.06 -22.61
CA LYS A 250 -28.31 17.28 -23.86
C LYS A 250 -29.48 16.32 -23.91
N ASN A 251 -29.33 15.14 -23.31
CA ASN A 251 -30.35 14.10 -23.38
C ASN A 251 -30.89 13.73 -21.99
N MET A 252 -30.34 14.41 -20.97
CA MET A 252 -30.72 14.19 -19.57
C MET A 252 -30.57 12.71 -19.16
N VAL A 253 -29.39 12.16 -19.42
CA VAL A 253 -29.10 10.78 -19.04
C VAL A 253 -27.92 10.81 -18.08
N PHE A 254 -28.09 10.24 -16.91
CA PHE A 254 -26.94 10.04 -16.02
C PHE A 254 -26.30 8.71 -16.35
N GLU A 255 -24.97 8.63 -16.22
CA GLU A 255 -24.32 7.34 -16.41
C GLU A 255 -23.33 7.09 -15.30
N SER A 256 -23.26 5.85 -14.83
CA SER A 256 -22.24 5.45 -13.85
C SER A 256 -20.85 5.88 -14.32
N TRP A 257 -20.08 6.50 -13.42
CA TRP A 257 -18.73 6.89 -13.72
C TRP A 257 -17.89 6.42 -12.51
N LEU A 258 -17.13 5.35 -12.67
CA LEU A 258 -16.37 4.78 -11.53
C LEU A 258 -15.08 5.54 -11.27
N THR A 259 -14.54 5.32 -10.08
CA THR A 259 -13.33 6.02 -9.68
C THR A 259 -12.10 5.27 -10.16
N PRO A 260 -11.21 5.96 -10.88
CA PRO A 260 -10.02 5.30 -11.45
C PRO A 260 -8.93 5.06 -10.40
N ASP A 261 -8.15 4.02 -10.64
CA ASP A 261 -6.93 3.78 -9.90
C ASP A 261 -5.75 4.61 -10.44
N ALA A 262 -4.56 4.34 -9.91
CA ALA A 262 -3.40 5.17 -10.25
C ALA A 262 -3.04 5.05 -11.74
N LYS A 263 -3.52 4.00 -12.41
CA LYS A 263 -3.21 3.82 -13.83
C LYS A 263 -4.42 4.16 -14.71
N GLY A 264 -5.51 4.57 -14.07
CA GLY A 264 -6.74 4.96 -14.81
C GLY A 264 -7.76 3.85 -14.96
N ASP A 265 -7.48 2.67 -14.41
CA ASP A 265 -8.40 1.53 -14.55
C ASP A 265 -9.50 1.60 -13.47
N LYS A 266 -10.59 0.85 -13.66
CA LYS A 266 -11.73 1.05 -12.78
C LYS A 266 -12.24 -0.24 -12.15
N GLY A 267 -11.33 -1.14 -11.84
CA GLY A 267 -11.62 -2.27 -10.92
C GLY A 267 -11.05 -3.57 -11.44
N TYR A 268 -10.38 -4.29 -10.53
CA TYR A 268 -9.83 -5.62 -10.80
C TYR A 268 -10.83 -6.63 -10.27
N MET A 269 -11.34 -7.44 -11.19
CA MET A 269 -12.40 -8.41 -10.88
C MET A 269 -11.94 -9.86 -11.08
N GLN A 270 -12.54 -10.74 -10.28
CA GLN A 270 -12.28 -12.19 -10.40
C GLN A 270 -13.56 -12.96 -10.14
N THR A 271 -14.00 -13.71 -11.15
CA THR A 271 -15.24 -14.46 -10.97
C THR A 271 -15.10 -15.62 -9.99
N PRO A 272 -16.19 -16.00 -9.32
CA PRO A 272 -17.48 -15.35 -9.33
C PRO A 272 -17.43 -14.03 -8.55
N CYS A 273 -18.07 -13.00 -9.08
CA CYS A 273 -18.09 -11.71 -8.41
C CYS A 273 -19.30 -10.91 -8.87
N ASN A 274 -19.62 -9.85 -8.16
CA ASN A 274 -20.82 -9.03 -8.42
CA ASN A 274 -20.72 -9.01 -8.61
C ASN A 274 -20.42 -7.56 -8.40
N THR A 275 -21.10 -6.73 -9.17
CA THR A 275 -21.03 -5.29 -8.89
C THR A 275 -21.88 -4.97 -7.64
N PRO A 276 -21.69 -3.77 -7.06
CA PRO A 276 -22.67 -3.27 -6.08
C PRO A 276 -24.02 -3.09 -6.73
N TRP A 277 -25.07 -2.97 -5.93
CA TRP A 277 -26.41 -2.67 -6.46
C TRP A 277 -26.46 -1.19 -6.87
N ARG A 278 -27.26 -0.88 -7.87
CA ARG A 278 -27.55 0.50 -8.25
C ARG A 278 -29.03 0.70 -7.92
N THR A 279 -29.37 1.82 -7.30
CA THR A 279 -30.71 1.96 -6.75
C THR A 279 -31.41 3.20 -7.25
N ILE A 280 -32.70 3.04 -7.59
CA ILE A 280 -33.57 4.17 -7.91
C ILE A 280 -34.71 4.11 -6.88
N ILE A 281 -34.71 5.05 -5.95
CA ILE A 281 -35.74 5.15 -4.93
C ILE A 281 -36.70 6.25 -5.36
N VAL A 282 -37.99 5.95 -5.41
CA VAL A 282 -38.93 6.90 -5.98
C VAL A 282 -40.26 6.90 -5.22
N SER A 283 -40.82 8.07 -5.03
CA SER A 283 -42.15 8.23 -4.42
C SER A 283 -42.75 9.57 -4.81
N ASP A 284 -44.07 9.71 -4.68
CA ASP A 284 -44.67 11.02 -4.79
C ASP A 284 -44.78 11.72 -3.43
N ASP A 285 -44.14 11.16 -2.41
CA ASP A 285 -44.14 11.76 -1.06
C ASP A 285 -42.68 11.77 -0.60
N ALA A 286 -42.10 12.95 -0.41
CA ALA A 286 -40.69 13.04 -0.08
C ALA A 286 -40.41 12.31 1.23
N ARG A 287 -41.39 12.25 2.12
CA ARG A 287 -41.19 11.49 3.37
C ARG A 287 -40.83 10.03 3.11
N ASN A 288 -41.34 9.47 2.02
CA ASN A 288 -41.08 8.09 1.76
C ASN A 288 -39.67 7.81 1.22
N ILE A 289 -38.99 8.83 0.74
CA ILE A 289 -37.57 8.67 0.40
C ILE A 289 -36.81 8.43 1.72
N LEU A 290 -37.13 9.24 2.72
CA LEU A 290 -36.46 9.08 4.04
C LEU A 290 -36.80 7.72 4.66
N ALA A 291 -38.01 7.22 4.42
CA ALA A 291 -38.44 5.95 5.03
C ALA A 291 -37.90 4.72 4.33
N SER A 292 -37.35 4.92 3.12
CA SER A 292 -36.91 3.75 2.39
C SER A 292 -35.74 3.02 3.06
N ARG A 293 -35.82 1.68 3.11
CA ARG A 293 -34.70 0.90 3.61
C ARG A 293 -34.12 0.01 2.50
N ILE A 294 -34.31 0.44 1.24
CA ILE A 294 -33.76 -0.32 0.13
C ILE A 294 -32.24 -0.53 0.26
N THR A 295 -31.53 0.53 0.61
CA THR A 295 -30.08 0.43 0.65
C THR A 295 -29.66 -0.64 1.64
N LEU A 296 -30.15 -0.56 2.89
CA LEU A 296 -29.82 -1.58 3.88
C LEU A 296 -30.29 -2.98 3.46
N ASN A 297 -31.48 -3.05 2.87
CA ASN A 297 -32.07 -4.34 2.47
C ASN A 297 -31.23 -5.08 1.42
N LEU A 298 -30.52 -4.31 0.60
CA LEU A 298 -29.65 -4.91 -0.42
C LEU A 298 -28.24 -5.30 0.04
N ASN A 299 -27.93 -5.07 1.32
CA ASN A 299 -26.65 -5.51 1.88
C ASN A 299 -26.75 -6.91 2.48
N GLU A 300 -25.60 -7.59 2.56
CA GLU A 300 -25.56 -8.91 3.18
C GLU A 300 -25.91 -8.82 4.66
N PRO A 301 -26.58 -9.87 5.19
CA PRO A 301 -26.90 -9.84 6.62
C PRO A 301 -25.65 -9.79 7.51
N CYS A 302 -25.86 -9.34 8.74
CA CYS A 302 -24.80 -9.18 9.74
C CYS A 302 -23.88 -10.37 9.79
N LYS A 303 -22.57 -10.10 9.73
CA LYS A 303 -21.56 -11.14 9.80
C LYS A 303 -20.83 -11.15 11.15
N ILE A 304 -21.21 -10.26 12.05
CA ILE A 304 -20.62 -10.24 13.39
C ILE A 304 -21.59 -10.94 14.33
N ALA A 305 -21.37 -12.22 14.59
CA ALA A 305 -22.40 -13.03 15.27
C ALA A 305 -22.73 -12.50 16.65
N ASP A 306 -21.75 -11.94 17.33
CA ASP A 306 -21.98 -11.49 18.70
C ASP A 306 -22.19 -9.98 18.81
N ALA A 307 -22.55 -9.33 17.70
CA ALA A 307 -22.54 -7.88 17.66
C ALA A 307 -23.40 -7.26 18.75
N ALA A 308 -24.58 -7.83 18.98
CA ALA A 308 -25.49 -7.27 19.96
C ALA A 308 -24.85 -7.12 21.33
N SER A 309 -23.85 -7.95 21.64
CA SER A 309 -23.25 -7.94 22.97
CA SER A 309 -23.24 -7.94 22.96
C SER A 309 -22.24 -6.83 23.19
N TRP A 310 -21.71 -6.24 22.12
CA TRP A 310 -20.68 -5.21 22.31
C TRP A 310 -20.81 -3.95 21.48
N VAL A 311 -21.50 -4.03 20.36
CA VAL A 311 -21.77 -2.79 19.59
C VAL A 311 -22.85 -1.98 20.31
N LYS A 312 -22.59 -0.73 20.65
CA LYS A 312 -23.60 0.11 21.29
CA LYS A 312 -23.52 0.12 21.39
C LYS A 312 -23.43 1.56 20.90
N PRO A 313 -24.53 2.29 20.91
CA PRO A 313 -24.52 3.71 20.54
C PRO A 313 -23.71 4.48 21.55
N VAL A 314 -23.21 5.64 21.13
CA VAL A 314 -22.29 6.45 21.93
C VAL A 314 -22.66 7.90 21.80
N LYS A 315 -22.96 8.55 22.93
CA LYS A 315 -23.10 10.00 22.97
C LYS A 315 -21.81 10.57 23.59
N TYR A 316 -21.20 11.57 22.96
CA TYR A 316 -19.87 11.97 23.42
C TYR A 316 -19.63 13.45 23.32
N ILE A 317 -18.64 13.95 24.09
CA ILE A 317 -18.08 15.27 23.87
C ILE A 317 -16.62 15.07 23.50
N GLY A 318 -15.89 16.13 23.22
CA GLY A 318 -14.50 15.93 22.88
C GLY A 318 -13.61 17.14 22.98
N VAL A 319 -12.33 16.87 23.24
CA VAL A 319 -11.30 17.89 23.00
C VAL A 319 -11.12 17.90 21.49
N TRP A 320 -11.69 18.92 20.84
CA TRP A 320 -11.84 18.92 19.41
C TRP A 320 -12.12 20.33 18.86
N TRP A 321 -13.21 20.93 19.32
CA TRP A 321 -13.59 22.22 18.77
C TRP A 321 -12.50 23.27 19.01
N ASP A 322 -11.79 23.16 20.15
CA ASP A 322 -10.61 24.02 20.33
C ASP A 322 -9.73 24.09 19.08
N MET A 323 -9.40 22.93 18.52
CA MET A 323 -8.45 22.90 17.45
C MET A 323 -9.11 23.28 16.13
N ILE A 324 -10.36 22.86 15.94
CA ILE A 324 -11.07 23.14 14.70
C ILE A 324 -11.23 24.67 14.51
N THR A 325 -11.48 25.38 15.62
CA THR A 325 -11.62 26.83 15.54
C THR A 325 -10.29 27.60 15.57
N GLY A 326 -9.23 26.93 16.06
CA GLY A 326 -7.91 27.56 16.16
C GLY A 326 -7.60 28.12 17.54
N LYS A 327 -8.50 27.92 18.49
CA LYS A 327 -8.24 28.35 19.88
C LYS A 327 -7.05 27.58 20.45
N GLY A 328 -6.99 26.29 20.16
CA GLY A 328 -5.96 25.38 20.63
C GLY A 328 -5.31 24.66 19.46
N SER A 329 -4.27 23.89 19.77
CA SER A 329 -3.50 23.17 18.77
CA SER A 329 -3.49 23.18 18.77
C SER A 329 -3.57 21.65 18.97
N TRP A 330 -3.46 20.89 17.87
CA TRP A 330 -3.24 19.43 17.98
C TRP A 330 -1.77 19.20 18.40
N ALA A 331 -0.90 20.10 17.96
CA ALA A 331 0.54 19.96 18.20
C ALA A 331 0.89 20.29 19.64
N TYR A 332 1.96 19.66 20.10
CA TYR A 332 2.46 19.83 21.45
C TYR A 332 3.42 21.04 21.49
N THR A 333 4.18 21.22 20.43
CA THR A 333 5.23 22.28 20.42
C THR A 333 5.20 23.06 19.10
N ASP A 334 5.59 24.35 19.15
CA ASP A 334 5.74 25.15 17.94
C ASP A 334 7.20 25.32 17.50
N GLU A 335 8.11 24.71 18.25
CA GLU A 335 9.57 24.85 18.03
C GLU A 335 10.19 24.19 16.78
N LEU A 336 9.55 23.20 16.18
CA LEU A 336 10.25 22.35 15.18
C LEU A 336 9.82 22.56 13.71
N THR A 337 10.76 22.61 12.75
CA THR A 337 10.32 22.78 11.36
C THR A 337 9.76 21.48 10.79
N SER A 338 10.04 20.35 11.47
CA SER A 338 9.42 19.08 11.13
C SER A 338 9.81 18.07 12.19
N VAL A 339 9.21 16.89 12.19
CA VAL A 339 9.59 15.90 13.19
C VAL A 339 9.88 14.55 12.59
N LYS A 340 10.74 13.78 13.25
CA LYS A 340 11.01 12.39 12.83
C LYS A 340 10.69 11.46 13.97
N LEU A 341 9.61 10.70 13.83
CA LEU A 341 9.21 9.85 14.94
C LEU A 341 10.29 8.86 15.29
N GLY A 342 10.54 8.72 16.58
CA GLY A 342 11.58 7.81 17.05
C GLY A 342 12.92 8.53 17.13
N GLU A 343 12.95 9.75 16.64
CA GLU A 343 14.19 10.55 16.67
CA GLU A 343 14.18 10.54 16.71
C GLU A 343 13.95 11.82 17.47
N THR A 344 12.91 12.56 17.09
CA THR A 344 12.54 13.78 17.79
C THR A 344 12.23 13.42 19.26
N ASP A 345 12.88 14.09 20.22
CA ASP A 345 12.61 13.85 21.65
C ASP A 345 11.71 14.97 22.16
N TYR A 346 10.40 14.71 22.27
CA TYR A 346 9.44 15.73 22.64
C TYR A 346 9.66 16.25 24.07
N SER A 347 10.28 15.43 24.92
CA SER A 347 10.52 15.86 26.31
C SER A 347 11.54 16.99 26.36
N LYS A 348 12.27 17.20 25.26
CA LYS A 348 13.23 18.30 25.16
CA LYS A 348 13.21 18.30 25.18
C LYS A 348 12.67 19.49 24.41
N THR A 349 11.37 19.45 24.06
CA THR A 349 10.77 20.56 23.35
C THR A 349 9.89 21.40 24.26
N LYS A 350 9.71 22.66 23.91
CA LYS A 350 8.89 23.57 24.67
C LYS A 350 7.40 23.48 24.33
N PRO A 351 6.56 23.18 25.33
CA PRO A 351 5.10 23.20 25.11
C PRO A 351 4.69 24.55 24.54
N ASN A 352 3.74 24.56 23.59
CA ASN A 352 3.39 25.82 22.95
C ASN A 352 2.36 26.64 23.71
N GLY A 353 1.85 26.09 24.81
CA GLY A 353 0.86 26.78 25.62
C GLY A 353 -0.56 26.69 25.06
N LYS A 354 -0.72 25.95 23.96
CA LYS A 354 -2.00 25.85 23.24
C LYS A 354 -2.50 24.40 23.10
N HIS A 355 -1.77 23.45 23.65
CA HIS A 355 -2.04 22.03 23.36
C HIS A 355 -3.18 21.53 24.22
N SER A 356 -4.37 21.43 23.65
CA SER A 356 -5.55 21.12 24.43
C SER A 356 -5.62 19.71 24.98
N ALA A 357 -4.98 18.75 24.32
CA ALA A 357 -4.95 17.35 24.77
C ALA A 357 -3.90 17.13 25.87
N ASN A 358 -4.10 17.82 26.99
CA ASN A 358 -3.26 17.63 28.18
C ASN A 358 -4.12 17.02 29.27
N THR A 359 -3.49 16.22 30.12
CA THR A 359 -4.21 15.46 31.13
C THR A 359 -5.22 16.29 31.93
N ALA A 360 -4.81 17.45 32.45
CA ALA A 360 -5.71 18.22 33.33
C ALA A 360 -6.97 18.64 32.57
N ASN A 361 -6.77 19.11 31.35
CA ASN A 361 -7.87 19.55 30.52
C ASN A 361 -8.77 18.36 30.17
N VAL A 362 -8.15 17.25 29.78
CA VAL A 362 -8.93 16.05 29.48
C VAL A 362 -9.76 15.59 30.69
N LYS A 363 -9.17 15.70 31.89
CA LYS A 363 -9.93 15.37 33.07
C LYS A 363 -11.12 16.29 33.29
N ARG A 364 -11.00 17.58 32.97
CA ARG A 364 -12.16 18.49 33.07
C ARG A 364 -13.27 18.11 32.09
N TYR A 365 -12.91 17.66 30.88
CA TYR A 365 -13.95 17.13 29.98
C TYR A 365 -14.61 15.85 30.50
N ILE A 366 -13.81 14.92 31.03
CA ILE A 366 -14.37 13.68 31.61
C ILE A 366 -15.34 14.09 32.74
N ASP A 367 -14.92 15.07 33.53
CA ASP A 367 -15.79 15.54 34.63
C ASP A 367 -17.15 15.99 34.10
N PHE A 368 -17.13 16.80 33.04
CA PHE A 368 -18.33 17.34 32.44
C PHE A 368 -19.15 16.20 31.85
N ALA A 369 -18.48 15.29 31.16
CA ALA A 369 -19.18 14.17 30.51
C ALA A 369 -19.93 13.30 31.51
N ALA A 370 -19.27 12.99 32.62
CA ALA A 370 -19.86 12.16 33.66
C ALA A 370 -20.99 12.90 34.39
N ALA A 371 -20.82 14.21 34.61
CA ALA A 371 -21.85 15.01 35.29
C ALA A 371 -23.15 15.01 34.50
N HIS A 372 -23.05 14.90 33.17
CA HIS A 372 -24.24 15.06 32.35
C HIS A 372 -24.67 13.85 31.56
N GLY A 373 -24.15 12.68 31.93
CA GLY A 373 -24.63 11.39 31.45
C GLY A 373 -24.14 11.02 30.05
N PHE A 374 -23.04 11.64 29.59
CA PHE A 374 -22.40 11.20 28.33
C PHE A 374 -21.67 9.85 28.46
N ASP A 375 -21.45 9.15 27.34
CA ASP A 375 -20.80 7.87 27.36
C ASP A 375 -19.28 7.96 27.21
N ALA A 376 -18.83 8.97 26.48
CA ALA A 376 -17.43 9.00 26.01
C ALA A 376 -16.89 10.38 25.82
N VAL A 377 -15.56 10.48 25.78
CA VAL A 377 -14.85 11.72 25.49
C VAL A 377 -13.84 11.38 24.41
N LEU A 378 -13.95 12.06 23.26
CA LEU A 378 -12.92 11.97 22.23
C LEU A 378 -11.78 12.94 22.57
N VAL A 379 -10.53 12.53 22.34
CA VAL A 379 -9.42 13.47 22.45
C VAL A 379 -8.56 13.42 21.19
N GLU A 380 -8.36 14.56 20.55
CA GLU A 380 -7.45 14.63 19.38
C GLU A 380 -6.21 15.41 19.73
N GLY A 381 -5.09 15.04 19.10
CA GLY A 381 -3.80 15.66 19.43
C GLY A 381 -3.12 14.97 20.60
N TRP A 382 -3.48 13.73 20.90
CA TRP A 382 -2.93 13.04 22.09
C TRP A 382 -1.56 12.41 21.80
N ASN A 383 -1.30 12.10 20.51
CA ASN A 383 -0.15 11.29 20.10
C ASN A 383 0.94 12.06 19.33
N GLU A 384 2.18 11.58 19.39
CA GLU A 384 3.31 12.18 18.67
C GLU A 384 3.04 12.36 17.17
N GLY A 385 3.42 13.50 16.63
CA GLY A 385 3.39 13.63 15.17
C GLY A 385 2.62 14.82 14.60
N TRP A 386 1.80 15.46 15.43
CA TRP A 386 0.83 16.46 14.94
C TRP A 386 1.51 17.72 14.37
N GLU A 387 2.73 17.99 14.82
CA GLU A 387 3.48 19.08 14.21
C GLU A 387 3.51 18.97 12.66
N ASP A 388 3.46 17.75 12.11
CA ASP A 388 3.63 17.53 10.64
C ASP A 388 2.44 17.00 9.87
N TRP A 389 1.29 17.02 10.46
CA TRP A 389 0.21 16.18 9.97
C TRP A 389 -0.40 16.64 8.66
N PHE A 390 -0.14 17.88 8.28
CA PHE A 390 -1.01 18.44 7.26
C PHE A 390 -0.30 18.79 5.96
N GLY A 391 -0.70 18.11 4.88
CA GLY A 391 -0.31 18.55 3.55
C GLY A 391 1.10 18.26 3.05
N ASN A 392 1.85 17.41 3.78
CA ASN A 392 3.27 17.14 3.48
C ASN A 392 3.49 15.85 2.72
N SER A 393 2.39 15.11 2.47
CA SER A 393 2.48 13.77 1.87
C SER A 393 3.52 12.94 2.62
N LYS A 394 3.44 13.04 3.94
CA LYS A 394 4.38 12.38 4.81
C LYS A 394 4.03 10.91 5.04
N ASP A 395 4.97 10.02 4.79
CA ASP A 395 4.68 8.57 4.95
C ASP A 395 4.59 8.17 6.43
N TYR A 396 5.72 8.28 7.13
CA TYR A 396 5.74 7.86 8.55
C TYR A 396 5.27 9.02 9.45
N VAL A 397 3.98 9.28 9.39
CA VAL A 397 3.46 10.51 9.97
C VAL A 397 2.98 10.32 11.41
N PHE A 398 2.50 9.12 11.73
CA PHE A 398 2.02 8.81 13.09
C PHE A 398 2.36 7.35 13.38
N ASP A 399 2.43 6.99 14.67
CA ASP A 399 2.55 5.57 15.04
C ASP A 399 1.32 5.05 15.81
N PHE A 400 0.39 5.96 16.11
CA PHE A 400 -0.92 5.65 16.69
C PHE A 400 -0.81 5.08 18.09
N VAL A 401 0.37 5.16 18.71
CA VAL A 401 0.52 4.54 20.05
C VAL A 401 1.31 5.37 21.04
N THR A 402 2.10 6.31 20.56
CA THR A 402 3.00 7.04 21.49
C THR A 402 2.41 8.38 21.88
N PRO A 403 2.06 8.57 23.16
CA PRO A 403 1.45 9.83 23.65
C PRO A 403 2.47 10.95 23.81
N TYR A 404 2.00 12.19 23.73
CA TYR A 404 2.82 13.35 23.97
C TYR A 404 3.13 13.38 25.47
N PRO A 405 4.14 14.18 25.85
CA PRO A 405 4.57 14.21 27.25
C PRO A 405 3.49 14.64 28.23
N ASP A 406 2.51 15.41 27.74
CA ASP A 406 1.47 16.00 28.60
C ASP A 406 0.15 15.23 28.57
N PHE A 407 0.17 14.04 27.97
CA PHE A 407 -1.01 13.19 27.89
C PHE A 407 -0.72 11.85 28.54
N ASP A 408 -1.27 11.66 29.75
CA ASP A 408 -0.95 10.48 30.58
C ASP A 408 -2.02 9.42 30.32
N VAL A 409 -1.71 8.51 29.39
CA VAL A 409 -2.69 7.52 28.90
C VAL A 409 -3.30 6.70 30.03
N LYS A 410 -2.44 6.15 30.90
CA LYS A 410 -2.93 5.32 31.99
C LYS A 410 -3.74 6.09 33.04
N GLU A 411 -3.33 7.30 33.40
CA GLU A 411 -4.07 8.04 34.41
C GLU A 411 -5.41 8.50 33.86
N ILE A 412 -5.41 8.87 32.59
CA ILE A 412 -6.66 9.26 31.96
C ILE A 412 -7.61 8.08 31.92
N HIS A 413 -7.09 6.91 31.58
CA HIS A 413 -7.89 5.69 31.59
C HIS A 413 -8.45 5.37 32.98
N ARG A 414 -7.61 5.43 34.01
CA ARG A 414 -8.11 5.16 35.35
CA ARG A 414 -8.12 5.18 35.35
C ARG A 414 -9.23 6.15 35.73
N TYR A 415 -9.02 7.42 35.42
CA TYR A 415 -9.92 8.49 35.82
C TYR A 415 -11.24 8.38 35.09
N ALA A 416 -11.16 8.13 33.78
CA ALA A 416 -12.39 7.89 33.04
C ALA A 416 -13.15 6.69 33.57
N ALA A 417 -12.46 5.58 33.78
CA ALA A 417 -13.11 4.38 34.29
C ALA A 417 -13.84 4.67 35.61
N ARG A 418 -13.19 5.39 36.53
CA ARG A 418 -13.84 5.68 37.80
CA ARG A 418 -13.79 5.80 37.81
CA ARG A 418 -13.79 5.77 37.81
C ARG A 418 -15.11 6.52 37.64
N LYS A 419 -15.18 7.29 36.55
CA LYS A 419 -16.30 8.15 36.29
C LYS A 419 -17.34 7.50 35.34
N GLY A 420 -17.13 6.24 34.98
CA GLY A 420 -18.01 5.50 34.06
C GLY A 420 -17.97 6.02 32.63
N ILE A 421 -16.85 6.62 32.25
CA ILE A 421 -16.67 7.24 30.92
C ILE A 421 -15.68 6.38 30.15
N LYS A 422 -15.88 6.26 28.82
CA LYS A 422 -14.91 5.57 27.95
C LYS A 422 -14.22 6.66 27.15
N MET A 423 -12.91 6.52 26.95
CA MET A 423 -12.23 7.42 26.02
C MET A 423 -12.37 6.91 24.57
N MET A 424 -12.66 7.83 23.65
CA MET A 424 -12.70 7.48 22.23
CA MET A 424 -12.72 7.50 22.23
C MET A 424 -11.36 7.77 21.58
N MET A 425 -10.78 6.75 20.94
CA MET A 425 -9.48 6.85 20.32
C MET A 425 -9.59 7.68 19.06
N HIS A 426 -8.52 8.39 18.76
CA HIS A 426 -8.41 9.11 17.48
C HIS A 426 -7.22 8.58 16.69
N HIS A 427 -7.49 8.18 15.45
CA HIS A 427 -6.49 7.74 14.47
C HIS A 427 -6.58 8.57 13.20
N GLU A 428 -6.19 9.84 13.28
CA GLU A 428 -5.97 10.57 12.01
C GLU A 428 -4.75 9.91 11.34
N THR A 429 -4.89 9.53 10.06
CA THR A 429 -3.78 8.92 9.31
C THR A 429 -3.02 9.91 8.40
N SER A 430 -3.58 11.08 8.22
CA SER A 430 -3.05 12.04 7.27
CA SER A 430 -3.02 12.04 7.28
C SER A 430 -2.94 11.39 5.89
N ALA A 431 -3.91 10.51 5.61
CA ALA A 431 -4.01 9.81 4.31
C ALA A 431 -2.79 8.96 3.97
N SER A 432 -1.99 8.61 5.00
CA SER A 432 -0.84 7.74 4.79
C SER A 432 -1.24 6.30 5.12
N VAL A 433 -1.64 5.57 4.09
CA VAL A 433 -2.45 4.38 4.33
C VAL A 433 -1.61 3.14 4.52
N ARG A 434 -0.51 2.99 3.80
CA ARG A 434 0.41 1.88 4.13
C ARG A 434 0.87 2.04 5.57
N ASN A 435 1.20 3.28 5.95
CA ASN A 435 1.67 3.53 7.29
C ASN A 435 0.63 3.10 8.33
N TYR A 436 -0.64 3.42 8.10
CA TYR A 436 -1.68 3.03 9.05
C TYR A 436 -1.83 1.50 9.08
N GLU A 437 -1.88 0.87 7.89
CA GLU A 437 -1.95 -0.62 7.90
C GLU A 437 -0.80 -1.29 8.65
N ARG A 438 0.41 -0.79 8.46
CA ARG A 438 1.57 -1.42 9.12
C ARG A 438 1.44 -1.31 10.63
N HIS A 439 0.83 -0.23 11.09
CA HIS A 439 0.66 -0.02 12.54
C HIS A 439 -0.65 -0.52 13.11
N MET A 440 -1.52 -1.06 12.27
CA MET A 440 -2.92 -1.22 12.68
C MET A 440 -3.12 -2.23 13.81
N ASP A 441 -2.49 -3.39 13.71
CA ASP A 441 -2.68 -4.37 14.78
CA ASP A 441 -2.61 -4.41 14.76
C ASP A 441 -2.10 -3.83 16.08
N LYS A 442 -0.92 -3.22 16.03
CA LYS A 442 -0.36 -2.60 17.25
C LYS A 442 -1.27 -1.50 17.80
N ALA A 443 -1.88 -0.72 16.90
CA ALA A 443 -2.74 0.39 17.30
C ALA A 443 -4.03 -0.11 17.98
N TYR A 444 -4.65 -1.15 17.40
CA TYR A 444 -5.87 -1.73 17.96
C TYR A 444 -5.53 -2.46 19.28
N GLN A 445 -4.35 -3.07 19.34
CA GLN A 445 -3.88 -3.71 20.60
C GLN A 445 -3.68 -2.68 21.69
N PHE A 446 -3.12 -1.54 21.31
CA PHE A 446 -2.93 -0.45 22.27
C PHE A 446 -4.29 0.05 22.78
N MET A 447 -5.28 0.10 21.87
CA MET A 447 -6.64 0.46 22.29
C MET A 447 -7.15 -0.53 23.32
N ALA A 448 -7.01 -1.82 23.04
CA ALA A 448 -7.57 -2.85 23.91
C ALA A 448 -6.88 -2.79 25.27
N ASP A 449 -5.55 -2.64 25.23
CA ASP A 449 -4.73 -2.63 26.46
C ASP A 449 -5.02 -1.41 27.32
N ASN A 450 -5.57 -0.35 26.72
CA ASN A 450 -5.85 0.90 27.45
C ASN A 450 -7.33 1.28 27.52
N GLY A 451 -8.21 0.31 27.26
CA GLY A 451 -9.63 0.51 27.53
C GLY A 451 -10.38 1.36 26.51
N TYR A 452 -9.85 1.47 25.29
CA TYR A 452 -10.55 2.25 24.24
C TYR A 452 -11.33 1.26 23.39
N ASN A 453 -12.64 1.45 23.20
CA ASN A 453 -13.34 0.47 22.40
C ASN A 453 -14.01 1.10 21.19
N SER A 454 -13.73 2.36 20.93
CA SER A 454 -14.21 2.98 19.69
C SER A 454 -13.12 3.93 19.22
N VAL A 455 -13.03 4.11 17.90
CA VAL A 455 -12.00 4.97 17.34
C VAL A 455 -12.60 5.78 16.20
N LYS A 456 -12.17 7.03 16.17
CA LYS A 456 -12.48 7.94 15.07
CA LYS A 456 -12.48 7.94 15.06
C LYS A 456 -11.22 7.95 14.22
N SER A 457 -11.32 7.49 12.98
CA SER A 457 -10.18 7.58 12.08
C SER A 457 -10.36 8.74 11.12
N GLY A 458 -9.30 9.01 10.36
CA GLY A 458 -9.33 10.16 9.42
C GLY A 458 -8.33 9.95 8.32
N TYR A 459 -8.61 10.57 7.18
CA TYR A 459 -7.76 10.42 6.00
C TYR A 459 -7.56 11.76 5.30
N VAL A 460 -7.05 12.72 6.07
CA VAL A 460 -6.85 14.05 5.47
C VAL A 460 -5.57 14.17 4.65
N GLY A 461 -5.72 14.54 3.38
CA GLY A 461 -4.59 14.69 2.47
C GLY A 461 -4.75 13.81 1.26
N ASN A 462 -3.88 13.97 0.27
CA ASN A 462 -3.91 13.04 -0.87
C ASN A 462 -3.39 11.66 -0.44
N ILE A 463 -4.03 10.62 -0.94
CA ILE A 463 -3.69 9.27 -0.51
C ILE A 463 -2.23 8.91 -0.79
N ILE A 464 -1.62 8.19 0.15
CA ILE A 464 -0.36 7.46 -0.04
C ILE A 464 -0.74 5.99 0.21
N PRO A 465 -0.61 5.10 -0.80
CA PRO A 465 0.24 5.21 -1.99
C PRO A 465 -0.22 6.29 -2.97
N ARG A 466 0.75 7.06 -3.45
CA ARG A 466 0.45 8.25 -4.27
C ARG A 466 0.03 7.83 -5.66
N GLY A 467 -1.06 8.45 -6.12
CA GLY A 467 -1.69 8.13 -7.41
C GLY A 467 -3.08 7.54 -7.17
N GLU A 468 -3.34 6.99 -5.98
CA GLU A 468 -4.71 6.50 -5.67
C GLU A 468 -5.60 7.61 -5.18
N HIS A 469 -6.92 7.44 -5.36
CA HIS A 469 -7.90 8.39 -4.85
C HIS A 469 -8.59 7.80 -3.62
N HIS A 470 -9.27 8.67 -2.85
CA HIS A 470 -9.94 8.17 -1.65
C HIS A 470 -11.02 7.13 -1.92
N TYR A 471 -11.63 7.13 -3.12
CA TYR A 471 -12.81 6.31 -3.34
C TYR A 471 -12.63 5.18 -4.34
N GLY A 472 -11.38 4.92 -4.74
CA GLY A 472 -11.08 3.82 -5.67
C GLY A 472 -11.27 2.47 -5.00
N GLN A 473 -11.26 1.41 -5.81
CA GLN A 473 -11.37 0.03 -5.26
C GLN A 473 -10.30 -0.26 -4.21
N TRP A 474 -9.10 0.27 -4.41
CA TRP A 474 -7.97 0.00 -3.50
C TRP A 474 -8.29 0.54 -2.12
N MET A 475 -8.70 1.81 -2.06
CA MET A 475 -9.02 2.38 -0.75
C MET A 475 -10.30 1.82 -0.15
N ASN A 476 -11.26 1.45 -0.99
CA ASN A 476 -12.47 0.88 -0.43
C ASN A 476 -12.13 -0.39 0.30
N ASN A 477 -11.20 -1.17 -0.25
CA ASN A 477 -10.69 -2.37 0.43
C ASN A 477 -10.05 -2.00 1.74
N HIS A 478 -9.22 -0.95 1.73
CA HIS A 478 -8.61 -0.53 3.00
C HIS A 478 -9.68 -0.20 4.08
N TYR A 479 -10.69 0.59 3.74
CA TYR A 479 -11.60 1.09 4.80
C TYR A 479 -12.31 -0.13 5.40
N LEU A 480 -12.68 -1.07 4.53
CA LEU A 480 -13.40 -2.24 5.03
C LEU A 480 -12.47 -3.17 5.80
N TYR A 481 -11.20 -3.28 5.36
CA TYR A 481 -10.19 -4.05 6.11
C TYR A 481 -10.06 -3.50 7.52
N ALA A 482 -10.05 -2.18 7.64
CA ALA A 482 -9.91 -1.54 8.94
C ALA A 482 -11.10 -1.91 9.83
N VAL A 483 -12.29 -1.98 9.25
CA VAL A 483 -13.46 -2.27 10.05
CA VAL A 483 -13.54 -2.27 9.99
C VAL A 483 -13.57 -3.77 10.36
N LYS A 484 -13.20 -4.63 9.41
CA LYS A 484 -13.21 -6.08 9.71
C LYS A 484 -12.17 -6.44 10.77
N LYS A 485 -11.00 -5.81 10.72
CA LYS A 485 -9.99 -6.08 11.73
C LYS A 485 -10.48 -5.53 13.06
N ALA A 486 -11.05 -4.33 13.05
CA ALA A 486 -11.62 -3.77 14.30
C ALA A 486 -12.64 -4.69 14.92
N ALA A 487 -13.45 -5.34 14.09
CA ALA A 487 -14.48 -6.22 14.65
C ALA A 487 -13.82 -7.36 15.42
N ASP A 488 -12.69 -7.88 14.91
CA ASP A 488 -11.99 -8.95 15.63
C ASP A 488 -11.54 -8.52 17.03
N TYR A 489 -11.27 -7.23 17.19
CA TYR A 489 -10.85 -6.65 18.48
C TYR A 489 -12.06 -6.11 19.28
N LYS A 490 -13.29 -6.33 18.77
CA LYS A 490 -14.48 -5.76 19.40
CA LYS A 490 -14.51 -5.74 19.36
C LYS A 490 -14.41 -4.23 19.51
N ILE A 491 -13.96 -3.59 18.43
CA ILE A 491 -13.79 -2.14 18.34
C ILE A 491 -14.76 -1.56 17.32
N MET A 492 -15.38 -0.44 17.70
CA MET A 492 -16.28 0.29 16.80
C MET A 492 -15.51 1.38 16.06
N VAL A 493 -15.88 1.64 14.80
CA VAL A 493 -15.12 2.55 13.94
C VAL A 493 -16.01 3.64 13.39
N ASN A 494 -15.48 4.87 13.41
CA ASN A 494 -16.11 6.03 12.78
C ASN A 494 -15.07 6.65 11.90
N ALA A 495 -15.21 6.54 10.58
CA ALA A 495 -14.09 6.99 9.73
C ALA A 495 -14.40 8.28 8.95
N HIS A 496 -13.69 9.35 9.27
CA HIS A 496 -13.82 10.58 8.51
C HIS A 496 -13.00 10.43 7.20
N GLU A 497 -13.45 11.15 6.16
CA GLU A 497 -12.85 11.16 4.80
C GLU A 497 -12.93 9.85 4.03
N ALA A 498 -13.57 8.83 4.60
CA ALA A 498 -13.69 7.57 3.87
C ALA A 498 -14.79 7.69 2.80
N THR A 499 -14.82 6.72 1.90
CA THR A 499 -15.92 6.59 0.97
C THR A 499 -17.26 6.64 1.71
N ARG A 500 -18.20 7.41 1.13
CA ARG A 500 -19.52 7.56 1.73
C ARG A 500 -20.31 6.22 1.76
N PRO A 501 -21.13 6.02 2.79
CA PRO A 501 -21.66 4.69 3.07
C PRO A 501 -22.76 4.22 2.14
N THR A 502 -22.90 2.91 2.03
CA THR A 502 -23.84 2.32 1.09
C THR A 502 -24.58 1.15 1.74
N GLY A 503 -24.68 1.19 3.07
CA GLY A 503 -25.44 0.17 3.82
C GLY A 503 -24.64 -0.97 4.41
N ILE A 504 -23.31 -0.91 4.33
CA ILE A 504 -22.48 -2.00 4.76
C ILE A 504 -22.53 -2.17 6.30
N CYS A 505 -22.99 -1.15 7.02
CA CYS A 505 -23.20 -1.30 8.49
C CYS A 505 -24.11 -2.50 8.78
N ARG A 506 -25.03 -2.83 7.85
CA ARG A 506 -25.84 -4.02 8.10
C ARG A 506 -24.97 -5.24 8.28
N THR A 507 -24.00 -5.40 7.38
CA THR A 507 -23.08 -6.54 7.41
C THR A 507 -22.06 -6.44 8.54
N TYR A 508 -21.57 -5.21 8.78
CA TYR A 508 -20.59 -4.96 9.86
C TYR A 508 -21.09 -3.83 10.75
N PRO A 509 -21.90 -4.18 11.77
CA PRO A 509 -22.55 -3.13 12.55
C PRO A 509 -21.60 -2.34 13.47
N ASN A 510 -20.32 -2.71 13.49
CA ASN A 510 -19.33 -1.92 14.25
C ASN A 510 -18.88 -0.69 13.47
N LEU A 511 -19.31 -0.56 12.21
CA LEU A 511 -19.12 0.72 11.48
C LEU A 511 -20.24 1.68 11.87
N ILE A 512 -20.03 2.41 12.98
CA ILE A 512 -21.07 3.24 13.56
C ILE A 512 -21.07 4.63 13.03
N GLY A 513 -20.11 4.95 12.17
CA GLY A 513 -20.10 6.27 11.60
C GLY A 513 -19.15 6.46 10.46
N ASN A 514 -19.44 7.51 9.70
CA ASN A 514 -18.46 8.20 8.86
C ASN A 514 -18.79 9.69 8.91
N GLU A 515 -17.87 10.51 8.44
CA GLU A 515 -18.20 11.89 8.08
C GLU A 515 -18.63 11.82 6.61
N SER A 516 -17.67 11.97 5.70
CA SER A 516 -17.88 11.57 4.28
C SER A 516 -18.96 12.44 3.64
N ALA A 517 -18.93 13.70 4.07
CA ALA A 517 -19.83 14.77 3.65
C ALA A 517 -19.36 16.02 4.41
N ARG A 518 -19.92 17.16 4.07
CA ARG A 518 -19.50 18.43 4.72
C ARG A 518 -20.12 18.45 6.11
N GLY A 519 -19.33 18.47 7.18
CA GLY A 519 -19.89 18.44 8.52
C GLY A 519 -19.77 19.77 9.25
N THR A 520 -20.06 19.72 10.55
CA THR A 520 -20.05 20.94 11.35
C THR A 520 -18.68 21.63 11.36
N GLU A 521 -17.60 20.88 11.16
CA GLU A 521 -16.29 21.56 11.13
C GLU A 521 -16.28 22.73 10.15
N TYR A 522 -17.00 22.62 9.02
CA TYR A 522 -16.95 23.69 8.02
C TYR A 522 -17.69 24.96 8.48
N GLU A 523 -18.45 24.80 9.56
CA GLU A 523 -19.15 25.97 10.18
C GLU A 523 -18.12 26.89 10.80
N SER A 524 -16.92 26.36 11.00
CA SER A 524 -15.76 27.12 11.54
C SER A 524 -14.88 27.63 10.41
N PHE A 525 -15.13 27.13 9.19
CA PHE A 525 -14.28 27.47 8.03
C PHE A 525 -15.04 28.31 7.02
N GLY A 526 -15.98 29.10 7.50
CA GLY A 526 -16.79 29.97 6.65
C GLY A 526 -18.30 29.72 6.70
N GLY A 527 -18.67 28.51 7.11
CA GLY A 527 -20.06 28.16 7.29
C GLY A 527 -20.51 27.10 6.27
N ASN A 528 -21.57 26.39 6.65
CA ASN A 528 -22.31 25.55 5.71
C ASN A 528 -23.54 26.33 5.25
N LYS A 529 -24.11 25.99 4.09
CA LYS A 529 -25.33 26.68 3.68
CA LYS A 529 -25.33 26.68 3.68
C LYS A 529 -26.45 26.47 4.69
N VAL A 530 -27.31 27.49 4.82
CA VAL A 530 -28.36 27.38 5.81
C VAL A 530 -29.23 26.13 5.62
N TYR A 531 -29.44 25.73 4.35
CA TYR A 531 -30.31 24.57 4.09
C TYR A 531 -29.62 23.21 4.17
N HIS A 532 -28.34 23.20 4.57
CA HIS A 532 -27.54 21.96 4.48
C HIS A 532 -28.20 20.75 5.16
N THR A 533 -28.64 20.92 6.41
CA THR A 533 -29.23 19.79 7.15
C THR A 533 -30.65 19.41 6.69
N THR A 534 -31.23 20.19 5.77
CA THR A 534 -32.50 19.78 5.14
C THR A 534 -32.24 18.99 3.86
N ILE A 535 -30.97 18.82 3.53
CA ILE A 535 -30.61 18.00 2.34
C ILE A 535 -29.92 16.70 2.74
N LEU A 536 -29.03 16.77 3.73
CA LEU A 536 -28.26 15.59 4.09
C LEU A 536 -29.08 14.29 4.30
N PRO A 537 -30.23 14.37 4.98
CA PRO A 537 -30.95 13.12 5.21
C PRO A 537 -31.50 12.46 3.95
N PHE A 538 -31.63 13.25 2.89
CA PHE A 538 -32.13 12.74 1.59
C PHE A 538 -30.98 12.25 0.73
N THR A 539 -29.74 12.57 1.11
CA THR A 539 -28.60 12.25 0.25
C THR A 539 -27.59 11.44 1.03
N ARG A 540 -26.70 12.14 1.72
CA ARG A 540 -25.66 11.47 2.50
C ARG A 540 -26.13 10.36 3.46
N LEU A 541 -27.22 10.56 4.18
CA LEU A 541 -27.61 9.57 5.18
CA LEU A 541 -27.61 9.59 5.18
C LEU A 541 -28.14 8.29 4.58
N VAL A 542 -28.47 8.31 3.28
CA VAL A 542 -28.96 7.09 2.66
C VAL A 542 -27.75 6.15 2.51
N GLY A 543 -27.73 5.05 3.26
CA GLY A 543 -26.57 4.16 3.29
C GLY A 543 -25.89 4.11 4.66
N GLY A 544 -26.15 5.08 5.52
CA GLY A 544 -25.50 5.00 6.85
C GLY A 544 -25.44 6.33 7.54
N PRO A 545 -25.25 6.29 8.86
CA PRO A 545 -25.28 7.53 9.64
C PRO A 545 -24.06 8.43 9.43
N MET A 546 -24.19 9.70 9.83
CA MET A 546 -23.07 10.62 9.76
C MET A 546 -22.74 11.13 11.17
N ASP A 547 -21.44 11.24 11.46
CA ASP A 547 -20.92 11.93 12.63
C ASP A 547 -20.86 13.41 12.24
N TYR A 548 -22.00 14.12 12.37
CA TYR A 548 -22.12 15.49 11.87
C TYR A 548 -21.57 16.48 12.91
N THR A 549 -21.43 15.99 14.13
CA THR A 549 -20.99 16.78 15.33
C THR A 549 -21.78 18.04 15.60
N PRO A 550 -23.10 17.88 15.80
CA PRO A 550 -23.96 19.02 16.10
C PRO A 550 -23.73 19.57 17.51
N GLY A 551 -24.53 20.55 17.88
CA GLY A 551 -24.55 21.05 19.27
C GLY A 551 -23.73 22.30 19.53
N ILE A 552 -23.53 23.15 18.52
CA ILE A 552 -22.76 24.36 18.75
C ILE A 552 -23.72 25.43 19.28
N PHE A 553 -23.46 25.90 20.50
CA PHE A 553 -24.35 26.92 21.10
C PHE A 553 -23.81 28.32 20.92
N GLU A 554 -22.49 28.49 21.09
CA GLU A 554 -21.88 29.77 20.78
C GLU A 554 -21.49 29.75 19.31
N THR A 555 -22.33 30.30 18.46
CA THR A 555 -22.17 30.13 17.00
C THR A 555 -21.23 31.11 16.34
N HIS A 556 -20.73 32.09 17.10
CA HIS A 556 -19.70 32.98 16.59
C HIS A 556 -18.36 32.40 16.98
N CYS A 557 -17.63 31.90 15.99
CA CYS A 557 -16.35 31.26 16.26
C CYS A 557 -15.32 32.26 16.82
N ASN A 558 -15.58 33.57 16.65
CA ASN A 558 -14.57 34.54 17.11
C ASN A 558 -14.47 34.60 18.62
N LYS A 559 -15.41 33.97 19.32
CA LYS A 559 -15.31 33.85 20.77
C LYS A 559 -14.37 32.73 21.20
N MET A 560 -14.11 31.78 20.29
CA MET A 560 -13.07 30.77 20.52
C MET A 560 -11.71 31.31 20.11
N ASN A 561 -11.67 31.96 18.95
CA ASN A 561 -10.46 32.43 18.34
C ASN A 561 -10.75 33.74 17.65
N PRO A 562 -10.16 34.85 18.15
CA PRO A 562 -10.59 36.14 17.61
C PRO A 562 -10.21 36.36 16.16
N ALA A 563 -9.28 35.56 15.63
CA ALA A 563 -8.90 35.64 14.23
C ALA A 563 -9.86 34.88 13.32
N ASN A 564 -10.78 34.15 13.93
CA ASN A 564 -11.73 33.34 13.16
C ASN A 564 -13.10 34.03 13.09
N ASN A 565 -13.47 34.59 11.94
CA ASN A 565 -14.76 35.29 11.89
C ASN A 565 -15.90 34.42 11.35
N SER A 566 -15.66 33.11 11.27
CA SER A 566 -16.75 32.23 10.83
C SER A 566 -17.95 32.23 11.80
N GLN A 567 -19.13 32.04 11.24
CA GLN A 567 -20.36 31.96 12.02
C GLN A 567 -21.19 30.74 11.60
N VAL A 568 -21.56 29.91 12.57
CA VAL A 568 -22.36 28.73 12.28
C VAL A 568 -23.73 29.16 11.72
N ARG A 569 -24.18 28.57 10.63
CA ARG A 569 -25.46 28.99 10.07
CA ARG A 569 -25.46 28.96 10.03
C ARG A 569 -26.62 28.25 10.72
N SER A 570 -26.90 28.60 11.98
CA SER A 570 -27.90 27.90 12.75
C SER A 570 -28.36 28.76 13.93
N THR A 571 -29.59 28.53 14.38
CA THR A 571 -30.00 28.96 15.73
C THR A 571 -29.66 27.86 16.72
N ILE A 572 -29.72 28.21 18.01
CA ILE A 572 -29.53 27.19 19.04
C ILE A 572 -30.59 26.09 18.95
N ALA A 573 -31.84 26.45 18.75
CA ALA A 573 -32.87 25.41 18.76
C ALA A 573 -32.70 24.44 17.57
N ARG A 574 -32.15 24.93 16.48
CA ARG A 574 -31.95 24.01 15.33
C ARG A 574 -30.82 23.05 15.67
N GLN A 575 -29.81 23.51 16.41
CA GLN A 575 -28.74 22.58 16.82
C GLN A 575 -29.32 21.45 17.68
N LEU A 576 -30.29 21.78 18.54
CA LEU A 576 -30.96 20.75 19.29
C LEU A 576 -31.71 19.78 18.38
N ALA A 577 -32.39 20.33 17.36
CA ALA A 577 -33.19 19.50 16.45
C ALA A 577 -32.35 18.42 15.77
N LEU A 578 -31.09 18.72 15.53
CA LEU A 578 -30.23 17.82 14.74
C LEU A 578 -30.03 16.47 15.43
N TYR A 579 -30.18 16.41 16.75
CA TYR A 579 -30.08 15.12 17.45
C TYR A 579 -31.21 14.16 17.05
N VAL A 580 -32.27 14.70 16.47
CA VAL A 580 -33.34 13.87 15.93
C VAL A 580 -33.35 13.86 14.40
N THR A 581 -33.02 15.00 13.78
CA THR A 581 -33.11 15.07 12.29
C THR A 581 -31.85 14.63 11.54
N MET A 582 -30.71 14.55 12.23
CA MET A 582 -29.52 13.92 11.64
C MET A 582 -29.28 12.60 12.38
N TYR A 583 -29.94 11.55 11.92
CA TYR A 583 -29.89 10.25 12.59
C TYR A 583 -28.46 9.69 12.74
N SER A 584 -28.10 9.20 13.92
CA SER A 584 -26.82 8.53 14.07
C SER A 584 -26.80 7.83 15.43
N PRO A 585 -26.19 6.64 15.51
CA PRO A 585 -26.02 6.01 16.83
C PRO A 585 -24.83 6.62 17.54
N LEU A 586 -24.14 7.56 16.88
CA LEU A 586 -22.92 8.19 17.38
C LEU A 586 -23.18 9.69 17.33
N GLN A 587 -23.36 10.33 18.49
CA GLN A 587 -23.78 11.75 18.53
C GLN A 587 -22.85 12.57 19.42
N MET A 588 -22.17 13.53 18.82
CA MET A 588 -21.35 14.49 19.58
C MET A 588 -22.18 15.70 20.05
N ALA A 589 -21.85 16.21 21.23
CA ALA A 589 -22.20 17.53 21.63
C ALA A 589 -20.85 18.27 21.48
N ALA A 590 -20.73 19.03 20.39
CA ALA A 590 -19.43 19.49 19.90
C ALA A 590 -18.85 20.74 20.56
N ASP A 591 -19.67 21.51 21.28
CA ASP A 591 -19.15 22.78 21.82
C ASP A 591 -18.29 22.48 23.05
N ILE A 592 -17.64 23.52 23.59
CA ILE A 592 -16.84 23.30 24.82
C ILE A 592 -17.72 23.43 26.07
N PRO A 593 -17.33 22.75 27.15
CA PRO A 593 -18.19 22.72 28.32
C PRO A 593 -18.59 24.10 28.82
N GLU A 594 -17.68 25.06 28.82
CA GLU A 594 -17.99 26.37 29.35
CA GLU A 594 -17.99 26.39 29.33
C GLU A 594 -19.13 27.04 28.58
N ASN A 595 -19.23 26.73 27.29
CA ASN A 595 -20.34 27.27 26.52
C ASN A 595 -21.64 26.57 26.85
N TYR A 596 -21.61 25.26 27.08
CA TYR A 596 -22.84 24.57 27.49
C TYR A 596 -23.33 25.07 28.85
N GLU A 597 -22.37 25.33 29.75
CA GLU A 597 -22.67 25.91 31.08
CA GLU A 597 -22.72 25.85 31.08
C GLU A 597 -23.45 27.21 31.01
N ARG A 598 -23.26 27.96 29.93
CA ARG A 598 -23.95 29.26 29.70
CA ARG A 598 -23.95 29.24 29.76
C ARG A 598 -25.42 29.07 29.33
N PHE A 599 -25.74 27.90 28.78
CA PHE A 599 -27.09 27.64 28.26
C PHE A 599 -27.56 26.29 28.75
N MET A 600 -27.45 26.05 30.05
CA MET A 600 -27.72 24.71 30.56
CA MET A 600 -27.72 24.72 30.58
C MET A 600 -29.17 24.28 30.42
N ASP A 601 -30.09 25.25 30.39
CA ASP A 601 -31.47 24.85 30.20
C ASP A 601 -31.70 24.21 28.82
N ALA A 602 -31.10 24.80 27.79
CA ALA A 602 -31.23 24.23 26.42
C ALA A 602 -30.44 22.91 26.32
N PHE A 603 -29.29 22.87 26.99
CA PHE A 603 -28.46 21.67 27.01
C PHE A 603 -29.21 20.44 27.51
N GLN A 604 -30.26 20.63 28.32
CA GLN A 604 -31.03 19.50 28.79
C GLN A 604 -31.55 18.59 27.66
N PHE A 605 -31.90 19.16 26.51
CA PHE A 605 -32.41 18.32 25.44
C PHE A 605 -31.32 17.35 24.96
N ILE A 606 -30.10 17.89 24.85
CA ILE A 606 -28.96 17.03 24.46
C ILE A 606 -28.75 15.94 25.49
N LYS A 607 -28.85 16.30 26.77
CA LYS A 607 -28.73 15.29 27.80
C LYS A 607 -29.80 14.18 27.69
N ASP A 608 -31.04 14.59 27.38
CA ASP A 608 -32.17 13.68 27.44
C ASP A 608 -32.28 12.80 26.20
N VAL A 609 -31.89 13.33 25.05
CA VAL A 609 -32.26 12.69 23.80
C VAL A 609 -31.62 11.31 23.69
N ALA A 610 -32.38 10.35 23.17
CA ALA A 610 -31.88 9.01 22.96
C ALA A 610 -31.02 8.92 21.68
N LEU A 611 -30.39 7.77 21.48
CA LEU A 611 -29.45 7.54 20.34
C LEU A 611 -29.98 6.44 19.41
N ASP A 612 -31.03 5.75 19.84
CA ASP A 612 -31.42 4.49 19.18
C ASP A 612 -32.92 4.34 19.34
N TRP A 613 -33.57 3.77 18.33
CA TRP A 613 -35.00 4.02 18.15
C TRP A 613 -35.80 2.77 17.84
N ASP A 614 -36.98 2.65 18.46
CA ASP A 614 -37.89 1.56 18.10
C ASP A 614 -38.80 1.92 16.93
N GLU A 615 -39.07 3.19 16.73
CA GLU A 615 -39.94 3.66 15.62
C GLU A 615 -39.49 5.03 15.21
N THR A 616 -39.72 5.35 13.94
CA THR A 616 -39.52 6.69 13.41
C THR A 616 -40.70 7.08 12.54
N ASN A 617 -41.25 8.27 12.79
CA ASN A 617 -42.30 8.85 11.97
CA ASN A 617 -42.30 8.84 11.98
C ASN A 617 -41.81 10.11 11.30
N TYR A 618 -41.81 10.11 9.97
CA TYR A 618 -41.36 11.30 9.26
C TYR A 618 -42.57 12.18 9.10
N LEU A 619 -42.63 13.25 9.90
CA LEU A 619 -43.81 14.10 9.93
C LEU A 619 -43.94 15.07 8.74
N GLU A 620 -42.86 15.76 8.43
CA GLU A 620 -42.82 16.68 7.33
C GLU A 620 -41.46 16.56 6.67
N ALA A 621 -41.42 16.68 5.33
CA ALA A 621 -40.12 16.61 4.66
C ALA A 621 -40.22 17.20 3.27
N GLU A 622 -39.37 18.20 3.01
CA GLU A 622 -39.19 18.75 1.67
CA GLU A 622 -39.19 18.78 1.68
C GLU A 622 -37.70 19.10 1.52
N PRO A 623 -37.02 18.42 0.59
CA PRO A 623 -35.57 18.63 0.53
C PRO A 623 -35.21 20.10 0.28
N GLY A 624 -34.20 20.59 1.00
CA GLY A 624 -33.77 21.96 0.86
C GLY A 624 -34.60 22.97 1.64
N GLU A 625 -35.72 22.54 2.20
CA GLU A 625 -36.65 23.47 2.87
CA GLU A 625 -36.66 23.45 2.86
C GLU A 625 -36.93 23.13 4.33
N TYR A 626 -37.35 21.90 4.62
CA TYR A 626 -37.60 21.50 6.02
C TYR A 626 -37.67 20.01 6.21
N ILE A 627 -37.30 19.56 7.41
CA ILE A 627 -37.48 18.18 7.75
C ILE A 627 -37.92 18.10 9.21
N THR A 628 -38.99 17.34 9.48
CA THR A 628 -39.54 17.19 10.84
CA THR A 628 -39.53 17.20 10.83
C THR A 628 -39.76 15.72 11.11
N ILE A 629 -39.15 15.23 12.20
CA ILE A 629 -39.16 13.81 12.46
C ILE A 629 -39.44 13.56 13.93
N ALA A 630 -40.24 12.54 14.18
CA ALA A 630 -40.50 12.05 15.55
C ALA A 630 -39.99 10.65 15.70
N ARG A 631 -39.28 10.37 16.81
CA ARG A 631 -38.77 9.02 17.01
C ARG A 631 -39.06 8.53 18.42
N LYS A 632 -39.32 7.23 18.53
CA LYS A 632 -39.60 6.60 19.81
C LYS A 632 -38.32 5.94 20.35
N ALA A 633 -37.83 6.42 21.50
CA ALA A 633 -36.58 5.87 22.05
C ALA A 633 -36.69 4.37 22.37
N LYS A 634 -35.69 3.60 21.94
CA LYS A 634 -35.72 2.15 22.05
CA LYS A 634 -35.73 2.14 22.05
C LYS A 634 -36.01 1.69 23.47
N ASP A 635 -36.92 0.73 23.61
CA ASP A 635 -37.26 0.13 24.93
C ASP A 635 -37.90 1.13 25.90
N THR A 636 -38.45 2.20 25.34
CA THR A 636 -39.18 3.17 26.15
C THR A 636 -40.51 3.54 25.51
N ASP A 637 -41.27 4.34 26.24
CA ASP A 637 -42.53 4.87 25.73
C ASP A 637 -42.33 6.36 25.46
N ASP A 638 -41.08 6.80 25.31
CA ASP A 638 -40.78 8.23 25.15
C ASP A 638 -40.50 8.59 23.68
N TRP A 639 -40.89 9.78 23.29
CA TRP A 639 -40.68 10.26 21.92
C TRP A 639 -39.85 11.53 21.91
N TYR A 640 -39.06 11.69 20.84
CA TYR A 640 -38.31 12.90 20.64
C TYR A 640 -38.60 13.42 19.24
N VAL A 641 -38.72 14.73 19.12
CA VAL A 641 -39.06 15.34 17.84
C VAL A 641 -38.04 16.41 17.52
N GLY A 642 -37.68 16.53 16.24
CA GLY A 642 -36.89 17.68 15.82
C GLY A 642 -37.38 18.20 14.48
N CYS A 643 -37.17 19.49 14.27
CA CYS A 643 -37.43 20.14 12.97
C CYS A 643 -36.26 21.01 12.63
N THR A 644 -35.75 20.87 11.39
CA THR A 644 -34.71 21.74 10.91
C THR A 644 -35.20 22.43 9.63
N ALA A 645 -34.92 23.74 9.52
CA ALA A 645 -35.44 24.52 8.38
C ALA A 645 -34.41 25.29 7.62
N GLY A 646 -34.72 25.62 6.37
CA GLY A 646 -33.84 26.44 5.54
C GLY A 646 -33.96 27.96 5.69
N GLU A 647 -33.61 28.66 4.61
CA GLU A 647 -33.54 30.11 4.56
CA GLU A 647 -33.52 30.12 4.62
C GLU A 647 -34.86 30.81 4.89
N ASN A 648 -35.97 30.12 4.62
CA ASN A 648 -37.30 30.74 4.77
C ASN A 648 -37.98 30.36 6.08
N GLY A 649 -37.32 29.58 6.93
CA GLY A 649 -37.99 29.10 8.13
C GLY A 649 -39.05 28.10 7.74
N HIS A 650 -39.91 27.73 8.68
CA HIS A 650 -40.96 26.78 8.42
C HIS A 650 -42.01 26.83 9.50
N THR A 651 -43.28 26.85 9.09
CA THR A 651 -44.38 26.77 10.04
C THR A 651 -44.90 25.36 10.11
N SER A 652 -44.93 24.78 11.30
CA SER A 652 -45.40 23.42 11.51
CA SER A 652 -45.42 23.43 11.46
C SER A 652 -46.75 23.40 12.21
N LYS A 653 -47.64 22.52 11.75
CA LYS A 653 -48.88 22.29 12.49
C LYS A 653 -48.84 20.84 12.93
N LEU A 654 -48.21 20.60 14.08
CA LEU A 654 -47.97 19.24 14.55
CA LEU A 654 -47.95 19.25 14.56
C LEU A 654 -49.21 18.65 15.18
N VAL A 655 -49.45 17.39 14.83
CA VAL A 655 -50.55 16.62 15.36
C VAL A 655 -49.95 15.37 16.01
N PHE A 656 -50.18 15.20 17.31
CA PHE A 656 -49.50 14.15 18.07
C PHE A 656 -50.30 12.88 18.19
N ASP A 657 -50.94 12.48 17.10
CA ASP A 657 -51.74 11.23 17.11
C ASP A 657 -50.90 9.95 17.07
N PHE A 658 -49.57 10.09 16.95
CA PHE A 658 -48.71 8.93 17.05
C PHE A 658 -48.46 8.53 18.50
N LEU A 659 -48.82 9.40 19.45
CA LEU A 659 -48.69 9.02 20.87
C LEU A 659 -49.75 7.98 21.24
N THR A 660 -49.61 7.35 22.40
CA THR A 660 -50.47 6.21 22.77
C THR A 660 -51.79 6.69 23.39
N PRO A 661 -52.94 6.18 22.90
CA PRO A 661 -54.20 6.64 23.47
C PRO A 661 -54.27 6.41 24.99
N GLY A 662 -54.76 7.41 25.72
CA GLY A 662 -54.97 7.25 27.16
C GLY A 662 -53.73 7.50 28.01
N LYS A 663 -52.60 7.80 27.38
CA LYS A 663 -51.41 8.14 28.14
C LYS A 663 -51.19 9.65 28.21
N GLN A 664 -50.57 10.10 29.29
CA GLN A 664 -50.18 11.50 29.39
CA GLN A 664 -50.18 11.49 29.46
C GLN A 664 -48.67 11.58 29.28
N TYR A 665 -48.18 12.69 28.75
CA TYR A 665 -46.77 12.86 28.56
C TYR A 665 -46.31 14.22 29.05
N ILE A 666 -45.13 14.23 29.67
CA ILE A 666 -44.47 15.48 30.00
CA ILE A 666 -44.47 15.47 30.00
C ILE A 666 -43.66 15.92 28.79
N ALA A 667 -44.06 17.00 28.17
CA ALA A 667 -43.39 17.50 26.98
C ALA A 667 -42.63 18.78 27.24
N THR A 668 -41.41 18.86 26.72
CA THR A 668 -40.68 20.11 26.80
C THR A 668 -40.32 20.53 25.40
N VAL A 669 -40.73 21.73 25.05
CA VAL A 669 -40.53 22.29 23.71
C VAL A 669 -39.42 23.30 23.74
N TYR A 670 -38.35 23.00 22.99
CA TYR A 670 -37.25 23.92 22.85
C TYR A 670 -37.40 24.56 21.47
N ALA A 671 -37.72 25.85 21.43
CA ALA A 671 -38.08 26.48 20.16
C ALA A 671 -37.37 27.79 19.93
N ASP A 672 -37.33 28.24 18.69
CA ASP A 672 -36.81 29.55 18.37
C ASP A 672 -37.70 30.61 18.99
N ALA A 673 -37.09 31.67 19.50
CA ALA A 673 -37.89 32.84 19.90
C ALA A 673 -38.47 33.49 18.64
N LYS A 674 -39.48 34.34 18.83
CA LYS A 674 -40.17 34.87 17.69
C LYS A 674 -39.27 35.78 16.88
N ASP A 675 -38.25 36.34 17.52
CA ASP A 675 -37.32 37.20 16.78
CA ASP A 675 -37.28 37.23 16.88
C ASP A 675 -35.98 36.52 16.53
N ALA A 676 -35.95 35.20 16.66
CA ALA A 676 -34.70 34.47 16.37
C ALA A 676 -34.35 34.52 14.87
N ASP A 677 -33.06 34.34 14.57
CA ASP A 677 -32.58 34.33 13.20
C ASP A 677 -31.17 33.76 13.27
N TRP A 678 -30.80 32.90 12.30
CA TRP A 678 -29.48 32.26 12.42
C TRP A 678 -28.37 33.31 12.43
N LYS A 679 -28.53 34.40 11.67
CA LYS A 679 -27.46 35.38 11.56
C LYS A 679 -27.54 36.45 12.62
N GLU A 680 -28.70 37.07 12.75
CA GLU A 680 -28.79 38.26 13.59
C GLU A 680 -29.13 37.98 15.05
N ASN A 681 -29.71 36.82 15.36
CA ASN A 681 -30.13 36.48 16.73
C ASN A 681 -30.30 34.97 16.91
N PRO A 682 -29.16 34.24 16.94
CA PRO A 682 -29.17 32.78 16.92
C PRO A 682 -29.38 32.18 18.29
N GLN A 683 -29.08 32.95 19.34
CA GLN A 683 -29.15 32.37 20.68
CA GLN A 683 -29.13 32.39 20.69
C GLN A 683 -30.48 32.67 21.37
N ALA A 684 -31.44 33.17 20.61
CA ALA A 684 -32.79 33.43 21.17
C ALA A 684 -33.70 32.19 21.10
N TYR A 685 -33.96 31.57 22.26
CA TYR A 685 -34.81 30.38 22.32
C TYR A 685 -35.77 30.43 23.50
N THR A 686 -36.80 29.60 23.42
CA THR A 686 -37.78 29.49 24.48
C THR A 686 -37.89 28.04 24.90
N ILE A 687 -38.22 27.80 26.17
CA ILE A 687 -38.45 26.48 26.66
C ILE A 687 -39.78 26.44 27.39
N LYS A 688 -40.66 25.55 26.95
CA LYS A 688 -41.99 25.42 27.52
C LYS A 688 -42.24 24.00 27.94
N LYS A 689 -42.73 23.82 29.17
CA LYS A 689 -42.98 22.50 29.67
C LYS A 689 -44.45 22.34 30.00
N GLY A 690 -45.04 21.24 29.55
CA GLY A 690 -46.47 21.05 29.73
C GLY A 690 -46.86 19.60 29.48
N ILE A 691 -48.14 19.36 29.27
CA ILE A 691 -48.63 18.00 29.11
C ILE A 691 -49.11 17.82 27.67
N LEU A 692 -48.80 16.66 27.08
CA LEU A 692 -49.31 16.31 25.74
C LEU A 692 -50.02 14.95 25.82
N THR A 693 -51.02 14.77 24.96
CA THR A 693 -51.63 13.46 24.74
C THR A 693 -51.74 13.30 23.24
N ASN A 694 -52.25 12.16 22.80
CA ASN A 694 -52.49 11.93 21.39
C ASN A 694 -53.61 12.82 20.79
N LYS A 695 -54.24 13.67 21.61
CA LYS A 695 -55.19 14.67 21.10
C LYS A 695 -54.59 16.06 20.96
N SER A 696 -53.32 16.22 21.37
CA SER A 696 -52.68 17.54 21.32
C SER A 696 -52.26 17.98 19.94
N LYS A 697 -52.16 19.31 19.76
CA LYS A 697 -51.68 19.90 18.52
CA LYS A 697 -51.69 19.88 18.52
C LYS A 697 -50.84 21.08 18.91
N LEU A 698 -49.78 21.34 18.15
CA LEU A 698 -48.94 22.50 18.44
C LEU A 698 -48.63 23.20 17.15
N ASN A 699 -48.77 24.51 17.12
CA ASN A 699 -48.26 25.29 16.02
C ASN A 699 -46.93 25.85 16.42
N LEU A 700 -45.91 25.55 15.62
CA LEU A 700 -44.55 25.99 15.94
C LEU A 700 -43.92 26.62 14.71
N HIS A 701 -43.05 27.58 14.90
CA HIS A 701 -42.37 28.18 13.77
C HIS A 701 -40.87 28.07 13.92
N ALA A 702 -40.23 27.45 12.92
CA ALA A 702 -38.77 27.46 12.82
C ALA A 702 -38.30 28.74 12.12
N ALA A 703 -37.36 29.47 12.73
CA ALA A 703 -36.85 30.71 12.17
C ALA A 703 -36.02 30.42 10.90
N ASN A 704 -35.55 31.47 10.23
CA ASN A 704 -34.57 31.31 9.16
CA ASN A 704 -34.56 31.34 9.16
C ASN A 704 -33.32 30.61 9.70
N GLY A 705 -33.01 29.43 9.17
CA GLY A 705 -31.86 28.66 9.71
C GLY A 705 -32.16 28.17 11.13
N GLY A 706 -33.44 28.06 11.45
CA GLY A 706 -33.89 27.60 12.75
C GLY A 706 -34.54 26.24 12.79
N GLY A 707 -35.23 25.95 13.90
CA GLY A 707 -35.85 24.65 14.09
C GLY A 707 -36.38 24.55 15.50
N TYR A 708 -36.69 23.34 15.94
CA TYR A 708 -37.17 23.15 17.31
C TYR A 708 -36.96 21.71 17.69
N ALA A 709 -36.97 21.45 18.99
CA ALA A 709 -36.85 20.11 19.49
C ALA A 709 -37.86 19.89 20.60
N ILE A 710 -38.35 18.67 20.73
CA ILE A 710 -39.33 18.35 21.78
C ILE A 710 -38.99 17.03 22.40
N SER A 711 -38.91 16.99 23.73
CA SER A 711 -38.91 15.72 24.41
C SER A 711 -40.30 15.44 24.97
N ILE A 712 -40.73 14.19 24.83
CA ILE A 712 -42.10 13.77 25.13
C ILE A 712 -42.02 12.48 25.91
N LYS A 713 -42.00 12.62 27.25
CA LYS A 713 -41.77 11.49 28.12
C LYS A 713 -43.05 11.06 28.79
N GLU A 714 -43.34 9.77 28.74
CA GLU A 714 -44.58 9.26 29.33
C GLU A 714 -44.53 9.46 30.83
N VAL A 715 -45.65 9.93 31.38
CA VAL A 715 -45.75 10.16 32.81
C VAL A 715 -45.50 8.89 33.60
N GLN B 11 39.40 26.09 -6.03
CA GLN B 11 39.37 24.64 -6.43
C GLN B 11 39.83 23.76 -5.28
N GLN B 12 39.08 22.69 -5.02
CA GLN B 12 39.42 21.80 -3.92
C GLN B 12 40.07 20.55 -4.50
N LYS B 13 41.02 19.96 -3.78
CA LYS B 13 41.70 18.77 -4.24
CA LYS B 13 41.68 18.75 -4.24
CA LYS B 13 41.70 18.77 -4.24
C LYS B 13 41.70 17.74 -3.11
N LEU B 14 41.30 16.51 -3.43
CA LEU B 14 41.29 15.45 -2.46
C LEU B 14 42.12 14.32 -3.04
N THR B 15 42.98 13.71 -2.23
CA THR B 15 43.81 12.63 -2.76
CA THR B 15 43.87 12.67 -2.72
C THR B 15 43.67 11.37 -1.93
N SER B 16 43.85 10.24 -2.59
CA SER B 16 43.78 8.96 -1.87
C SER B 16 44.94 8.81 -0.88
N PRO B 17 44.79 7.90 0.09
CA PRO B 17 45.88 7.70 1.04
C PRO B 17 47.20 7.32 0.35
N ASP B 18 47.15 6.58 -0.74
CA ASP B 18 48.37 6.16 -1.45
C ASP B 18 48.80 7.15 -2.56
N ASN B 19 48.11 8.27 -2.65
CA ASN B 19 48.45 9.33 -3.60
C ASN B 19 48.22 9.01 -5.06
N ASN B 20 47.62 7.86 -5.36
CA ASN B 20 47.40 7.49 -6.74
C ASN B 20 46.16 8.08 -7.36
N LEU B 21 45.14 8.38 -6.55
CA LEU B 21 43.90 8.99 -7.07
C LEU B 21 43.78 10.44 -6.64
N VAL B 22 43.34 11.30 -7.56
CA VAL B 22 43.10 12.71 -7.18
C VAL B 22 41.73 13.16 -7.66
N MET B 23 40.94 13.71 -6.75
CA MET B 23 39.63 14.27 -7.11
CA MET B 23 39.66 14.27 -7.14
C MET B 23 39.71 15.78 -7.00
N THR B 24 39.30 16.48 -8.03
CA THR B 24 39.25 17.93 -7.89
CA THR B 24 39.27 17.93 -7.98
C THR B 24 37.83 18.41 -8.02
N PHE B 25 37.50 19.42 -7.24
CA PHE B 25 36.13 19.94 -7.21
C PHE B 25 36.13 21.46 -7.29
N GLN B 26 35.09 21.97 -7.94
CA GLN B 26 34.85 23.40 -7.94
C GLN B 26 33.46 23.66 -8.52
N VAL B 27 32.94 24.86 -8.30
CA VAL B 27 31.72 25.24 -9.00
C VAL B 27 32.08 25.98 -10.27
N ASP B 28 31.31 25.78 -11.33
CA ASP B 28 31.56 26.51 -12.56
C ASP B 28 31.04 27.98 -12.46
N SER B 29 31.10 28.73 -13.55
CA SER B 29 30.78 30.15 -13.49
C SER B 29 29.27 30.45 -13.30
N LYS B 30 28.43 29.41 -13.38
CA LYS B 30 27.01 29.53 -13.07
C LYS B 30 26.70 28.78 -11.75
N GLY B 31 27.74 28.37 -11.04
CA GLY B 31 27.59 27.76 -9.71
C GLY B 31 27.19 26.29 -9.79
N ALA B 32 27.50 25.60 -10.89
CA ALA B 32 27.21 24.16 -10.95
C ALA B 32 28.38 23.38 -10.34
N PRO B 33 28.08 22.55 -9.32
CA PRO B 33 29.11 21.71 -8.71
C PRO B 33 29.73 20.77 -9.73
N THR B 34 31.06 20.73 -9.78
CA THR B 34 31.75 20.00 -10.83
C THR B 34 32.90 19.22 -10.20
N TYR B 35 33.04 17.94 -10.56
CA TYR B 35 34.17 17.14 -10.07
C TYR B 35 34.87 16.42 -11.22
N GLU B 36 36.10 15.96 -10.95
CA GLU B 36 36.81 15.10 -11.89
C GLU B 36 37.71 14.17 -11.08
N LEU B 37 38.12 13.07 -11.70
CA LEU B 37 38.89 12.08 -10.97
C LEU B 37 39.97 11.53 -11.87
N THR B 38 41.20 11.49 -11.36
CA THR B 38 42.29 10.84 -12.07
C THR B 38 42.87 9.69 -11.23
N TYR B 39 43.46 8.72 -11.92
CA TYR B 39 44.10 7.55 -11.31
C TYR B 39 45.43 7.35 -12.01
N LYS B 40 46.53 7.41 -11.25
CA LYS B 40 47.86 7.24 -11.82
CA LYS B 40 47.87 7.26 -11.79
C LYS B 40 48.04 8.19 -13.01
N ASN B 41 47.57 9.43 -12.84
CA ASN B 41 47.67 10.47 -13.86
C ASN B 41 46.81 10.25 -15.09
N LYS B 42 45.94 9.24 -15.07
CA LYS B 42 45.02 9.00 -16.17
C LYS B 42 43.63 9.47 -15.79
N VAL B 43 42.96 10.19 -16.68
CA VAL B 43 41.61 10.65 -16.42
C VAL B 43 40.66 9.46 -16.33
N VAL B 44 39.90 9.41 -15.23
CA VAL B 44 38.89 8.36 -15.00
C VAL B 44 37.50 8.98 -15.20
N ILE B 45 37.27 10.13 -14.56
CA ILE B 45 36.03 10.90 -14.73
C ILE B 45 36.41 12.30 -15.22
N LYS B 46 36.02 12.64 -16.45
CA LYS B 46 36.20 14.01 -16.97
C LYS B 46 35.33 14.97 -16.15
N PRO B 47 35.58 16.29 -16.23
CA PRO B 47 34.73 17.23 -15.50
C PRO B 47 33.23 16.90 -15.67
N SER B 48 32.55 16.70 -14.55
CA SER B 48 31.20 16.18 -14.54
C SER B 48 30.40 16.93 -13.49
N THR B 49 29.14 17.25 -13.78
CA THR B 49 28.38 18.06 -12.83
C THR B 49 27.55 17.16 -11.89
N LEU B 50 27.14 17.78 -10.78
CA LEU B 50 26.38 17.14 -9.71
C LEU B 50 25.23 18.08 -9.36
N GLY B 51 24.06 17.53 -9.05
CA GLY B 51 22.94 18.38 -8.65
C GLY B 51 21.65 17.60 -8.84
N LEU B 52 20.53 18.23 -8.44
CA LEU B 52 19.21 17.66 -8.62
C LEU B 52 18.24 18.70 -9.13
N GLU B 53 17.17 18.24 -9.77
CA GLU B 53 16.05 19.09 -10.08
C GLU B 53 14.87 18.66 -9.19
N LEU B 54 14.21 19.61 -8.54
CA LEU B 54 13.06 19.28 -7.64
C LEU B 54 11.73 19.51 -8.37
N LYS B 55 10.70 18.74 -8.00
CA LYS B 55 9.35 18.97 -8.52
C LYS B 55 8.87 20.35 -8.05
N LYS B 56 8.17 21.05 -8.92
CA LYS B 56 7.59 22.35 -8.55
C LYS B 56 6.52 22.14 -7.48
N GLU B 57 6.49 23.04 -6.49
CA GLU B 57 5.49 22.96 -5.43
C GLU B 57 4.11 23.22 -5.96
N ASP B 76 9.96 28.01 -11.66
CA ASP B 76 10.42 28.81 -10.53
C ASP B 76 11.76 28.34 -9.94
N SER B 77 12.34 29.23 -9.15
CA SER B 77 13.67 29.10 -8.64
C SER B 77 13.88 27.88 -7.73
N LYS B 78 12.86 27.52 -6.96
CA LYS B 78 13.01 26.43 -5.98
C LYS B 78 13.22 25.06 -6.61
N THR B 79 12.88 24.90 -7.88
CA THR B 79 13.07 23.61 -8.56
C THR B 79 14.55 23.32 -8.85
N ASN B 80 15.36 24.38 -8.77
CA ASN B 80 16.77 24.29 -9.11
C ASN B 80 17.60 23.93 -7.91
N LEU B 81 18.09 22.68 -7.84
CA LEU B 81 19.07 22.30 -6.84
C LEU B 81 20.30 21.79 -7.61
N TYR B 82 20.63 22.44 -8.72
CA TYR B 82 21.75 21.96 -9.54
C TYR B 82 22.76 23.06 -9.88
N ASP B 83 22.39 24.32 -9.74
CA ASP B 83 23.46 25.36 -9.89
C ASP B 83 23.17 26.61 -9.06
N GLY B 84 23.94 27.69 -9.25
CA GLY B 84 23.73 28.84 -8.39
C GLY B 84 24.32 28.63 -7.01
N PHE B 85 25.22 27.65 -6.89
CA PHE B 85 25.88 27.39 -5.63
C PHE B 85 27.23 28.14 -5.49
N GLU B 86 27.57 28.45 -4.24
CA GLU B 86 28.91 28.91 -3.86
C GLU B 86 29.44 28.04 -2.73
N VAL B 87 30.75 27.82 -2.72
CA VAL B 87 31.35 27.03 -1.68
C VAL B 87 31.36 27.88 -0.41
N LYS B 88 30.62 27.45 0.61
CA LYS B 88 30.48 28.24 1.83
C LYS B 88 31.50 27.79 2.86
N ASP B 89 31.75 26.49 2.92
CA ASP B 89 32.63 25.90 3.92
CA ASP B 89 32.78 25.99 3.79
C ASP B 89 33.13 24.55 3.40
N THR B 90 34.26 24.09 3.94
CA THR B 90 34.76 22.76 3.61
C THR B 90 35.37 22.13 4.86
N GLN B 91 35.25 20.81 4.98
CA GLN B 91 35.83 20.08 6.12
CA GLN B 91 35.78 20.07 6.12
C GLN B 91 36.50 18.82 5.59
N THR B 92 37.67 18.50 6.12
CA THR B 92 38.40 17.31 5.67
C THR B 92 38.61 16.42 6.87
N ALA B 93 38.79 15.14 6.59
CA ALA B 93 39.03 14.17 7.66
C ALA B 93 39.62 12.93 7.04
N THR B 94 40.31 12.14 7.86
CA THR B 94 40.83 10.85 7.40
C THR B 94 40.25 9.82 8.36
N PHE B 95 39.92 8.64 7.82
CA PHE B 95 39.34 7.57 8.61
C PHE B 95 40.10 6.30 8.31
N ASP B 96 40.43 5.53 9.34
CA ASP B 96 41.15 4.30 9.14
C ASP B 96 40.83 3.33 10.24
N GLU B 97 39.79 2.50 10.03
CA GLU B 97 39.41 1.53 11.05
CA GLU B 97 39.36 1.54 11.04
C GLU B 97 39.05 0.21 10.37
N THR B 98 39.26 -0.88 11.07
CA THR B 98 38.98 -2.22 10.56
CA THR B 98 38.99 -2.19 10.53
C THR B 98 37.76 -2.76 11.26
N TRP B 99 36.95 -3.56 10.54
CA TRP B 99 35.74 -4.11 11.14
C TRP B 99 35.53 -5.50 10.59
N GLN B 100 34.67 -6.28 11.25
CA GLN B 100 34.49 -7.68 10.84
C GLN B 100 33.06 -7.92 10.41
N PRO B 101 32.86 -8.39 9.17
CA PRO B 101 31.49 -8.76 8.82
C PRO B 101 31.05 -10.02 9.54
N VAL B 102 29.74 -10.27 9.59
CA VAL B 102 29.25 -11.51 10.21
C VAL B 102 29.61 -12.70 9.34
N TRP B 103 29.50 -12.51 8.02
CA TRP B 103 29.87 -13.49 7.02
C TRP B 103 30.48 -12.71 5.86
N GLY B 104 31.36 -13.34 5.10
CA GLY B 104 31.99 -12.60 4.01
C GLY B 104 33.11 -13.32 3.31
N GLU B 105 33.81 -12.58 2.45
CA GLU B 105 34.90 -13.10 1.68
C GLU B 105 36.20 -13.08 2.48
N GLU B 106 36.22 -12.38 3.60
CA GLU B 106 37.40 -12.37 4.47
C GLU B 106 36.95 -12.02 5.87
N LYS B 107 37.83 -12.25 6.85
CA LYS B 107 37.45 -12.06 8.23
C LYS B 107 37.32 -10.59 8.62
N GLU B 108 38.18 -9.77 8.03
CA GLU B 108 38.29 -8.36 8.40
C GLU B 108 38.40 -7.46 7.19
N ILE B 109 37.75 -6.30 7.25
CA ILE B 109 37.77 -5.33 6.15
C ILE B 109 38.31 -4.02 6.70
N ARG B 110 39.22 -3.40 5.95
CA ARG B 110 39.75 -2.11 6.36
C ARG B 110 38.97 -1.01 5.64
N ASN B 111 38.58 0.02 6.38
CA ASN B 111 37.83 1.16 5.84
C ASN B 111 38.75 2.36 6.02
N HIS B 112 39.40 2.76 4.92
CA HIS B 112 40.49 3.74 4.98
C HIS B 112 40.30 4.73 3.86
N TYR B 113 39.97 5.98 4.19
CA TYR B 113 39.74 6.97 3.16
C TYR B 113 40.13 8.36 3.62
N ASN B 114 40.44 9.23 2.65
CA ASN B 114 40.41 10.65 2.93
C ASN B 114 39.07 11.26 2.48
N GLU B 115 38.51 12.14 3.31
CA GLU B 115 37.20 12.73 3.03
C GLU B 115 37.29 14.23 2.81
N LEU B 116 36.44 14.74 1.93
CA LEU B 116 36.22 16.19 1.79
C LEU B 116 34.72 16.41 1.82
N ALA B 117 34.24 17.25 2.72
CA ALA B 117 32.82 17.63 2.70
C ALA B 117 32.73 19.10 2.29
N VAL B 118 31.90 19.40 1.30
CA VAL B 118 31.77 20.78 0.80
C VAL B 118 30.37 21.29 1.07
N THR B 119 30.24 22.40 1.81
CA THR B 119 28.91 22.99 2.05
C THR B 119 28.66 24.00 0.95
N LEU B 120 27.56 23.82 0.22
CA LEU B 120 27.20 24.61 -0.95
C LEU B 120 25.96 25.43 -0.64
N TYR B 121 26.11 26.76 -0.67
CA TYR B 121 25.01 27.63 -0.38
C TYR B 121 24.44 28.18 -1.67
N GLN B 122 23.12 28.22 -1.78
CA GLN B 122 22.45 28.69 -2.96
C GLN B 122 21.72 30.01 -2.64
N PRO B 123 22.36 31.15 -2.91
CA PRO B 123 21.74 32.40 -2.42
C PRO B 123 20.33 32.63 -2.95
N MET B 124 20.06 32.24 -4.19
CA MET B 124 18.76 32.57 -4.78
C MET B 124 17.58 31.88 -4.05
N ASN B 125 17.85 30.76 -3.38
CA ASN B 125 16.83 30.02 -2.64
C ASN B 125 17.12 30.01 -1.14
N ASP B 126 18.17 30.73 -0.72
CA ASP B 126 18.57 30.77 0.69
C ASP B 126 18.60 29.39 1.38
N ARG B 127 19.30 28.46 0.76
CA ARG B 127 19.39 27.09 1.32
C ARG B 127 20.72 26.50 0.94
N SER B 128 21.15 25.50 1.71
CA SER B 128 22.45 24.86 1.52
C SER B 128 22.31 23.34 1.41
N ILE B 129 23.22 22.74 0.67
CA ILE B 129 23.40 21.27 0.71
C ILE B 129 24.86 20.97 1.00
N VAL B 130 25.17 19.71 1.31
CA VAL B 130 26.56 19.31 1.48
C VAL B 130 26.83 18.20 0.47
N ILE B 131 27.97 18.26 -0.23
CA ILE B 131 28.38 17.08 -0.96
C ILE B 131 29.58 16.51 -0.25
N ARG B 132 29.49 15.22 0.12
CA ARG B 132 30.58 14.55 0.85
C ARG B 132 31.28 13.56 -0.07
N PHE B 133 32.60 13.65 -0.13
CA PHE B 133 33.42 12.78 -1.00
C PHE B 133 34.33 11.96 -0.12
N ARG B 134 34.41 10.66 -0.39
CA ARG B 134 35.36 9.78 0.30
C ARG B 134 36.22 9.08 -0.71
N LEU B 135 37.52 9.31 -0.60
CA LEU B 135 38.45 8.81 -1.59
C LEU B 135 39.36 7.76 -1.00
N PHE B 136 39.23 6.56 -1.58
CA PHE B 136 39.99 5.35 -1.23
C PHE B 136 41.10 5.06 -2.22
N ASN B 137 42.01 4.13 -1.90
CA ASN B 137 43.01 3.75 -2.89
C ASN B 137 42.42 3.04 -4.11
N ASP B 138 41.17 2.61 -3.99
CA ASP B 138 40.56 1.94 -5.12
C ASP B 138 39.31 2.64 -5.65
N GLY B 139 39.08 3.88 -5.24
CA GLY B 139 38.02 4.66 -5.88
C GLY B 139 37.35 5.70 -5.03
N LEU B 140 36.27 6.25 -5.56
CA LEU B 140 35.65 7.43 -4.99
C LEU B 140 34.17 7.14 -4.72
N GLY B 141 33.71 7.56 -3.54
CA GLY B 141 32.25 7.62 -3.28
C GLY B 141 31.86 9.05 -2.96
N PHE B 142 30.65 9.43 -3.37
CA PHE B 142 30.12 10.73 -2.97
C PHE B 142 28.64 10.61 -2.72
N ARG B 143 28.10 11.51 -1.92
CA ARG B 143 26.65 11.57 -1.74
C ARG B 143 26.27 13.01 -1.48
N TYR B 144 24.99 13.32 -1.65
CA TYR B 144 24.47 14.65 -1.31
C TYR B 144 23.77 14.55 0.02
N GLU B 145 23.92 15.62 0.81
CA GLU B 145 23.30 15.69 2.12
C GLU B 145 22.46 16.96 2.23
N PHE B 146 21.28 16.80 2.82
CA PHE B 146 20.34 17.92 2.86
C PHE B 146 20.02 18.23 4.32
N PRO B 147 20.70 19.23 4.89
CA PRO B 147 20.48 19.55 6.29
C PRO B 147 19.08 20.13 6.55
N GLN B 148 18.59 19.92 7.76
CA GLN B 148 17.35 20.56 8.17
C GLN B 148 17.62 22.05 8.28
N GLN B 149 16.73 22.84 7.74
CA GLN B 149 16.94 24.30 7.67
C GLN B 149 15.62 24.97 7.36
N LYS B 150 15.59 26.29 7.53
CA LYS B 150 14.35 26.98 7.35
C LYS B 150 13.73 26.77 5.97
N SER B 151 14.56 26.72 4.92
CA SER B 151 14.02 26.72 3.56
CA SER B 151 14.17 26.75 3.53
C SER B 151 14.22 25.41 2.80
N LEU B 152 14.50 24.33 3.51
CA LEU B 152 14.55 23.02 2.88
C LEU B 152 14.09 21.99 3.91
N ASN B 153 12.84 21.55 3.74
CA ASN B 153 12.27 20.59 4.67
C ASN B 153 11.72 19.39 3.90
N TYR B 154 10.51 19.52 3.41
CA TYR B 154 9.93 18.48 2.52
C TYR B 154 10.13 18.85 1.09
N PHE B 155 10.58 17.91 0.27
CA PHE B 155 10.74 18.21 -1.15
C PHE B 155 10.65 16.93 -1.93
N VAL B 156 10.34 17.03 -3.21
CA VAL B 156 10.23 15.86 -4.06
C VAL B 156 11.24 16.00 -5.18
N ILE B 157 11.95 14.93 -5.46
CA ILE B 157 12.94 14.93 -6.53
C ILE B 157 12.31 14.65 -7.88
N LYS B 158 12.49 15.56 -8.84
CA LYS B 158 12.07 15.30 -10.21
CA LYS B 158 12.09 15.32 -10.22
C LYS B 158 13.10 14.42 -10.91
N GLU B 159 14.38 14.80 -10.83
CA GLU B 159 15.49 13.99 -11.36
CA GLU B 159 15.45 13.91 -11.27
C GLU B 159 16.76 14.26 -10.58
N GLU B 160 17.61 13.25 -10.44
CA GLU B 160 18.95 13.48 -9.94
C GLU B 160 19.82 13.59 -11.17
N HIS B 161 20.81 14.50 -11.10
CA HIS B 161 21.70 14.75 -12.23
C HIS B 161 23.16 14.55 -11.82
N SER B 162 23.48 13.37 -11.32
CA SER B 162 24.88 13.05 -11.05
C SER B 162 25.50 12.51 -12.33
N GLN B 163 26.54 13.20 -12.82
CA GLN B 163 27.24 12.81 -14.04
C GLN B 163 28.51 12.00 -13.79
N PHE B 164 28.80 11.11 -14.74
CA PHE B 164 30.05 10.35 -14.77
C PHE B 164 30.58 10.42 -16.21
N GLY B 165 31.44 11.41 -16.48
CA GLY B 165 31.89 11.61 -17.86
C GLY B 165 33.09 10.70 -18.15
N MET B 166 32.98 9.90 -19.20
CA MET B 166 34.02 8.95 -19.50
C MET B 166 35.07 9.58 -20.39
N ASN B 167 36.29 9.03 -20.35
CA ASN B 167 37.40 9.60 -21.17
C ASN B 167 37.58 8.95 -22.53
N GLY B 168 36.70 8.01 -22.86
CA GLY B 168 36.79 7.29 -24.12
C GLY B 168 35.56 6.46 -24.37
N ASP B 169 35.48 5.90 -25.57
CA ASP B 169 34.48 4.94 -25.94
C ASP B 169 34.87 3.57 -25.38
N HIS B 170 34.64 3.36 -24.09
CA HIS B 170 35.10 2.14 -23.42
C HIS B 170 34.31 0.91 -23.82
N ILE B 171 34.82 -0.26 -23.47
CA ILE B 171 34.05 -1.49 -23.56
C ILE B 171 33.22 -1.53 -22.28
N ALA B 172 31.94 -1.83 -22.40
CA ALA B 172 31.07 -1.96 -21.23
C ALA B 172 30.47 -3.37 -21.18
N PHE B 173 30.17 -3.81 -19.94
CA PHE B 173 29.51 -5.09 -19.69
C PHE B 173 28.18 -4.67 -19.02
N TRP B 174 27.09 -4.75 -19.77
CA TRP B 174 25.88 -4.06 -19.35
C TRP B 174 24.60 -4.87 -19.55
N ILE B 175 23.57 -4.55 -18.76
CA ILE B 175 22.21 -4.98 -19.06
C ILE B 175 21.30 -3.76 -19.20
N PRO B 176 20.19 -3.89 -19.94
CA PRO B 176 19.27 -2.77 -20.18
C PRO B 176 18.76 -2.13 -18.89
N GLY B 177 18.77 -0.79 -18.83
CA GLY B 177 18.12 -0.06 -17.75
C GLY B 177 16.64 -0.40 -17.70
N ASP B 178 16.14 -0.68 -16.51
CA ASP B 178 14.78 -1.26 -16.41
C ASP B 178 14.31 -1.06 -14.98
N TYR B 179 13.06 -0.60 -14.82
CA TYR B 179 12.53 -0.30 -13.50
C TYR B 179 12.02 -1.55 -12.79
N ASP B 180 11.97 -2.67 -13.50
CA ASP B 180 11.23 -3.83 -12.96
C ASP B 180 11.94 -5.19 -12.96
N THR B 181 12.93 -5.37 -13.84
CA THR B 181 13.71 -6.63 -13.84
C THR B 181 15.19 -6.37 -14.08
N GLN B 182 16.02 -7.31 -13.60
CA GLN B 182 17.43 -7.38 -13.94
C GLN B 182 17.75 -8.71 -14.59
N GLU B 183 16.72 -9.45 -14.98
CA GLU B 183 16.91 -10.86 -15.39
C GLU B 183 17.37 -10.96 -16.85
N TYR B 184 18.32 -10.12 -17.23
CA TYR B 184 18.77 -10.07 -18.64
C TYR B 184 20.18 -10.64 -18.75
N ASP B 185 20.48 -11.28 -19.90
CA ASP B 185 21.88 -11.60 -20.23
C ASP B 185 22.65 -10.30 -20.48
N TYR B 186 23.92 -10.30 -20.09
CA TYR B 186 24.84 -9.19 -20.36
C TYR B 186 25.19 -9.10 -21.83
N THR B 187 25.46 -7.88 -22.24
CA THR B 187 26.02 -7.57 -23.54
C THR B 187 27.39 -6.97 -23.32
N ILE B 188 28.37 -7.33 -24.18
CA ILE B 188 29.68 -6.71 -24.11
C ILE B 188 29.83 -5.88 -25.39
N SER B 189 29.96 -4.57 -25.24
CA SER B 189 30.08 -3.71 -26.42
C SER B 189 30.74 -2.40 -26.07
N ARG B 190 31.14 -1.66 -27.10
CA ARG B 190 31.56 -0.31 -26.86
C ARG B 190 30.35 0.51 -26.43
N LEU B 191 30.63 1.61 -25.74
CA LEU B 191 29.56 2.52 -25.34
C LEU B 191 28.80 3.02 -26.58
N SER B 192 29.53 3.25 -27.68
CA SER B 192 28.92 3.79 -28.88
C SER B 192 28.00 2.78 -29.52
N GLU B 193 28.11 1.52 -29.10
CA GLU B 193 27.32 0.43 -29.69
C GLU B 193 26.05 0.08 -28.90
N ILE B 194 25.92 0.66 -27.72
CA ILE B 194 24.78 0.33 -26.87
C ILE B 194 23.43 0.62 -27.54
N ARG B 195 23.30 1.83 -28.06
CA ARG B 195 22.07 2.25 -28.70
C ARG B 195 21.61 1.23 -29.75
N GLY B 196 22.55 0.77 -30.58
CA GLY B 196 22.23 -0.19 -31.64
C GLY B 196 21.86 -1.57 -31.17
N LEU B 197 22.27 -1.91 -29.94
CA LEU B 197 22.12 -3.26 -29.42
C LEU B 197 20.97 -3.37 -28.42
N MET B 198 20.45 -2.24 -27.98
CA MET B 198 19.44 -2.22 -26.91
C MET B 198 18.22 -3.06 -27.25
N LYS B 199 17.68 -2.92 -28.47
CA LYS B 199 16.46 -3.65 -28.79
C LYS B 199 16.61 -5.16 -28.62
N GLU B 200 17.70 -5.71 -29.14
CA GLU B 200 18.02 -7.14 -29.04
CA GLU B 200 17.89 -7.15 -29.01
C GLU B 200 18.32 -7.55 -27.59
N ALA B 201 18.90 -6.63 -26.82
CA ALA B 201 19.30 -6.93 -25.43
C ALA B 201 18.09 -7.05 -24.50
N ILE B 202 16.99 -6.38 -24.85
CA ILE B 202 15.74 -6.48 -24.04
C ILE B 202 14.91 -7.69 -24.47
N THR B 203 15.07 -8.78 -23.73
CA THR B 203 14.33 -9.99 -24.00
C THR B 203 13.06 -10.02 -23.13
N PRO B 204 12.11 -10.91 -23.46
CA PRO B 204 10.85 -10.85 -22.75
C PRO B 204 10.88 -11.18 -21.27
N ASN B 205 10.06 -10.48 -20.48
CA ASN B 205 9.92 -10.75 -19.06
C ASN B 205 8.52 -10.33 -18.63
N SER B 206 7.95 -11.06 -17.68
CA SER B 206 6.57 -10.81 -17.28
C SER B 206 6.42 -9.47 -16.55
N SER B 207 7.52 -8.89 -16.07
CA SER B 207 7.45 -7.50 -15.56
C SER B 207 8.72 -6.79 -15.93
N GLN B 208 8.60 -5.85 -16.86
CA GLN B 208 9.77 -5.10 -17.32
C GLN B 208 9.37 -3.73 -17.79
N THR B 209 10.20 -2.75 -17.47
CA THR B 209 9.99 -1.36 -17.94
C THR B 209 11.33 -0.70 -18.28
N PRO B 210 11.80 -0.88 -19.51
CA PRO B 210 13.00 -0.19 -19.96
C PRO B 210 12.70 1.28 -20.09
N PHE B 211 13.71 2.15 -20.02
CA PHE B 211 13.41 3.58 -20.02
C PHE B 211 14.15 4.37 -21.09
N SER B 212 15.18 3.78 -21.68
CA SER B 212 16.00 4.54 -22.66
C SER B 212 16.73 3.61 -23.61
N GLN B 213 16.89 4.07 -24.87
CA GLN B 213 17.64 3.29 -25.81
C GLN B 213 19.13 3.22 -25.45
N THR B 214 19.55 4.04 -24.48
CA THR B 214 20.93 4.03 -23.97
C THR B 214 20.99 3.97 -22.45
N GLY B 215 19.94 3.40 -21.86
CA GLY B 215 19.92 3.24 -20.42
C GLY B 215 20.44 1.86 -20.01
N VAL B 216 21.24 1.84 -18.96
CA VAL B 216 21.81 0.60 -18.42
C VAL B 216 21.65 0.57 -16.91
N GLN B 217 21.74 -0.63 -16.34
CA GLN B 217 21.71 -0.74 -14.89
C GLN B 217 23.08 -0.62 -14.26
N THR B 218 23.09 -0.50 -12.94
CA THR B 218 24.27 -0.48 -12.08
CA THR B 218 24.34 -0.59 -12.17
C THR B 218 24.25 -1.84 -11.31
N ALA B 219 25.40 -2.40 -10.91
CA ALA B 219 26.75 -1.91 -11.15
C ALA B 219 27.13 -2.12 -12.62
N LEU B 220 27.65 -1.05 -13.21
CA LEU B 220 28.12 -1.08 -14.57
C LEU B 220 29.64 -1.30 -14.61
N MET B 221 30.12 -2.26 -15.40
CA MET B 221 31.55 -2.51 -15.47
C MET B 221 32.10 -2.11 -16.83
N MET B 222 33.25 -1.48 -16.84
CA MET B 222 33.88 -1.03 -18.11
C MET B 222 35.38 -1.37 -18.16
N LYS B 223 35.90 -1.59 -19.37
CA LYS B 223 37.35 -1.77 -19.55
C LYS B 223 37.79 -0.72 -20.58
N THR B 224 38.81 0.05 -20.23
CA THR B 224 39.26 1.14 -21.09
C THR B 224 40.44 0.76 -21.97
N ASP B 225 40.62 1.53 -23.05
CA ASP B 225 41.71 1.28 -23.97
C ASP B 225 43.05 1.58 -23.32
N ASP B 226 43.08 2.46 -22.34
CA ASP B 226 44.36 2.75 -21.68
C ASP B 226 44.61 1.91 -20.41
N GLY B 227 44.01 0.72 -20.37
CA GLY B 227 44.33 -0.27 -19.34
C GLY B 227 43.62 -0.17 -18.00
N LEU B 228 42.55 0.60 -17.90
CA LEU B 228 41.83 0.70 -16.62
C LEU B 228 40.56 -0.15 -16.63
N TYR B 229 40.13 -0.54 -15.43
CA TYR B 229 38.83 -1.16 -15.21
C TYR B 229 38.06 -0.18 -14.33
N ILE B 230 36.83 0.14 -14.72
CA ILE B 230 36.04 1.14 -13.97
C ILE B 230 34.65 0.58 -13.67
N ASN B 231 34.23 0.67 -12.42
CA ASN B 231 32.88 0.18 -12.05
C ASN B 231 32.08 1.36 -11.50
N LEU B 232 30.88 1.57 -12.04
CA LEU B 232 29.97 2.63 -11.56
C LEU B 232 28.77 2.00 -10.83
N HIS B 233 28.49 2.46 -9.62
CA HIS B 233 27.46 1.82 -8.79
C HIS B 233 26.97 2.77 -7.70
N GLU B 234 26.18 2.26 -6.76
CA GLU B 234 25.74 3.07 -5.64
C GLU B 234 25.79 2.19 -4.41
N ALA B 235 25.77 2.83 -3.26
CA ALA B 235 25.87 2.13 -1.96
C ALA B 235 24.87 2.71 -1.00
N ALA B 236 24.26 1.82 -0.17
CA ALA B 236 23.33 2.25 0.89
C ALA B 236 22.05 2.85 0.31
N LEU B 237 21.42 2.11 -0.59
CA LEU B 237 20.17 2.53 -1.18
C LEU B 237 18.99 2.39 -0.20
N VAL B 238 18.78 3.45 0.58
CA VAL B 238 17.82 3.46 1.65
CA VAL B 238 17.76 3.43 1.60
C VAL B 238 16.99 4.74 1.58
N ASP B 239 15.68 4.63 1.69
CA ASP B 239 14.79 5.82 1.71
C ASP B 239 14.99 6.67 0.45
N TYR B 240 15.08 5.98 -0.68
CA TYR B 240 15.41 6.64 -1.95
C TYR B 240 15.12 5.70 -3.07
N SER B 241 14.96 6.25 -4.28
CA SER B 241 14.69 5.43 -5.46
C SER B 241 15.96 4.87 -6.11
N CYS B 242 15.90 3.67 -6.67
CA CYS B 242 17.05 3.01 -7.31
C CYS B 242 17.62 3.81 -8.48
N MET B 243 18.94 3.91 -8.51
CA MET B 243 19.65 4.61 -9.59
C MET B 243 20.01 3.68 -10.73
N HIS B 244 19.67 4.11 -11.95
CA HIS B 244 20.17 3.52 -13.17
C HIS B 244 21.05 4.56 -13.84
N LEU B 245 21.59 4.23 -15.00
CA LEU B 245 22.43 5.22 -15.71
C LEU B 245 21.93 5.40 -17.12
N ASN B 246 21.87 6.64 -17.57
CA ASN B 246 21.52 6.89 -18.93
C ASN B 246 22.73 7.48 -19.67
N LEU B 247 23.07 6.92 -20.82
CA LEU B 247 24.26 7.37 -21.54
C LEU B 247 23.94 8.39 -22.60
N ASP B 248 24.63 9.53 -22.52
CA ASP B 248 24.74 10.50 -23.65
C ASP B 248 25.87 9.94 -24.52
N ASP B 249 25.52 9.34 -25.65
CA ASP B 249 26.52 8.64 -26.42
C ASP B 249 27.21 9.53 -27.48
N LYS B 250 26.96 10.83 -27.40
CA LYS B 250 27.74 11.79 -28.16
C LYS B 250 28.91 12.23 -27.31
N ASN B 251 28.64 12.60 -26.07
CA ASN B 251 29.69 13.10 -25.17
C ASN B 251 30.30 12.02 -24.28
N MET B 252 29.78 10.81 -24.37
CA MET B 252 30.16 9.70 -23.47
C MET B 252 30.03 10.07 -22.00
N VAL B 253 28.84 10.55 -21.61
CA VAL B 253 28.61 10.88 -20.21
C VAL B 253 27.44 10.03 -19.71
N PHE B 254 27.67 9.25 -18.65
CA PHE B 254 26.54 8.59 -17.97
C PHE B 254 25.93 9.52 -16.96
N GLU B 255 24.62 9.46 -16.80
CA GLU B 255 24.00 10.28 -15.81
C GLU B 255 22.99 9.48 -15.00
N SER B 256 22.93 9.74 -13.70
CA SER B 256 21.94 9.10 -12.83
C SER B 256 20.53 9.24 -13.40
N TRP B 257 19.78 8.14 -13.40
CA TRP B 257 18.40 8.18 -13.85
C TRP B 257 17.62 7.33 -12.81
N LEU B 258 16.85 8.02 -11.95
CA LEU B 258 16.17 7.30 -10.84
C LEU B 258 14.90 6.67 -11.32
N THR B 259 14.38 5.78 -10.49
CA THR B 259 13.16 5.06 -10.85
C THR B 259 11.91 5.82 -10.38
N PRO B 260 10.96 6.07 -11.30
CA PRO B 260 9.80 6.87 -10.95
C PRO B 260 8.76 6.09 -10.19
N ASP B 261 7.97 6.83 -9.40
CA ASP B 261 6.80 6.27 -8.75
C ASP B 261 5.59 6.29 -9.69
N ALA B 262 4.40 5.96 -9.17
CA ALA B 262 3.22 5.83 -10.04
C ALA B 262 2.83 7.14 -10.68
N LYS B 263 3.30 8.25 -10.13
CA LYS B 263 2.97 9.57 -10.70
C LYS B 263 4.12 10.17 -11.51
N GLY B 264 5.22 9.43 -11.63
CA GLY B 264 6.38 9.92 -12.37
C GLY B 264 7.43 10.62 -11.54
N ASP B 265 7.18 10.78 -10.24
CA ASP B 265 8.12 11.48 -9.36
C ASP B 265 9.25 10.57 -8.90
N LYS B 266 10.37 11.13 -8.42
CA LYS B 266 11.57 10.30 -8.19
CA LYS B 266 11.54 10.27 -8.18
C LYS B 266 12.10 10.41 -6.76
N GLY B 267 11.21 10.62 -5.81
CA GLY B 267 11.63 10.48 -4.40
C GLY B 267 11.05 11.55 -3.51
N TYR B 268 10.40 11.13 -2.43
CA TYR B 268 9.87 12.03 -1.41
C TYR B 268 10.89 12.14 -0.30
N MET B 269 11.38 13.37 -0.05
CA MET B 269 12.47 13.60 0.91
CA MET B 269 12.47 13.58 0.92
C MET B 269 12.03 14.51 2.05
N GLN B 270 12.65 14.34 3.20
CA GLN B 270 12.37 15.21 4.34
C GLN B 270 13.69 15.40 5.07
N THR B 271 14.14 16.66 5.24
CA THR B 271 15.44 16.87 5.88
C THR B 271 15.35 16.64 7.40
N PRO B 272 16.47 16.28 8.02
CA PRO B 272 17.76 15.96 7.40
C PRO B 272 17.73 14.60 6.70
N CYS B 273 18.29 14.57 5.49
CA CYS B 273 18.31 13.31 4.73
C CYS B 273 19.49 13.33 3.78
N ASN B 274 19.80 12.16 3.22
CA ASN B 274 20.96 11.99 2.36
C ASN B 274 20.56 11.16 1.17
N THR B 275 21.23 11.35 0.04
CA THR B 275 21.11 10.37 -1.03
C THR B 275 21.98 9.17 -0.67
N PRO B 276 21.79 8.04 -1.39
CA PRO B 276 22.77 6.97 -1.29
C PRO B 276 24.11 7.47 -1.84
N TRP B 277 25.18 6.75 -1.54
CA TRP B 277 26.46 7.04 -2.14
C TRP B 277 26.49 6.63 -3.60
N ARG B 278 27.28 7.35 -4.39
CA ARG B 278 27.55 6.95 -5.75
C ARG B 278 29.04 6.61 -5.82
N THR B 279 29.38 5.51 -6.47
CA THR B 279 30.76 5.01 -6.39
C THR B 279 31.39 4.81 -7.76
N ILE B 280 32.67 5.15 -7.83
CA ILE B 280 33.49 4.87 -8.99
C ILE B 280 34.66 4.07 -8.45
N ILE B 281 34.70 2.80 -8.80
CA ILE B 281 35.76 1.89 -8.33
C ILE B 281 36.68 1.69 -9.54
N VAL B 282 37.99 1.88 -9.34
CA VAL B 282 38.87 1.90 -10.50
C VAL B 282 40.23 1.31 -10.15
N SER B 283 40.81 0.61 -11.12
CA SER B 283 42.15 0.02 -10.95
C SER B 283 42.72 -0.32 -12.30
N ASP B 284 44.03 -0.54 -12.34
CA ASP B 284 44.60 -1.03 -13.57
C ASP B 284 44.71 -2.55 -13.53
N ASP B 285 44.11 -3.17 -12.51
CA ASP B 285 44.17 -4.62 -12.36
C ASP B 285 42.73 -5.07 -12.05
N ALA B 286 42.13 -5.84 -12.95
CA ALA B 286 40.73 -6.24 -12.79
C ALA B 286 40.50 -6.99 -11.47
N ARG B 287 41.50 -7.73 -11.00
CA ARG B 287 41.39 -8.41 -9.71
C ARG B 287 41.05 -7.43 -8.58
N ASN B 288 41.55 -6.20 -8.70
CA ASN B 288 41.31 -5.25 -7.62
C ASN B 288 39.89 -4.69 -7.61
N ILE B 289 39.17 -4.83 -8.72
CA ILE B 289 37.75 -4.49 -8.72
C ILE B 289 37.00 -5.49 -7.81
N LEU B 290 37.34 -6.78 -7.94
CA LEU B 290 36.69 -7.81 -7.13
C LEU B 290 37.06 -7.64 -5.66
N ALA B 291 38.29 -7.17 -5.42
CA ALA B 291 38.81 -6.99 -4.05
C ALA B 291 38.24 -5.77 -3.34
N SER B 292 37.64 -4.87 -4.10
CA SER B 292 37.22 -3.64 -3.45
C SER B 292 36.06 -3.87 -2.44
N ARG B 293 36.14 -3.19 -1.30
CA ARG B 293 35.08 -3.21 -0.33
C ARG B 293 34.49 -1.84 -0.12
N ILE B 294 34.63 -0.96 -1.11
CA ILE B 294 34.06 0.38 -1.00
C ILE B 294 32.57 0.30 -0.72
N THR B 295 31.87 -0.55 -1.47
CA THR B 295 30.41 -0.57 -1.27
C THR B 295 30.03 -0.89 0.19
N LEU B 296 30.56 -1.97 0.74
CA LEU B 296 30.30 -2.30 2.14
C LEU B 296 30.76 -1.21 3.11
N ASN B 297 31.95 -0.68 2.84
CA ASN B 297 32.51 0.37 3.68
C ASN B 297 31.65 1.61 3.79
N LEU B 298 30.87 1.89 2.76
CA LEU B 298 30.00 3.07 2.79
C LEU B 298 28.62 2.85 3.41
N ASN B 299 28.32 1.62 3.85
CA ASN B 299 27.10 1.39 4.59
C ASN B 299 27.28 1.55 6.09
N GLU B 300 26.17 1.85 6.76
CA GLU B 300 26.19 2.03 8.22
C GLU B 300 26.53 0.70 8.91
N PRO B 301 27.21 0.77 10.04
CA PRO B 301 27.61 -0.45 10.70
C PRO B 301 26.40 -1.27 11.16
N CYS B 302 26.67 -2.56 11.39
CA CYS B 302 25.67 -3.51 11.82
C CYS B 302 24.76 -2.96 12.93
N LYS B 303 23.45 -3.06 12.69
CA LYS B 303 22.44 -2.61 13.64
C LYS B 303 21.74 -3.76 14.36
N ILE B 304 22.17 -5.00 14.07
CA ILE B 304 21.64 -6.21 14.74
C ILE B 304 22.64 -6.65 15.78
N ALA B 305 22.42 -6.24 17.04
CA ALA B 305 23.51 -6.37 17.99
C ALA B 305 23.89 -7.83 18.23
N ASP B 306 22.91 -8.73 18.16
CA ASP B 306 23.20 -10.13 18.48
C ASP B 306 23.37 -10.99 17.22
N ALA B 307 23.65 -10.32 16.10
CA ALA B 307 23.64 -11.01 14.81
C ALA B 307 24.49 -12.27 14.79
N ALA B 308 25.70 -12.21 15.37
CA ALA B 308 26.60 -13.35 15.27
C ALA B 308 26.05 -14.61 15.95
N SER B 309 25.09 -14.44 16.86
CA SER B 309 24.51 -15.55 17.60
CA SER B 309 24.50 -15.55 17.61
C SER B 309 23.46 -16.32 16.81
N TRP B 310 22.90 -15.71 15.76
CA TRP B 310 21.84 -16.40 15.04
C TRP B 310 21.94 -16.36 13.52
N VAL B 311 22.60 -15.34 12.95
CA VAL B 311 22.82 -15.32 11.50
C VAL B 311 23.91 -16.32 11.13
N LYS B 312 23.61 -17.28 10.25
CA LYS B 312 24.55 -18.34 9.88
C LYS B 312 24.40 -18.66 8.40
N PRO B 313 25.51 -18.94 7.72
CA PRO B 313 25.45 -19.36 6.31
C PRO B 313 24.66 -20.66 6.16
N VAL B 314 24.13 -20.88 4.96
CA VAL B 314 23.22 -22.01 4.72
C VAL B 314 23.58 -22.68 3.40
N LYS B 315 23.89 -23.99 3.43
CA LYS B 315 24.05 -24.76 2.20
C LYS B 315 22.76 -25.59 2.09
N TYR B 316 22.11 -25.56 0.94
CA TYR B 316 20.78 -26.19 0.87
C TYR B 316 20.50 -26.89 -0.44
N ILE B 317 19.53 -27.83 -0.41
CA ILE B 317 18.90 -28.32 -1.63
C ILE B 317 17.43 -27.93 -1.57
N GLY B 318 16.66 -28.30 -2.59
CA GLY B 318 15.25 -27.96 -2.51
C GLY B 318 14.35 -28.63 -3.53
N VAL B 319 13.08 -28.72 -3.15
CA VAL B 319 12.04 -29.10 -4.07
C VAL B 319 11.80 -27.82 -4.87
N TRP B 320 12.32 -27.81 -6.10
CA TRP B 320 12.42 -26.54 -6.87
C TRP B 320 12.64 -26.78 -8.37
N TRP B 321 13.77 -27.36 -8.70
CA TRP B 321 14.11 -27.58 -10.10
C TRP B 321 13.01 -28.37 -10.80
N ASP B 322 12.34 -29.26 -10.08
CA ASP B 322 11.14 -29.92 -10.69
C ASP B 322 10.23 -28.89 -11.36
N MET B 323 9.92 -27.80 -10.62
CA MET B 323 8.90 -26.90 -11.13
C MET B 323 9.52 -25.95 -12.12
N ILE B 324 10.77 -25.57 -11.86
CA ILE B 324 11.47 -24.68 -12.81
C ILE B 324 11.60 -25.30 -14.24
N THR B 325 11.84 -26.61 -14.30
CA THR B 325 11.97 -27.31 -15.60
C THR B 325 10.62 -27.73 -16.21
N GLY B 326 9.59 -27.81 -15.37
CA GLY B 326 8.25 -28.19 -15.81
C GLY B 326 7.96 -29.66 -15.55
N LYS B 327 8.89 -30.36 -14.94
CA LYS B 327 8.65 -31.77 -14.55
C LYS B 327 7.50 -31.88 -13.54
N GLY B 328 7.49 -30.97 -12.57
CA GLY B 328 6.46 -30.92 -11.53
C GLY B 328 5.78 -29.57 -11.52
N SER B 329 4.79 -29.44 -10.63
CA SER B 329 4.00 -28.21 -10.52
CA SER B 329 4.04 -28.20 -10.52
CA SER B 329 3.98 -28.24 -10.51
C SER B 329 4.08 -27.64 -9.11
N TRP B 330 3.94 -26.32 -9.01
CA TRP B 330 3.76 -25.68 -7.70
C TRP B 330 2.32 -25.91 -7.24
N ALA B 331 1.42 -26.00 -8.20
CA ALA B 331 -0.01 -26.14 -7.90
C ALA B 331 -0.38 -27.55 -7.44
N TYR B 332 -1.41 -27.64 -6.62
CA TYR B 332 -1.85 -28.91 -6.07
C TYR B 332 -2.81 -29.56 -7.07
N THR B 333 -3.60 -28.73 -7.75
CA THR B 333 -4.67 -29.25 -8.62
C THR B 333 -4.72 -28.50 -9.94
N ASP B 334 -5.19 -29.19 -11.00
CA ASP B 334 -5.34 -28.54 -12.31
C ASP B 334 -6.82 -28.33 -12.67
N GLU B 335 -7.70 -28.68 -11.76
CA GLU B 335 -9.11 -28.72 -12.12
C GLU B 335 -9.88 -27.40 -11.99
N LEU B 336 -9.26 -26.36 -11.42
CA LEU B 336 -10.00 -25.13 -11.14
C LEU B 336 -9.57 -23.99 -12.07
N THR B 337 -10.51 -23.17 -12.54
CA THR B 337 -10.20 -22.03 -13.41
CA THR B 337 -10.05 -22.10 -13.40
C THR B 337 -9.55 -20.87 -12.64
N SER B 338 -9.85 -20.79 -11.34
CA SER B 338 -9.17 -19.84 -10.45
C SER B 338 -9.48 -20.28 -9.03
N VAL B 339 -8.81 -19.71 -8.03
CA VAL B 339 -9.08 -20.09 -6.66
C VAL B 339 -9.35 -18.85 -5.81
N LYS B 340 -10.12 -19.03 -4.75
CA LYS B 340 -10.33 -17.94 -3.79
C LYS B 340 -10.03 -18.48 -2.42
N LEU B 341 -8.94 -17.97 -1.83
CA LEU B 341 -8.49 -18.46 -0.55
C LEU B 341 -9.56 -18.28 0.49
N GLY B 342 -9.79 -19.34 1.26
CA GLY B 342 -10.78 -19.30 2.32
C GLY B 342 -12.15 -19.66 1.81
N GLU B 343 -12.26 -19.88 0.51
CA GLU B 343 -13.52 -20.38 -0.11
C GLU B 343 -13.25 -21.70 -0.80
N THR B 344 -12.30 -21.71 -1.72
CA THR B 344 -11.86 -22.94 -2.37
C THR B 344 -11.48 -23.98 -1.32
N ASP B 345 -12.08 -25.17 -1.44
CA ASP B 345 -11.79 -26.23 -0.51
C ASP B 345 -10.90 -27.24 -1.20
N TYR B 346 -9.59 -27.18 -0.94
CA TYR B 346 -8.69 -27.99 -1.73
C TYR B 346 -8.84 -29.49 -1.40
N SER B 347 -9.34 -29.78 -0.20
CA SER B 347 -9.58 -31.19 0.19
C SER B 347 -10.61 -31.83 -0.72
N LYS B 348 -11.36 -31.03 -1.47
CA LYS B 348 -12.31 -31.57 -2.45
C LYS B 348 -11.83 -31.50 -3.89
N THR B 349 -10.56 -31.19 -4.13
CA THR B 349 -10.07 -31.11 -5.50
C THR B 349 -9.21 -32.34 -5.80
N LYS B 350 -9.06 -32.65 -7.09
CA LYS B 350 -8.27 -33.78 -7.52
C LYS B 350 -6.78 -33.37 -7.67
N PRO B 351 -5.90 -34.08 -6.97
CA PRO B 351 -4.46 -33.86 -7.12
C PRO B 351 -4.06 -34.04 -8.58
N ASN B 352 -3.13 -33.22 -9.07
CA ASN B 352 -2.84 -33.25 -10.50
C ASN B 352 -1.81 -34.29 -10.84
N GLY B 353 -1.26 -34.95 -9.82
CA GLY B 353 -0.25 -35.98 -10.00
C GLY B 353 1.14 -35.44 -10.28
N LYS B 354 1.29 -34.11 -10.24
CA LYS B 354 2.58 -33.46 -10.51
C LYS B 354 3.07 -32.58 -9.35
N HIS B 355 2.38 -32.60 -8.22
CA HIS B 355 2.67 -31.62 -7.15
C HIS B 355 3.87 -32.09 -6.33
N SER B 356 5.02 -31.45 -6.56
CA SER B 356 6.25 -31.97 -5.99
C SER B 356 6.38 -31.75 -4.47
N ALA B 357 5.71 -30.73 -3.94
CA ALA B 357 5.79 -30.40 -2.52
C ALA B 357 4.79 -31.25 -1.71
N ASN B 358 4.98 -32.57 -1.76
CA ASN B 358 4.18 -33.49 -0.95
C ASN B 358 5.09 -34.11 0.10
N THR B 359 4.49 -34.45 1.23
CA THR B 359 5.24 -34.86 2.40
C THR B 359 6.27 -35.96 2.10
N ALA B 360 5.86 -37.00 1.37
CA ALA B 360 6.77 -38.13 1.15
C ALA B 360 7.98 -37.71 0.31
N ASN B 361 7.74 -36.89 -0.71
CA ASN B 361 8.84 -36.40 -1.55
C ASN B 361 9.76 -35.49 -0.75
N VAL B 362 9.19 -34.57 0.02
CA VAL B 362 9.98 -33.70 0.91
C VAL B 362 10.85 -34.49 1.87
N LYS B 363 10.30 -35.56 2.44
CA LYS B 363 11.07 -36.37 3.36
C LYS B 363 12.29 -37.00 2.66
N ARG B 364 12.13 -37.39 1.41
CA ARG B 364 13.24 -37.96 0.63
C ARG B 364 14.34 -36.92 0.41
N TYR B 365 13.94 -35.66 0.18
CA TYR B 365 14.95 -34.60 0.13
C TYR B 365 15.64 -34.38 1.46
N ILE B 366 14.88 -34.34 2.55
CA ILE B 366 15.46 -34.22 3.88
C ILE B 366 16.49 -35.34 4.09
N ASP B 367 16.11 -36.55 3.70
CA ASP B 367 17.03 -37.69 3.81
C ASP B 367 18.38 -37.45 3.14
N PHE B 368 18.33 -36.99 1.89
CA PHE B 368 19.52 -36.73 1.10
C PHE B 368 20.31 -35.56 1.69
N ALA B 369 19.60 -34.50 2.07
CA ALA B 369 20.29 -33.37 2.70
C ALA B 369 21.06 -33.79 3.96
N ALA B 370 20.44 -34.58 4.82
CA ALA B 370 21.07 -35.00 6.08
C ALA B 370 22.27 -35.91 5.81
N ALA B 371 22.09 -36.82 4.86
CA ALA B 371 23.13 -37.80 4.56
C ALA B 371 24.39 -37.12 4.08
N HIS B 372 24.21 -36.03 3.32
CA HIS B 372 25.34 -35.36 2.68
C HIS B 372 25.78 -34.05 3.32
N GLY B 373 25.27 -33.74 4.49
CA GLY B 373 25.82 -32.65 5.28
C GLY B 373 25.30 -31.27 4.92
N PHE B 374 24.15 -31.21 4.26
CA PHE B 374 23.48 -29.90 4.01
C PHE B 374 22.79 -29.35 5.26
N ASP B 375 22.55 -28.03 5.27
CA ASP B 375 21.91 -27.40 6.41
C ASP B 375 20.38 -27.35 6.30
N ALA B 376 19.88 -27.27 5.08
CA ALA B 376 18.46 -26.96 4.91
C ALA B 376 17.88 -27.49 3.63
N VAL B 377 16.55 -27.53 3.59
CA VAL B 377 15.81 -27.93 2.39
C VAL B 377 14.73 -26.87 2.16
N LEU B 378 14.76 -26.26 0.96
CA LEU B 378 13.72 -25.35 0.52
C LEU B 378 12.59 -26.16 -0.09
N VAL B 379 11.34 -25.76 0.16
CA VAL B 379 10.20 -26.34 -0.56
C VAL B 379 9.30 -25.24 -1.12
N GLU B 380 9.07 -25.25 -2.44
CA GLU B 380 8.12 -24.31 -3.05
C GLU B 380 6.87 -25.03 -3.47
N GLY B 381 5.75 -24.33 -3.42
CA GLY B 381 4.45 -24.93 -3.75
C GLY B 381 3.79 -25.58 -2.54
N TRP B 382 4.20 -25.20 -1.34
CA TRP B 382 3.74 -25.86 -0.12
C TRP B 382 2.38 -25.33 0.31
N ASN B 383 2.06 -24.09 -0.09
CA ASN B 383 0.92 -23.36 0.47
C ASN B 383 -0.22 -23.13 -0.54
N GLU B 384 -1.46 -23.01 -0.05
CA GLU B 384 -2.61 -22.72 -0.94
C GLU B 384 -2.39 -21.48 -1.85
N GLY B 385 -2.81 -21.60 -3.11
CA GLY B 385 -2.90 -20.43 -3.99
C GLY B 385 -2.12 -20.52 -5.28
N TRP B 386 -1.27 -21.55 -5.44
CA TRP B 386 -0.33 -21.54 -6.55
C TRP B 386 -1.00 -21.69 -7.89
N GLU B 387 -2.25 -22.16 -7.88
CA GLU B 387 -3.03 -22.26 -9.11
C GLU B 387 -3.13 -20.92 -9.86
N ASP B 388 -3.12 -19.82 -9.13
CA ASP B 388 -3.30 -18.47 -9.70
C ASP B 388 -2.09 -17.57 -9.64
N TRP B 389 -0.93 -18.11 -9.37
CA TRP B 389 0.18 -17.27 -8.95
C TRP B 389 0.76 -16.37 -10.03
N PHE B 390 0.49 -16.70 -11.30
CA PHE B 390 1.28 -16.08 -12.35
C PHE B 390 0.50 -15.14 -13.27
N GLY B 391 0.85 -13.85 -13.21
CA GLY B 391 0.41 -12.89 -14.22
C GLY B 391 -1.03 -12.41 -14.15
N ASN B 392 -1.73 -12.71 -13.05
CA ASN B 392 -3.15 -12.33 -12.91
C ASN B 392 -3.35 -10.98 -12.23
N SER B 393 -2.25 -10.36 -11.79
CA SER B 393 -2.37 -9.14 -10.95
C SER B 393 -3.36 -9.39 -9.83
N LYS B 394 -3.22 -10.54 -9.19
CA LYS B 394 -4.14 -10.95 -8.13
C LYS B 394 -3.73 -10.38 -6.78
N ASP B 395 -4.66 -9.70 -6.12
CA ASP B 395 -4.38 -9.12 -4.78
C ASP B 395 -4.24 -10.18 -3.69
N TYR B 396 -5.34 -10.88 -3.38
CA TYR B 396 -5.31 -11.86 -2.30
C TYR B 396 -4.81 -13.21 -2.84
N VAL B 397 -3.53 -13.25 -3.17
CA VAL B 397 -2.97 -14.38 -3.91
C VAL B 397 -2.46 -15.51 -3.01
N PHE B 398 -1.94 -15.19 -1.83
CA PHE B 398 -1.41 -16.17 -0.89
C PHE B 398 -1.71 -15.67 0.53
N ASP B 399 -1.74 -16.56 1.53
CA ASP B 399 -1.84 -16.13 2.93
C ASP B 399 -0.58 -16.49 3.71
N PHE B 400 0.33 -17.21 3.04
CA PHE B 400 1.65 -17.55 3.56
C PHE B 400 1.65 -18.50 4.75
N VAL B 401 0.51 -19.09 5.06
CA VAL B 401 0.41 -19.91 6.26
C VAL B 401 -0.37 -21.20 6.08
N THR B 402 -1.22 -21.28 5.06
CA THR B 402 -2.12 -22.46 4.94
C THR B 402 -1.57 -23.47 3.96
N PRO B 403 -1.20 -24.67 4.45
CA PRO B 403 -0.59 -25.68 3.58
C PRO B 403 -1.59 -26.40 2.69
N TYR B 404 -1.10 -26.91 1.57
CA TYR B 404 -1.92 -27.79 0.74
C TYR B 404 -2.21 -29.09 1.51
N PRO B 405 -3.23 -29.84 1.08
CA PRO B 405 -3.59 -31.09 1.79
C PRO B 405 -2.49 -32.16 1.83
N ASP B 406 -1.58 -32.12 0.85
CA ASP B 406 -0.48 -33.10 0.79
C ASP B 406 0.85 -32.64 1.41
N PHE B 407 0.82 -31.49 2.10
CA PHE B 407 1.99 -30.95 2.78
C PHE B 407 1.72 -30.86 4.27
N ASP B 408 2.28 -31.79 5.04
CA ASP B 408 2.06 -31.87 6.47
C ASP B 408 3.14 -31.09 7.19
N VAL B 409 2.86 -29.82 7.48
CA VAL B 409 3.84 -28.91 8.08
C VAL B 409 4.52 -29.46 9.33
N LYS B 410 3.71 -29.91 10.27
CA LYS B 410 4.22 -30.41 11.54
C LYS B 410 5.06 -31.68 11.38
N GLU B 411 4.61 -32.60 10.55
CA GLU B 411 5.36 -33.85 10.35
C GLU B 411 6.70 -33.57 9.66
N ILE B 412 6.67 -32.65 8.69
CA ILE B 412 7.90 -32.27 7.99
C ILE B 412 8.86 -31.58 8.94
N HIS B 413 8.36 -30.66 9.76
CA HIS B 413 9.17 -30.04 10.80
C HIS B 413 9.82 -31.10 11.71
N ARG B 414 9.01 -31.98 12.29
CA ARG B 414 9.54 -32.95 13.24
C ARG B 414 10.61 -33.84 12.60
N TYR B 415 10.34 -34.29 11.38
CA TYR B 415 11.27 -35.17 10.66
C TYR B 415 12.58 -34.45 10.32
N ALA B 416 12.45 -33.25 9.77
CA ALA B 416 13.67 -32.47 9.53
C ALA B 416 14.48 -32.23 10.80
N ALA B 417 13.84 -31.82 11.89
CA ALA B 417 14.58 -31.48 13.08
C ALA B 417 15.27 -32.76 13.59
N ARG B 418 14.57 -33.89 13.48
CA ARG B 418 15.18 -35.14 13.95
C ARG B 418 16.43 -35.48 13.12
N LYS B 419 16.36 -35.17 11.83
CA LYS B 419 17.45 -35.45 10.91
CA LYS B 419 17.44 -35.44 10.88
C LYS B 419 18.52 -34.36 10.89
N GLY B 420 18.32 -33.30 11.67
CA GLY B 420 19.33 -32.27 11.76
C GLY B 420 19.26 -31.23 10.65
N ILE B 421 18.08 -31.12 10.04
CA ILE B 421 17.86 -30.27 8.87
C ILE B 421 16.87 -29.16 9.21
N LYS B 422 17.10 -27.95 8.71
CA LYS B 422 16.13 -26.88 8.85
C LYS B 422 15.34 -26.76 7.56
N MET B 423 14.02 -26.54 7.65
CA MET B 423 13.31 -26.24 6.42
C MET B 423 13.41 -24.74 6.13
N MET B 424 13.58 -24.41 4.86
CA MET B 424 13.62 -23.01 4.42
CA MET B 424 13.61 -23.02 4.43
C MET B 424 12.25 -22.64 3.91
N MET B 425 11.67 -21.58 4.47
CA MET B 425 10.34 -21.10 4.09
C MET B 425 10.41 -20.44 2.71
N HIS B 426 9.30 -20.57 1.98
CA HIS B 426 9.14 -19.87 0.70
C HIS B 426 7.93 -18.95 0.78
N HIS B 427 8.17 -17.66 0.49
CA HIS B 427 7.14 -16.63 0.40
C HIS B 427 7.14 -15.95 -0.98
N GLU B 428 6.77 -16.66 -2.04
CA GLU B 428 6.46 -15.97 -3.29
C GLU B 428 5.27 -15.05 -2.99
N THR B 429 5.38 -13.77 -3.36
CA THR B 429 4.25 -12.85 -3.15
C THR B 429 3.44 -12.60 -4.42
N SER B 430 3.96 -13.05 -5.57
CA SER B 430 3.36 -12.74 -6.88
CA SER B 430 3.34 -12.75 -6.85
C SER B 430 3.20 -11.24 -7.03
N ALA B 431 4.17 -10.52 -6.44
CA ALA B 431 4.25 -9.06 -6.51
C ALA B 431 3.05 -8.33 -5.90
N SER B 432 2.30 -9.03 -5.06
CA SER B 432 1.16 -8.40 -4.40
C SER B 432 1.60 -7.93 -3.01
N VAL B 433 2.02 -6.68 -2.97
CA VAL B 433 2.85 -6.24 -1.84
C VAL B 433 2.02 -5.80 -0.63
N ARG B 434 0.86 -5.13 -0.84
CA ARG B 434 0.00 -4.83 0.31
C ARG B 434 -0.42 -6.15 0.95
N ASN B 435 -0.79 -7.12 0.10
CA ASN B 435 -1.20 -8.44 0.62
C ASN B 435 -0.11 -9.08 1.47
N TYR B 436 1.15 -8.98 1.01
CA TYR B 436 2.21 -9.58 1.83
C TYR B 436 2.38 -8.83 3.15
N GLU B 437 2.38 -7.50 3.10
CA GLU B 437 2.57 -6.77 4.36
C GLU B 437 1.45 -7.08 5.35
N ARG B 438 0.23 -7.18 4.87
CA ARG B 438 -0.90 -7.47 5.77
C ARG B 438 -0.72 -8.82 6.45
N HIS B 439 -0.12 -9.75 5.73
CA HIS B 439 0.08 -11.09 6.27
C HIS B 439 1.42 -11.30 6.94
N MET B 440 2.29 -10.30 6.93
CA MET B 440 3.70 -10.59 7.23
C MET B 440 3.94 -10.98 8.68
N ASP B 441 3.29 -10.31 9.64
CA ASP B 441 3.58 -10.72 11.02
C ASP B 441 3.06 -12.14 11.28
N LYS B 442 1.89 -12.44 10.78
CA LYS B 442 1.35 -13.79 10.93
C LYS B 442 2.25 -14.79 10.23
N ALA B 443 2.81 -14.40 9.07
CA ALA B 443 3.66 -15.33 8.29
C ALA B 443 4.97 -15.59 9.03
N TYR B 444 5.57 -14.55 9.58
CA TYR B 444 6.79 -14.74 10.35
C TYR B 444 6.54 -15.51 11.66
N GLN B 445 5.39 -15.24 12.28
CA GLN B 445 5.04 -16.02 13.53
C GLN B 445 4.83 -17.49 13.17
N PHE B 446 4.20 -17.74 12.03
CA PHE B 446 4.05 -19.11 11.57
C PHE B 446 5.40 -19.82 11.35
N MET B 447 6.35 -19.11 10.73
CA MET B 447 7.72 -19.62 10.65
C MET B 447 8.28 -19.93 12.04
N ALA B 448 8.15 -19.00 12.98
CA ALA B 448 8.77 -19.18 14.31
C ALA B 448 8.12 -20.41 14.97
N ASP B 449 6.81 -20.51 14.80
CA ASP B 449 6.01 -21.60 15.44
C ASP B 449 6.30 -22.98 14.85
N ASN B 450 6.87 -23.01 13.65
CA ASN B 450 7.03 -24.26 12.94
C ASN B 450 8.47 -24.55 12.57
N GLY B 451 9.41 -23.88 13.24
CA GLY B 451 10.81 -24.25 13.07
C GLY B 451 11.54 -23.69 11.84
N TYR B 452 10.98 -22.67 11.20
CA TYR B 452 11.67 -22.09 10.00
C TYR B 452 12.38 -20.81 10.40
N ASN B 453 13.67 -20.70 10.14
CA ASN B 453 14.34 -19.46 10.51
C ASN B 453 14.97 -18.72 9.31
N SER B 454 14.67 -19.17 8.10
CA SER B 454 15.12 -18.47 6.90
C SER B 454 13.99 -18.56 5.87
N VAL B 455 13.87 -17.53 5.06
CA VAL B 455 12.80 -17.47 4.07
C VAL B 455 13.33 -16.91 2.78
N LYS B 456 12.95 -17.58 1.71
CA LYS B 456 13.17 -17.11 0.34
C LYS B 456 11.87 -16.42 -0.07
N SER B 457 11.95 -15.11 -0.33
CA SER B 457 10.75 -14.40 -0.82
C SER B 457 10.86 -14.17 -2.31
N GLY B 458 9.77 -13.74 -2.94
CA GLY B 458 9.82 -13.43 -4.38
C GLY B 458 8.76 -12.41 -4.73
N TYR B 459 8.95 -11.73 -5.85
CA TYR B 459 8.03 -10.69 -6.29
C TYR B 459 7.80 -10.80 -7.80
N VAL B 460 7.25 -11.93 -8.22
CA VAL B 460 7.02 -12.16 -9.67
C VAL B 460 5.72 -11.52 -10.15
N GLY B 461 5.84 -10.64 -11.13
CA GLY B 461 4.70 -9.97 -11.73
C GLY B 461 4.83 -8.46 -11.52
N ASN B 462 3.94 -7.71 -12.16
CA ASN B 462 3.94 -6.26 -11.97
C ASN B 462 3.47 -5.93 -10.55
N ILE B 463 4.12 -4.95 -9.94
CA ILE B 463 3.79 -4.62 -8.55
C ILE B 463 2.31 -4.23 -8.32
N ILE B 464 1.74 -4.71 -7.20
CA ILE B 464 0.51 -4.19 -6.61
C ILE B 464 0.93 -3.62 -5.24
N PRO B 465 0.76 -2.31 -4.99
CA PRO B 465 -0.07 -1.32 -5.68
C PRO B 465 0.31 -1.05 -7.12
N ARG B 466 -0.71 -1.05 -7.99
CA ARG B 466 -0.45 -1.00 -9.42
C ARG B 466 -0.06 0.41 -9.82
N GLY B 467 0.97 0.50 -10.67
CA GLY B 467 1.58 1.80 -11.02
C GLY B 467 2.99 1.93 -10.47
N GLU B 468 3.28 1.24 -9.37
CA GLU B 468 4.67 1.21 -8.88
C GLU B 468 5.55 0.21 -9.61
N HIS B 469 6.85 0.48 -9.57
CA HIS B 469 7.84 -0.40 -10.18
C HIS B 469 8.63 -1.11 -9.09
N HIS B 470 9.33 -2.18 -9.47
CA HIS B 470 10.04 -2.99 -8.46
C HIS B 470 11.10 -2.21 -7.70
N TYR B 471 11.66 -1.15 -8.34
CA TYR B 471 12.86 -0.52 -7.77
C TYR B 471 12.66 0.92 -7.33
N GLY B 472 11.41 1.37 -7.29
CA GLY B 472 11.14 2.74 -6.81
C GLY B 472 11.36 2.86 -5.31
N GLN B 473 11.32 4.09 -4.81
CA GLN B 473 11.48 4.35 -3.35
C GLN B 473 10.42 3.60 -2.52
N TRP B 474 9.20 3.53 -3.03
CA TRP B 474 8.15 2.81 -2.31
C TRP B 474 8.52 1.35 -2.05
N MET B 475 8.87 0.63 -3.10
CA MET B 475 9.26 -0.77 -2.94
C MET B 475 10.58 -0.98 -2.19
N ASN B 476 11.52 -0.03 -2.35
CA ASN B 476 12.76 -0.14 -1.60
C ASN B 476 12.47 -0.14 -0.10
N ASN B 477 11.56 0.74 0.29
CA ASN B 477 11.05 0.74 1.64
C ASN B 477 10.43 -0.62 2.03
N HIS B 478 9.54 -1.15 1.20
CA HIS B 478 9.03 -2.50 1.46
C HIS B 478 10.11 -3.56 1.68
N TYR B 479 11.09 -3.66 0.78
CA TYR B 479 12.05 -4.77 0.93
C TYR B 479 12.80 -4.66 2.23
N LEU B 480 13.14 -3.43 2.64
CA LEU B 480 13.93 -3.26 3.85
C LEU B 480 13.03 -3.46 5.09
N TYR B 481 11.77 -3.07 4.98
CA TYR B 481 10.78 -3.29 6.07
C TYR B 481 10.68 -4.80 6.32
N ALA B 482 10.64 -5.58 5.26
CA ALA B 482 10.56 -7.03 5.39
C ALA B 482 11.80 -7.58 6.09
N VAL B 483 12.95 -7.01 5.77
CA VAL B 483 14.23 -7.43 6.39
C VAL B 483 14.31 -7.01 7.86
N LYS B 484 13.92 -5.76 8.16
CA LYS B 484 13.99 -5.27 9.53
C LYS B 484 13.01 -6.03 10.43
N LYS B 485 11.80 -6.28 9.92
CA LYS B 485 10.83 -7.09 10.68
C LYS B 485 11.34 -8.49 10.87
N ALA B 486 11.88 -9.08 9.81
CA ALA B 486 12.48 -10.42 9.95
C ALA B 486 13.52 -10.45 11.07
N ALA B 487 14.35 -9.40 11.16
CA ALA B 487 15.42 -9.43 12.14
C ALA B 487 14.81 -9.50 13.55
N ASP B 488 13.67 -8.87 13.74
CA ASP B 488 13.03 -8.91 15.06
C ASP B 488 12.58 -10.31 15.46
N TYR B 489 12.32 -11.16 14.44
CA TYR B 489 11.95 -12.56 14.65
C TYR B 489 13.17 -13.51 14.57
N LYS B 490 14.38 -12.94 14.46
CA LYS B 490 15.61 -13.71 14.20
CA LYS B 490 15.57 -13.76 14.24
C LYS B 490 15.46 -14.62 12.97
N ILE B 491 14.96 -14.03 11.89
CA ILE B 491 14.77 -14.71 10.60
C ILE B 491 15.71 -14.11 9.58
N MET B 492 16.30 -14.99 8.78
CA MET B 492 17.14 -14.58 7.63
C MET B 492 16.32 -14.55 6.33
N VAL B 493 16.66 -13.61 5.44
CA VAL B 493 15.86 -13.36 4.26
C VAL B 493 16.73 -13.41 3.02
N ASN B 494 16.19 -14.06 1.98
CA ASN B 494 16.77 -14.10 0.63
C ASN B 494 15.66 -13.68 -0.30
N ALA B 495 15.75 -12.46 -0.87
CA ALA B 495 14.63 -11.98 -1.68
C ALA B 495 14.87 -11.99 -3.19
N HIS B 496 14.16 -12.86 -3.90
CA HIS B 496 14.21 -12.79 -5.35
C HIS B 496 13.36 -11.61 -5.88
N GLU B 497 13.74 -11.11 -7.05
CA GLU B 497 13.07 -9.97 -7.74
C GLU B 497 13.15 -8.61 -7.00
N ALA B 498 13.86 -8.54 -5.89
CA ALA B 498 13.98 -7.27 -5.16
C ALA B 498 15.01 -6.41 -5.86
N THR B 499 15.06 -5.14 -5.48
CA THR B 499 16.11 -4.25 -5.95
C THR B 499 17.49 -4.88 -5.66
N ARG B 500 18.42 -4.76 -6.62
CA ARG B 500 19.75 -5.34 -6.45
C ARG B 500 20.52 -4.68 -5.31
N PRO B 501 21.39 -5.47 -4.66
CA PRO B 501 21.97 -5.01 -3.40
C PRO B 501 23.05 -3.95 -3.55
N THR B 502 23.17 -3.19 -2.49
CA THR B 502 24.06 -2.04 -2.42
C THR B 502 24.80 -2.00 -1.08
N GLY B 503 25.05 -3.17 -0.51
CA GLY B 503 25.86 -3.28 0.72
C GLY B 503 25.09 -3.19 2.03
N ILE B 504 23.76 -3.20 1.96
CA ILE B 504 22.93 -3.01 3.16
C ILE B 504 23.07 -4.21 4.12
N CYS B 505 23.54 -5.33 3.59
CA CYS B 505 23.82 -6.49 4.47
C CYS B 505 24.77 -6.10 5.62
N ARG B 506 25.66 -5.11 5.41
CA ARG B 506 26.51 -4.70 6.55
C ARG B 506 25.67 -4.26 7.73
N THR B 507 24.66 -3.45 7.44
CA THR B 507 23.75 -2.90 8.42
C THR B 507 22.80 -3.96 8.96
N TYR B 508 22.29 -4.82 8.07
CA TYR B 508 21.35 -5.88 8.42
C TYR B 508 21.83 -7.22 7.90
N PRO B 509 22.68 -7.90 8.69
CA PRO B 509 23.34 -9.08 8.14
C PRO B 509 22.39 -10.29 7.98
N ASN B 510 21.14 -10.13 8.37
CA ASN B 510 20.18 -11.21 8.08
C ASN B 510 19.71 -11.19 6.63
N LEU B 511 20.06 -10.14 5.87
CA LEU B 511 19.80 -10.20 4.41
C LEU B 511 20.93 -11.03 3.79
N ILE B 512 20.71 -12.35 3.71
CA ILE B 512 21.77 -13.24 3.27
C ILE B 512 21.72 -13.52 1.78
N GLY B 513 20.71 -13.00 1.10
CA GLY B 513 20.74 -13.12 -0.34
C GLY B 513 19.70 -12.31 -1.06
N ASN B 514 19.94 -12.17 -2.35
CA ASN B 514 18.91 -11.79 -3.30
C ASN B 514 19.18 -12.59 -4.55
N GLU B 515 18.24 -12.59 -5.48
CA GLU B 515 18.56 -13.03 -6.85
C GLU B 515 18.95 -11.74 -7.59
N SER B 516 17.94 -11.03 -8.11
CA SER B 516 18.11 -9.63 -8.53
C SER B 516 19.11 -9.53 -9.66
N ALA B 517 19.06 -10.55 -10.52
CA ALA B 517 19.93 -10.71 -11.70
C ALA B 517 19.46 -11.99 -12.35
N ARG B 518 20.01 -12.31 -13.51
CA ARG B 518 19.57 -13.51 -14.23
C ARG B 518 20.28 -14.72 -13.60
N GLY B 519 19.52 -15.63 -13.00
CA GLY B 519 20.13 -16.77 -12.32
C GLY B 519 20.01 -18.09 -13.07
N THR B 520 20.34 -19.19 -12.37
CA THR B 520 20.33 -20.51 -13.02
C THR B 520 18.95 -20.89 -13.52
N GLU B 521 17.88 -20.33 -12.94
CA GLU B 521 16.55 -20.69 -13.46
C GLU B 521 16.50 -20.46 -14.97
N TYR B 522 17.14 -19.41 -15.49
CA TYR B 522 17.05 -19.14 -16.93
C TYR B 522 17.82 -20.15 -17.82
N GLU B 523 18.63 -20.99 -17.17
CA GLU B 523 19.26 -22.10 -17.89
C GLU B 523 18.20 -23.12 -18.29
N SER B 524 17.01 -23.00 -17.71
CA SER B 524 15.88 -23.87 -18.03
CA SER B 524 15.89 -23.87 -18.05
C SER B 524 14.97 -23.18 -19.04
N PHE B 525 15.20 -21.87 -19.26
CA PHE B 525 14.32 -21.05 -20.10
C PHE B 525 15.01 -20.64 -21.41
N GLY B 526 16.00 -21.42 -21.83
CA GLY B 526 16.69 -21.12 -23.09
C GLY B 526 18.18 -20.99 -22.91
N GLY B 527 18.61 -20.78 -21.66
CA GLY B 527 20.02 -20.70 -21.34
C GLY B 527 20.50 -19.31 -20.89
N ASN B 528 21.59 -19.26 -20.13
CA ASN B 528 22.32 -17.99 -19.92
C ASN B 528 23.54 -17.95 -20.85
N LYS B 529 24.03 -16.76 -21.20
CA LYS B 529 25.22 -16.71 -22.07
C LYS B 529 26.37 -17.45 -21.40
N VAL B 530 27.21 -18.08 -22.21
CA VAL B 530 28.32 -18.85 -21.66
C VAL B 530 29.20 -18.04 -20.72
N TYR B 531 29.41 -16.76 -21.03
CA TYR B 531 30.26 -15.94 -20.18
C TYR B 531 29.60 -15.32 -18.94
N HIS B 532 28.34 -15.65 -18.69
CA HIS B 532 27.54 -14.96 -17.64
C HIS B 532 28.24 -14.92 -16.29
N THR B 533 28.76 -16.05 -15.82
CA THR B 533 29.36 -16.09 -14.49
CA THR B 533 29.36 -16.09 -14.49
C THR B 533 30.76 -15.48 -14.46
N THR B 534 31.28 -15.10 -15.63
CA THR B 534 32.55 -14.36 -15.63
C THR B 534 32.30 -12.85 -15.59
N ILE B 535 31.03 -12.45 -15.57
CA ILE B 535 30.66 -11.02 -15.44
C ILE B 535 30.00 -10.72 -14.09
N LEU B 536 29.13 -11.61 -13.63
CA LEU B 536 28.38 -11.32 -12.40
C LEU B 536 29.24 -10.85 -11.20
N PRO B 537 30.43 -11.43 -10.98
CA PRO B 537 31.19 -10.97 -9.83
C PRO B 537 31.70 -9.54 -9.94
N PHE B 538 31.83 -9.05 -11.18
CA PHE B 538 32.23 -7.65 -11.43
C PHE B 538 31.05 -6.70 -11.41
N THR B 539 29.82 -7.22 -11.44
CA THR B 539 28.66 -6.33 -11.55
C THR B 539 27.69 -6.60 -10.40
N ARG B 540 26.82 -7.55 -10.64
CA ARG B 540 25.81 -7.95 -9.64
C ARG B 540 26.37 -8.16 -8.22
N LEU B 541 27.48 -8.88 -8.09
CA LEU B 541 27.91 -9.23 -6.74
C LEU B 541 28.45 -8.01 -5.95
N VAL B 542 28.73 -6.90 -6.65
CA VAL B 542 29.15 -5.72 -5.95
C VAL B 542 27.94 -5.13 -5.18
N GLY B 543 27.98 -5.23 -3.85
CA GLY B 543 26.88 -4.77 -2.98
C GLY B 543 26.23 -5.94 -2.21
N GLY B 544 26.53 -7.17 -2.61
CA GLY B 544 25.97 -8.29 -1.84
C GLY B 544 25.86 -9.58 -2.64
N PRO B 545 25.71 -10.69 -1.93
CA PRO B 545 25.76 -11.99 -2.57
C PRO B 545 24.52 -12.29 -3.40
N MET B 546 24.66 -13.26 -4.30
CA MET B 546 23.51 -13.71 -5.10
C MET B 546 23.22 -15.19 -4.80
N ASP B 547 21.93 -15.50 -4.74
CA ASP B 547 21.42 -16.88 -4.68
C ASP B 547 21.29 -17.32 -6.14
N TYR B 548 22.41 -17.77 -6.71
CA TYR B 548 22.52 -18.08 -8.15
C TYR B 548 21.99 -19.49 -8.45
N THR B 549 21.90 -20.29 -7.37
CA THR B 549 21.48 -21.73 -7.43
C THR B 549 22.28 -22.60 -8.42
N PRO B 550 23.60 -22.67 -8.21
CA PRO B 550 24.45 -23.47 -9.08
C PRO B 550 24.28 -24.98 -8.83
N GLY B 551 25.07 -25.78 -9.54
CA GLY B 551 25.14 -27.22 -9.26
C GLY B 551 24.26 -28.10 -10.12
N ILE B 552 23.97 -27.69 -11.35
CA ILE B 552 23.20 -28.58 -12.24
C ILE B 552 24.18 -29.55 -12.92
N PHE B 553 23.96 -30.85 -12.71
CA PHE B 553 24.84 -31.89 -13.27
C PHE B 553 24.23 -32.48 -14.54
N GLU B 554 22.91 -32.65 -14.56
CA GLU B 554 22.24 -33.04 -15.80
CA GLU B 554 22.25 -33.03 -15.81
C GLU B 554 21.84 -31.77 -16.54
N THR B 555 22.67 -31.33 -17.46
CA THR B 555 22.51 -30.01 -18.07
C THR B 555 21.52 -30.01 -19.20
N HIS B 556 21.00 -31.18 -19.57
CA HIS B 556 19.92 -31.22 -20.57
C HIS B 556 18.57 -31.24 -19.88
N CYS B 557 17.83 -30.13 -19.95
CA CYS B 557 16.54 -30.05 -19.25
C CYS B 557 15.51 -31.05 -19.76
N ASN B 558 15.72 -31.59 -20.96
CA ASN B 558 14.75 -32.54 -21.48
C ASN B 558 14.74 -33.87 -20.75
N LYS B 559 15.76 -34.16 -19.97
CA LYS B 559 15.72 -35.33 -19.09
C LYS B 559 14.79 -35.13 -17.89
N MET B 560 14.54 -33.87 -17.53
CA MET B 560 13.54 -33.55 -16.49
C MET B 560 12.13 -33.51 -17.06
N ASN B 561 11.98 -32.84 -18.20
CA ASN B 561 10.71 -32.57 -18.85
C ASN B 561 10.95 -32.71 -20.33
N PRO B 562 10.42 -33.76 -20.95
CA PRO B 562 10.77 -33.97 -22.36
C PRO B 562 10.36 -32.82 -23.27
N ALA B 563 9.44 -31.95 -22.82
CA ALA B 563 9.03 -30.80 -23.66
C ALA B 563 9.97 -29.60 -23.55
N ASN B 564 10.94 -29.68 -22.64
CA ASN B 564 11.82 -28.54 -22.42
C ASN B 564 13.17 -28.85 -23.07
N ASN B 565 13.53 -28.15 -24.13
CA ASN B 565 14.80 -28.49 -24.78
CA ASN B 565 14.76 -28.45 -24.84
C ASN B 565 15.89 -27.50 -24.47
N SER B 566 15.74 -26.83 -23.34
CA SER B 566 16.78 -25.92 -22.88
C SER B 566 18.00 -26.71 -22.41
N GLN B 567 19.18 -26.12 -22.59
CA GLN B 567 20.43 -26.75 -22.15
C GLN B 567 21.26 -25.75 -21.33
N VAL B 568 21.67 -26.16 -20.13
CA VAL B 568 22.48 -25.28 -19.29
C VAL B 568 23.82 -25.01 -19.95
N ARG B 569 24.23 -23.75 -20.08
CA ARG B 569 25.49 -23.44 -20.75
CA ARG B 569 25.49 -23.39 -20.74
C ARG B 569 26.68 -23.57 -19.81
N SER B 570 26.97 -24.80 -19.43
CA SER B 570 28.06 -25.11 -18.50
C SER B 570 28.56 -26.53 -18.68
N THR B 571 29.80 -26.78 -18.28
CA THR B 571 30.26 -28.14 -17.95
C THR B 571 29.99 -28.44 -16.49
N ILE B 572 30.06 -29.72 -16.11
CA ILE B 572 29.93 -30.07 -14.70
C ILE B 572 31.03 -29.45 -13.85
N ALA B 573 32.29 -29.44 -14.33
CA ALA B 573 33.35 -28.88 -13.48
C ALA B 573 33.14 -27.38 -13.27
N ARG B 574 32.56 -26.68 -14.25
CA ARG B 574 32.27 -25.25 -14.03
C ARG B 574 31.19 -25.06 -12.97
N GLN B 575 30.20 -25.94 -12.94
CA GLN B 575 29.18 -25.86 -11.88
C GLN B 575 29.82 -25.95 -10.51
N LEU B 576 30.79 -26.84 -10.39
CA LEU B 576 31.50 -26.96 -9.14
C LEU B 576 32.24 -25.70 -8.77
N ALA B 577 32.88 -25.09 -9.77
CA ALA B 577 33.68 -23.87 -9.57
C ALA B 577 32.82 -22.77 -8.99
N LEU B 578 31.56 -22.72 -9.40
CA LEU B 578 30.68 -21.59 -8.96
C LEU B 578 30.55 -21.49 -7.45
N TYR B 579 30.69 -22.61 -6.73
CA TYR B 579 30.69 -22.55 -5.25
C TYR B 579 31.82 -21.69 -4.67
N VAL B 580 32.85 -21.45 -5.48
CA VAL B 580 33.93 -20.52 -5.09
C VAL B 580 33.85 -19.21 -5.88
N THR B 581 33.49 -19.27 -7.16
CA THR B 581 33.53 -18.03 -7.98
C THR B 581 32.23 -17.18 -7.94
N MET B 582 31.13 -17.74 -7.43
CA MET B 582 29.91 -16.95 -7.16
C MET B 582 29.73 -16.90 -5.65
N TYR B 583 30.42 -15.95 -5.03
CA TYR B 583 30.41 -15.82 -3.56
C TYR B 583 29.00 -15.67 -2.98
N SER B 584 28.68 -16.46 -1.93
CA SER B 584 27.43 -16.29 -1.19
C SER B 584 27.46 -17.11 0.09
N PRO B 585 26.91 -16.58 1.19
CA PRO B 585 26.79 -17.37 2.41
C PRO B 585 25.61 -18.32 2.29
N LEU B 586 24.91 -18.24 1.16
CA LEU B 586 23.70 -19.04 0.89
C LEU B 586 23.94 -19.75 -0.45
N GLN B 587 24.12 -21.07 -0.40
CA GLN B 587 24.52 -21.83 -1.58
C GLN B 587 23.59 -23.01 -1.77
N MET B 588 22.87 -23.02 -2.89
CA MET B 588 22.06 -24.18 -3.24
C MET B 588 22.86 -25.18 -4.09
N ALA B 589 22.55 -26.46 -3.92
CA ALA B 589 22.85 -27.48 -4.89
C ALA B 589 21.48 -27.77 -5.53
N ALA B 590 21.29 -27.24 -6.73
CA ALA B 590 19.97 -27.07 -7.34
C ALA B 590 19.43 -28.27 -8.08
N ASP B 591 20.28 -29.23 -8.42
CA ASP B 591 19.76 -30.39 -9.18
C ASP B 591 18.94 -31.30 -8.25
N ILE B 592 18.26 -32.29 -8.83
CA ILE B 592 17.54 -33.26 -8.01
C ILE B 592 18.47 -34.36 -7.48
N PRO B 593 18.16 -34.92 -6.30
CA PRO B 593 19.04 -35.90 -5.66
C PRO B 593 19.45 -37.05 -6.59
N GLU B 594 18.52 -37.56 -7.40
CA GLU B 594 18.89 -38.68 -8.30
C GLU B 594 19.96 -38.33 -9.33
N ASN B 595 20.02 -37.06 -9.71
CA ASN B 595 21.04 -36.66 -10.64
C ASN B 595 22.40 -36.55 -9.96
N TYR B 596 22.42 -36.12 -8.71
CA TYR B 596 23.66 -36.08 -7.99
C TYR B 596 24.14 -37.51 -7.74
N GLU B 597 23.18 -38.41 -7.54
CA GLU B 597 23.53 -39.80 -7.27
C GLU B 597 24.19 -40.48 -8.47
N ARG B 598 24.02 -39.89 -9.65
CA ARG B 598 24.63 -40.41 -10.87
C ARG B 598 26.09 -39.93 -10.99
N PHE B 599 26.46 -38.88 -10.25
CA PHE B 599 27.80 -38.35 -10.31
C PHE B 599 28.31 -38.03 -8.93
N MET B 600 28.27 -39.00 -8.02
CA MET B 600 28.57 -38.72 -6.63
CA MET B 600 28.58 -38.78 -6.63
C MET B 600 30.03 -38.39 -6.39
N ASP B 601 30.92 -38.82 -7.29
CA ASP B 601 32.31 -38.45 -7.11
C ASP B 601 32.51 -36.93 -7.29
N ALA B 602 31.87 -36.36 -8.30
CA ALA B 602 31.93 -34.89 -8.49
C ALA B 602 31.17 -34.18 -7.37
N PHE B 603 30.08 -34.80 -6.92
CA PHE B 603 29.24 -34.20 -5.89
C PHE B 603 30.05 -33.93 -4.64
N GLN B 604 31.14 -34.68 -4.46
CA GLN B 604 31.91 -34.54 -3.25
C GLN B 604 32.40 -33.11 -3.08
N PHE B 605 32.67 -32.41 -4.18
CA PHE B 605 33.17 -31.04 -4.04
C PHE B 605 32.11 -30.12 -3.41
N ILE B 606 30.86 -30.31 -3.82
CA ILE B 606 29.74 -29.52 -3.28
C ILE B 606 29.57 -29.85 -1.82
N LYS B 607 29.73 -31.13 -1.47
CA LYS B 607 29.63 -31.49 -0.05
C LYS B 607 30.74 -30.84 0.81
N ASP B 608 31.98 -30.80 0.27
CA ASP B 608 33.14 -30.33 1.06
C ASP B 608 33.22 -28.83 1.15
N VAL B 609 32.80 -28.14 0.09
CA VAL B 609 33.11 -26.70 0.01
C VAL B 609 32.50 -25.89 1.18
N ALA B 610 33.28 -24.92 1.68
CA ALA B 610 32.82 -24.06 2.77
C ALA B 610 31.89 -22.96 2.20
N LEU B 611 31.25 -22.22 3.09
CA LEU B 611 30.33 -21.11 2.72
C LEU B 611 30.84 -19.75 3.21
N ASP B 612 31.90 -19.74 3.99
CA ASP B 612 32.31 -18.53 4.73
C ASP B 612 33.81 -18.59 4.88
N TRP B 613 34.46 -17.43 4.83
CA TRP B 613 35.87 -17.38 4.50
C TRP B 613 36.66 -16.44 5.38
N ASP B 614 37.88 -16.83 5.75
CA ASP B 614 38.77 -15.93 6.48
C ASP B 614 39.63 -15.09 5.52
N GLU B 615 39.88 -15.59 4.33
CA GLU B 615 40.67 -14.88 3.32
C GLU B 615 40.19 -15.23 1.95
N THR B 616 40.38 -14.29 1.02
CA THR B 616 40.15 -14.56 -0.38
C THR B 616 41.29 -13.98 -1.23
N ASN B 617 41.78 -14.79 -2.16
CA ASN B 617 42.81 -14.37 -3.10
CA ASN B 617 42.78 -14.34 -3.12
C ASN B 617 42.24 -14.44 -4.52
N TYR B 618 42.18 -13.28 -5.21
CA TYR B 618 41.73 -13.31 -6.58
C TYR B 618 42.94 -13.60 -7.47
N LEU B 619 43.02 -14.84 -7.95
CA LEU B 619 44.21 -15.32 -8.66
C LEU B 619 44.24 -14.81 -10.09
N GLU B 620 43.11 -14.89 -10.76
CA GLU B 620 43.02 -14.42 -12.16
C GLU B 620 41.64 -13.80 -12.34
N ALA B 621 41.55 -12.73 -13.11
CA ALA B 621 40.24 -12.15 -13.41
C ALA B 621 40.27 -11.24 -14.62
N GLU B 622 39.36 -11.50 -15.56
CA GLU B 622 39.14 -10.68 -16.75
C GLU B 622 37.65 -10.77 -17.05
N PRO B 623 36.94 -9.65 -16.95
CA PRO B 623 35.49 -9.73 -17.13
C PRO B 623 35.12 -10.22 -18.52
N GLY B 624 34.17 -11.16 -18.53
CA GLY B 624 33.68 -11.73 -19.77
C GLY B 624 34.51 -12.91 -20.27
N GLU B 625 35.62 -13.21 -19.60
CA GLU B 625 36.53 -14.26 -20.07
CA GLU B 625 36.58 -14.22 -20.07
C GLU B 625 36.89 -15.30 -19.03
N TYR B 626 37.33 -14.89 -17.85
CA TYR B 626 37.68 -15.90 -16.83
C TYR B 626 37.80 -15.29 -15.44
N ILE B 627 37.51 -16.10 -14.41
CA ILE B 627 37.71 -15.66 -13.03
C ILE B 627 38.21 -16.86 -12.23
N THR B 628 39.32 -16.69 -11.52
CA THR B 628 39.88 -17.77 -10.71
C THR B 628 40.12 -17.25 -9.31
N ILE B 629 39.56 -17.94 -8.31
CA ILE B 629 39.58 -17.41 -6.95
C ILE B 629 39.92 -18.54 -5.98
N ALA B 630 40.76 -18.23 -4.99
CA ALA B 630 41.10 -19.16 -3.94
C ALA B 630 40.64 -18.56 -2.64
N ARG B 631 39.99 -19.36 -1.80
CA ARG B 631 39.49 -18.84 -0.54
C ARG B 631 39.83 -19.78 0.60
N LYS B 632 40.10 -19.19 1.76
CA LYS B 632 40.47 -19.97 2.96
C LYS B 632 39.26 -20.11 3.87
N ALA B 633 38.80 -21.35 4.10
CA ALA B 633 37.56 -21.56 4.81
C ALA B 633 37.66 -21.08 6.25
N LYS B 634 36.62 -20.40 6.72
CA LYS B 634 36.66 -19.77 8.04
C LYS B 634 37.05 -20.73 9.19
N ASP B 635 38.01 -20.29 9.99
CA ASP B 635 38.49 -21.05 11.16
C ASP B 635 39.12 -22.39 10.78
N THR B 636 39.62 -22.47 9.55
CA THR B 636 40.36 -23.65 9.15
C THR B 636 41.65 -23.27 8.46
N ASP B 637 42.42 -24.30 8.14
CA ASP B 637 43.62 -24.16 7.37
C ASP B 637 43.39 -24.69 5.96
N ASP B 638 42.12 -24.81 5.57
CA ASP B 638 41.78 -25.40 4.27
C ASP B 638 41.45 -24.34 3.22
N TRP B 639 41.81 -24.59 1.98
CA TRP B 639 41.51 -23.68 0.89
C TRP B 639 40.66 -24.34 -0.19
N TYR B 640 39.85 -23.53 -0.87
CA TYR B 640 39.03 -23.99 -1.99
C TYR B 640 39.28 -23.06 -3.16
N VAL B 641 39.43 -23.63 -4.35
CA VAL B 641 39.69 -22.84 -5.57
C VAL B 641 38.63 -23.13 -6.62
N GLY B 642 38.22 -22.12 -7.37
CA GLY B 642 37.34 -22.37 -8.52
C GLY B 642 37.77 -21.47 -9.66
N CYS B 643 37.56 -21.94 -10.88
CA CYS B 643 37.78 -21.14 -12.08
C CYS B 643 36.56 -21.29 -12.93
N THR B 644 36.03 -20.18 -13.47
CA THR B 644 34.96 -20.25 -14.45
C THR B 644 35.40 -19.50 -15.71
N ALA B 645 35.05 -20.01 -16.89
CA ALA B 645 35.53 -19.42 -18.14
C ALA B 645 34.44 -19.24 -19.16
N GLY B 646 34.71 -18.34 -20.09
CA GLY B 646 33.79 -18.06 -21.18
C GLY B 646 33.95 -18.94 -22.41
N GLU B 647 33.57 -18.38 -23.56
CA GLU B 647 33.39 -19.15 -24.78
C GLU B 647 34.69 -19.74 -25.27
N ASN B 648 35.80 -19.09 -24.94
CA ASN B 648 37.12 -19.51 -25.41
C ASN B 648 37.89 -20.37 -24.42
N GLY B 649 37.29 -20.69 -23.29
CA GLY B 649 37.99 -21.50 -22.30
C GLY B 649 39.08 -20.67 -21.67
N HIS B 650 39.96 -21.30 -20.90
CA HIS B 650 41.06 -20.58 -20.25
C HIS B 650 42.11 -21.54 -19.74
N THR B 651 43.38 -21.19 -19.98
CA THR B 651 44.49 -21.95 -19.44
C THR B 651 45.04 -21.23 -18.24
N SER B 652 45.11 -21.91 -17.10
CA SER B 652 45.67 -21.37 -15.88
C SER B 652 47.02 -22.00 -15.57
N LYS B 653 47.96 -21.18 -15.11
CA LYS B 653 49.21 -21.65 -14.58
C LYS B 653 49.16 -21.29 -13.10
N LEU B 654 48.62 -22.19 -12.27
CA LEU B 654 48.37 -21.84 -10.89
C LEU B 654 49.64 -22.00 -10.07
N VAL B 655 49.86 -21.06 -9.16
CA VAL B 655 50.99 -21.08 -8.24
C VAL B 655 50.48 -21.06 -6.79
N PHE B 656 50.74 -22.12 -6.06
CA PHE B 656 50.16 -22.25 -4.72
C PHE B 656 51.00 -21.67 -3.59
N ASP B 657 51.55 -20.47 -3.83
CA ASP B 657 52.36 -19.86 -2.80
C ASP B 657 51.56 -19.17 -1.68
N PHE B 658 50.23 -19.17 -1.80
CA PHE B 658 49.38 -18.71 -0.70
C PHE B 658 49.16 -19.75 0.39
N LEU B 659 49.57 -20.99 0.15
CA LEU B 659 49.49 -22.02 1.20
C LEU B 659 50.58 -21.76 2.27
N THR B 660 50.41 -22.38 3.43
CA THR B 660 51.34 -22.14 4.54
C THR B 660 52.67 -22.88 4.38
N PRO B 661 53.79 -22.16 4.56
CA PRO B 661 55.11 -22.80 4.45
C PRO B 661 55.22 -23.99 5.40
N GLY B 662 55.75 -25.10 4.89
CA GLY B 662 56.02 -26.26 5.72
C GLY B 662 54.85 -27.19 5.93
N LYS B 663 53.66 -26.82 5.44
CA LYS B 663 52.49 -27.66 5.59
CA LYS B 663 52.49 -27.67 5.60
C LYS B 663 52.25 -28.52 4.35
N GLN B 664 51.62 -29.69 4.56
CA GLN B 664 51.23 -30.54 3.44
CA GLN B 664 51.24 -30.55 3.46
C GLN B 664 49.72 -30.55 3.35
N TYR B 665 49.21 -30.62 2.12
CA TYR B 665 47.78 -30.57 1.91
C TYR B 665 47.33 -31.71 1.02
N ILE B 666 46.13 -32.22 1.30
CA ILE B 666 45.51 -33.16 0.38
CA ILE B 666 45.45 -33.17 0.42
C ILE B 666 44.61 -32.38 -0.56
N ALA B 667 44.98 -32.41 -1.84
CA ALA B 667 44.27 -31.63 -2.86
C ALA B 667 43.48 -32.56 -3.76
N THR B 668 42.24 -32.19 -4.07
CA THR B 668 41.49 -32.94 -5.01
C THR B 668 41.08 -31.99 -6.11
N VAL B 669 41.46 -32.31 -7.35
CA VAL B 669 41.24 -31.43 -8.50
C VAL B 669 40.09 -31.99 -9.33
N TYR B 670 39.01 -31.21 -9.43
CA TYR B 670 37.85 -31.56 -10.27
C TYR B 670 37.91 -30.71 -11.55
N ALA B 671 38.22 -31.33 -12.68
CA ALA B 671 38.52 -30.56 -13.89
C ALA B 671 37.76 -31.08 -15.09
N ASP B 672 37.66 -30.23 -16.11
CA ASP B 672 37.13 -30.62 -17.40
C ASP B 672 38.09 -31.68 -17.97
N ALA B 673 37.51 -32.75 -18.49
CA ALA B 673 38.28 -33.74 -19.24
C ALA B 673 38.75 -33.07 -20.53
N LYS B 674 39.78 -33.62 -21.19
CA LYS B 674 40.13 -33.12 -22.52
C LYS B 674 38.91 -33.18 -23.45
N ASP B 675 38.71 -32.12 -24.24
CA ASP B 675 37.53 -32.01 -25.13
C ASP B 675 36.13 -31.98 -24.43
N ALA B 676 36.11 -31.76 -23.11
CA ALA B 676 34.83 -31.32 -22.52
C ALA B 676 34.40 -30.06 -23.26
N ASP B 677 33.10 -29.78 -23.24
CA ASP B 677 32.56 -28.59 -23.96
C ASP B 677 31.16 -28.39 -23.38
N TRP B 678 30.76 -27.14 -23.14
CA TRP B 678 29.44 -26.97 -22.50
C TRP B 678 28.33 -27.54 -23.36
N LYS B 679 28.46 -27.38 -24.67
CA LYS B 679 27.41 -27.84 -25.59
C LYS B 679 27.50 -29.32 -25.95
N GLU B 680 28.68 -29.71 -26.44
CA GLU B 680 28.80 -31.04 -27.04
C GLU B 680 29.20 -32.12 -26.02
N ASN B 681 29.84 -31.73 -24.92
CA ASN B 681 30.33 -32.71 -23.97
C ASN B 681 30.46 -32.11 -22.58
N PRO B 682 29.32 -31.86 -21.92
CA PRO B 682 29.34 -31.13 -20.64
C PRO B 682 29.63 -31.98 -19.43
N GLN B 683 29.42 -33.30 -19.53
CA GLN B 683 29.55 -34.14 -18.36
C GLN B 683 30.92 -34.85 -18.24
N ALA B 684 31.87 -34.46 -19.08
CA ALA B 684 33.19 -35.07 -19.08
C ALA B 684 34.09 -34.33 -18.12
N TYR B 685 34.48 -34.98 -17.04
CA TYR B 685 35.35 -34.39 -16.01
C TYR B 685 36.32 -35.45 -15.49
N THR B 686 37.39 -35.00 -14.87
CA THR B 686 38.34 -35.88 -14.22
C THR B 686 38.47 -35.45 -12.76
N ILE B 687 38.86 -36.40 -11.92
CA ILE B 687 39.14 -36.10 -10.54
C ILE B 687 40.50 -36.71 -10.17
N LYS B 688 41.41 -35.88 -9.68
CA LYS B 688 42.76 -36.30 -9.38
C LYS B 688 43.06 -35.88 -7.96
N LYS B 689 43.60 -36.78 -7.16
CA LYS B 689 43.88 -36.48 -5.79
C LYS B 689 45.39 -36.63 -5.53
N GLY B 690 45.98 -35.69 -4.80
CA GLY B 690 47.42 -35.75 -4.54
C GLY B 690 47.80 -34.79 -3.45
N ILE B 691 49.10 -34.51 -3.33
CA ILE B 691 49.59 -33.62 -2.27
C ILE B 691 50.02 -32.29 -2.89
N LEU B 692 49.67 -31.18 -2.22
CA LEU B 692 50.15 -29.86 -2.63
C LEU B 692 50.89 -29.24 -1.47
N THR B 693 51.84 -28.35 -1.80
CA THR B 693 52.46 -27.51 -0.79
C THR B 693 52.55 -26.11 -1.38
N ASN B 694 53.08 -25.16 -0.63
CA ASN B 694 53.26 -23.79 -1.20
C ASN B 694 54.35 -23.74 -2.31
N LYS B 695 54.97 -24.88 -2.62
CA LYS B 695 55.90 -24.96 -3.74
C LYS B 695 55.28 -25.56 -4.97
N SER B 696 54.01 -25.98 -4.87
CA SER B 696 53.34 -26.61 -6.01
CA SER B 696 53.35 -26.61 -6.01
C SER B 696 52.89 -25.62 -7.07
N LYS B 697 52.80 -26.12 -8.30
CA LYS B 697 52.25 -25.38 -9.42
CA LYS B 697 52.22 -25.38 -9.40
C LYS B 697 51.42 -26.37 -10.21
N LEU B 698 50.34 -25.91 -10.82
CA LEU B 698 49.53 -26.79 -11.62
C LEU B 698 49.09 -26.05 -12.85
N ASN B 699 49.16 -26.73 -14.00
CA ASN B 699 48.59 -26.18 -15.19
C ASN B 699 47.22 -26.84 -15.47
N LEU B 700 46.18 -26.01 -15.62
CA LEU B 700 44.80 -26.52 -15.80
C LEU B 700 44.12 -25.81 -16.93
N HIS B 701 43.30 -26.52 -17.68
CA HIS B 701 42.60 -25.86 -18.77
C HIS B 701 41.09 -25.98 -18.56
N ALA B 702 40.44 -24.82 -18.50
CA ALA B 702 38.99 -24.71 -18.53
C ALA B 702 38.52 -24.76 -19.99
N ALA B 703 37.55 -25.64 -20.22
CA ALA B 703 36.92 -25.77 -21.51
C ALA B 703 36.04 -24.57 -21.87
N ASN B 704 35.50 -24.62 -23.09
CA ASN B 704 34.48 -23.64 -23.49
CA ASN B 704 34.47 -23.68 -23.52
C ASN B 704 33.27 -23.78 -22.57
N GLY B 705 33.00 -22.73 -21.79
CA GLY B 705 31.91 -22.81 -20.80
C GLY B 705 32.26 -23.78 -19.69
N GLY B 706 33.55 -23.98 -19.47
CA GLY B 706 34.01 -24.91 -18.43
C GLY B 706 34.75 -24.22 -17.30
N GLY B 707 35.47 -24.99 -16.51
CA GLY B 707 36.09 -24.48 -15.31
C GLY B 707 36.71 -25.61 -14.52
N TYR B 708 37.08 -25.37 -13.27
CA TYR B 708 37.60 -26.42 -12.40
C TYR B 708 37.42 -25.99 -10.96
N ALA B 709 37.54 -26.96 -10.04
CA ALA B 709 37.38 -26.71 -8.61
C ALA B 709 38.45 -27.53 -7.95
N ILE B 710 39.02 -26.99 -6.89
CA ILE B 710 40.03 -27.73 -6.13
C ILE B 710 39.74 -27.59 -4.64
N SER B 711 39.68 -28.72 -3.91
CA SER B 711 39.70 -28.66 -2.46
C SER B 711 41.12 -28.92 -1.98
N ILE B 712 41.57 -28.13 -1.01
CA ILE B 712 42.94 -28.21 -0.53
C ILE B 712 42.91 -28.26 0.99
N LYS B 713 42.94 -29.47 1.55
CA LYS B 713 42.77 -29.66 2.99
C LYS B 713 44.08 -29.97 3.68
N GLU B 714 44.37 -29.25 4.76
CA GLU B 714 45.63 -29.41 5.47
C GLU B 714 45.68 -30.83 6.03
N VAL B 715 46.80 -31.51 5.85
CA VAL B 715 46.91 -32.87 6.37
C VAL B 715 46.73 -32.87 7.89
#